data_4BF8
#
_entry.id   4BF8
#
_cell.length_a   1.000
_cell.length_b   1.000
_cell.length_c   1.000
_cell.angle_alpha   90.00
_cell.angle_beta   90.00
_cell.angle_gamma   90.00
#
_symmetry.space_group_name_H-M   'P 1'
#
_entity_poly.entity_id   1
_entity_poly.type   'polypeptide(L)'
_entity_poly.pdbx_seq_one_letter_code
;GAMAKPKTKLLEGGIIIEDRVTGKGPHAKKGTRVGMRYVGKLKNGKVFDKNTKGKPFVFKLGQGEVIKGWDIGVAGMAVG
GERRIVIPAPYAYGKQALPGIPANSELTFDVKLVSMK
;
_entity_poly.pdbx_strand_id   A
#
# COMPACT_ATOMS: atom_id res chain seq x y z
N GLY A 1 -8.62 16.05 -17.25
CA GLY A 1 -8.95 16.88 -16.08
C GLY A 1 -9.87 16.17 -15.11
N ALA A 2 -9.27 15.51 -14.12
CA ALA A 2 -10.05 14.79 -13.11
C ALA A 2 -9.50 15.07 -11.73
N MET A 3 -10.37 15.46 -10.81
CA MET A 3 -9.94 15.80 -9.46
C MET A 3 -9.96 14.57 -8.56
N ALA A 4 -8.82 13.93 -8.42
CA ALA A 4 -8.67 12.81 -7.49
C ALA A 4 -8.02 13.27 -6.20
N LYS A 5 -7.80 14.58 -6.12
CA LYS A 5 -7.17 15.23 -4.97
C LYS A 5 -5.80 14.63 -4.68
N PRO A 6 -4.77 15.11 -5.38
CA PRO A 6 -3.39 14.62 -5.23
C PRO A 6 -2.74 15.11 -3.94
N LYS A 7 -3.32 14.71 -2.83
CA LYS A 7 -2.83 15.07 -1.50
C LYS A 7 -2.94 13.87 -0.59
N THR A 8 -2.80 14.14 0.69
CA THR A 8 -2.91 13.10 1.68
C THR A 8 -4.35 12.95 2.17
N LYS A 9 -4.82 11.71 2.19
CA LYS A 9 -6.21 11.43 2.52
C LYS A 9 -6.30 10.31 3.55
N LEU A 10 -7.42 10.24 4.25
CA LEU A 10 -7.56 9.35 5.41
C LEU A 10 -8.54 8.21 5.13
N LEU A 11 -8.07 6.99 5.37
CA LEU A 11 -8.92 5.81 5.29
C LEU A 11 -9.18 5.26 6.69
N GLU A 12 -9.61 4.00 6.75
CA GLU A 12 -9.90 3.32 8.00
C GLU A 12 -8.74 3.41 8.99
N GLY A 13 -9.09 3.60 10.26
CA GLY A 13 -8.09 3.75 11.29
C GLY A 13 -7.37 5.07 11.18
N GLY A 14 -6.15 5.02 10.66
CA GLY A 14 -5.40 6.23 10.42
C GLY A 14 -4.55 6.08 9.17
N ILE A 15 -5.00 5.25 8.25
CA ILE A 15 -4.27 4.97 7.03
C ILE A 15 -4.29 6.18 6.10
N ILE A 16 -3.11 6.68 5.77
CA ILE A 16 -2.99 7.81 4.87
C ILE A 16 -2.54 7.35 3.49
N ILE A 17 -3.13 7.92 2.46
CA ILE A 17 -2.76 7.58 1.10
C ILE A 17 -2.36 8.85 0.35
N GLU A 18 -1.19 8.80 -0.26
CA GLU A 18 -0.67 9.91 -1.03
C GLU A 18 -0.58 9.51 -2.50
N ASP A 19 -1.42 10.08 -3.34
CA ASP A 19 -1.50 9.66 -4.73
C ASP A 19 -0.41 10.35 -5.55
N ARG A 20 0.62 9.59 -5.85
CA ARG A 20 1.82 10.10 -6.51
C ARG A 20 1.57 10.31 -7.99
N VAL A 21 1.01 9.29 -8.63
CA VAL A 21 0.80 9.32 -10.07
C VAL A 21 -0.69 9.20 -10.37
N THR A 22 -1.18 10.10 -11.21
CA THR A 22 -2.58 10.11 -11.60
C THR A 22 -2.94 8.83 -12.33
N GLY A 23 -3.69 7.96 -11.66
CA GLY A 23 -4.05 6.69 -12.25
C GLY A 23 -5.55 6.54 -12.40
N LYS A 24 -5.99 6.44 -13.64
CA LYS A 24 -7.39 6.20 -13.92
C LYS A 24 -7.52 4.92 -14.74
N GLY A 25 -8.12 3.91 -14.14
CA GLY A 25 -8.28 2.65 -14.79
C GLY A 25 -9.18 1.74 -13.99
N PRO A 26 -9.03 0.43 -14.14
CA PRO A 26 -9.80 -0.55 -13.39
C PRO A 26 -9.58 -0.42 -11.88
N HIS A 27 -10.66 -0.41 -11.13
CA HIS A 27 -10.59 -0.29 -9.68
C HIS A 27 -10.47 -1.65 -9.03
N ALA A 28 -9.62 -1.74 -8.01
CA ALA A 28 -9.38 -2.98 -7.29
C ALA A 28 -10.40 -3.18 -6.19
N LYS A 29 -11.19 -4.23 -6.30
CA LYS A 29 -12.11 -4.61 -5.23
C LYS A 29 -11.71 -5.98 -4.71
N LYS A 30 -12.46 -6.51 -3.74
CA LYS A 30 -12.19 -7.84 -3.23
C LYS A 30 -12.51 -8.88 -4.31
N GLY A 31 -11.69 -9.93 -4.36
CA GLY A 31 -11.83 -10.93 -5.39
C GLY A 31 -11.11 -10.56 -6.67
N THR A 32 -10.61 -9.34 -6.73
CA THR A 32 -9.90 -8.85 -7.90
C THR A 32 -8.41 -9.16 -7.80
N ARG A 33 -7.86 -9.64 -8.90
CA ARG A 33 -6.45 -10.04 -8.95
C ARG A 33 -5.62 -8.88 -9.47
N VAL A 34 -4.95 -8.20 -8.57
CA VAL A 34 -4.15 -7.06 -8.94
C VAL A 34 -2.66 -7.38 -8.97
N GLY A 35 -1.98 -6.81 -9.94
CA GLY A 35 -0.55 -6.99 -10.07
C GLY A 35 0.15 -5.67 -9.89
N MET A 36 1.04 -5.60 -8.91
CA MET A 36 1.67 -4.34 -8.57
C MET A 36 3.17 -4.49 -8.35
N ARG A 37 3.79 -3.35 -8.09
CA ARG A 37 5.20 -3.29 -7.72
C ARG A 37 5.31 -2.31 -6.57
N TYR A 38 6.19 -2.57 -5.62
CA TYR A 38 6.19 -1.79 -4.40
C TYR A 38 7.52 -1.81 -3.66
N VAL A 39 7.73 -0.79 -2.84
CA VAL A 39 8.88 -0.70 -1.97
C VAL A 39 8.40 -0.52 -0.53
N GLY A 40 8.77 -1.45 0.33
CA GLY A 40 8.33 -1.42 1.71
C GLY A 40 9.35 -0.80 2.64
N LYS A 41 9.02 0.39 3.14
CA LYS A 41 9.92 1.11 4.02
C LYS A 41 9.30 1.28 5.40
N LEU A 42 10.15 1.44 6.40
CA LEU A 42 9.72 1.79 7.74
C LEU A 42 9.62 3.31 7.88
N LYS A 43 9.04 3.75 8.98
CA LYS A 43 8.88 5.18 9.26
C LYS A 43 10.23 5.90 9.27
N ASN A 44 11.30 5.16 9.58
CA ASN A 44 12.63 5.75 9.65
C ASN A 44 13.32 5.75 8.29
N GLY A 45 12.65 5.18 7.29
CA GLY A 45 13.23 5.12 5.95
C GLY A 45 13.94 3.81 5.68
N LYS A 46 13.89 2.89 6.64
CA LYS A 46 14.52 1.59 6.47
C LYS A 46 13.70 0.73 5.53
N VAL A 47 14.28 0.42 4.38
CA VAL A 47 13.61 -0.43 3.41
C VAL A 47 13.87 -1.90 3.70
N PHE A 48 12.79 -2.64 3.95
CA PHE A 48 12.90 -4.04 4.29
C PHE A 48 12.39 -4.94 3.17
N ASP A 49 11.46 -4.41 2.37
CA ASP A 49 10.91 -5.15 1.24
C ASP A 49 10.95 -4.28 0.01
N LYS A 50 10.95 -4.89 -1.17
CA LYS A 50 11.08 -4.14 -2.41
C LYS A 50 10.92 -5.06 -3.62
N ASN A 51 10.15 -4.59 -4.59
CA ASN A 51 10.11 -5.20 -5.91
C ASN A 51 9.79 -4.13 -6.94
N THR A 52 10.72 -3.93 -7.86
CA THR A 52 10.60 -2.87 -8.86
C THR A 52 11.09 -3.34 -10.21
N LYS A 53 12.27 -3.97 -10.22
CA LYS A 53 12.92 -4.35 -11.46
C LYS A 53 12.32 -5.62 -12.04
N GLY A 54 11.33 -5.44 -12.92
CA GLY A 54 10.74 -6.56 -13.65
C GLY A 54 9.99 -7.54 -12.77
N LYS A 55 9.82 -7.18 -11.51
CA LYS A 55 9.17 -8.07 -10.54
C LYS A 55 7.74 -7.60 -10.25
N PRO A 56 6.74 -8.25 -10.87
CA PRO A 56 5.34 -8.01 -10.57
C PRO A 56 4.83 -8.89 -9.43
N PHE A 57 4.19 -8.29 -8.45
CA PHE A 57 3.56 -9.04 -7.39
C PHE A 57 2.06 -9.05 -7.62
N VAL A 58 1.49 -10.23 -7.80
CA VAL A 58 0.06 -10.34 -8.08
C VAL A 58 -0.65 -10.99 -6.91
N PHE A 59 -1.67 -10.31 -6.40
CA PHE A 59 -2.45 -10.82 -5.29
C PHE A 59 -3.90 -10.36 -5.44
N LYS A 60 -4.83 -11.07 -4.83
CA LYS A 60 -6.21 -10.65 -4.89
C LYS A 60 -6.69 -10.18 -3.53
N LEU A 61 -7.52 -9.14 -3.53
CA LEU A 61 -8.07 -8.61 -2.30
C LEU A 61 -9.07 -9.59 -1.71
N GLY A 62 -9.17 -9.61 -0.39
CA GLY A 62 -10.06 -10.54 0.27
C GLY A 62 -9.34 -11.73 0.89
N GLN A 63 -8.06 -11.85 0.60
CA GLN A 63 -7.26 -12.95 1.15
C GLN A 63 -6.78 -12.60 2.55
N GLY A 64 -6.40 -13.61 3.32
CA GLY A 64 -6.07 -13.39 4.72
C GLY A 64 -4.59 -13.47 5.03
N GLU A 65 -3.74 -13.29 4.03
CA GLU A 65 -2.29 -13.32 4.27
C GLU A 65 -1.67 -11.96 4.00
N VAL A 66 -2.52 -10.97 3.81
CA VAL A 66 -2.09 -9.59 3.69
C VAL A 66 -2.67 -8.80 4.86
N ILE A 67 -1.94 -7.81 5.35
CA ILE A 67 -2.41 -7.02 6.47
C ILE A 67 -3.61 -6.19 6.04
N LYS A 68 -4.49 -5.88 6.99
CA LYS A 68 -5.75 -5.21 6.66
C LYS A 68 -5.52 -3.84 6.05
N GLY A 69 -4.43 -3.18 6.43
CA GLY A 69 -4.05 -1.92 5.80
C GLY A 69 -3.93 -2.06 4.28
N TRP A 70 -3.54 -3.24 3.82
CA TRP A 70 -3.45 -3.52 2.40
C TRP A 70 -4.83 -3.78 1.80
N ASP A 71 -5.50 -4.81 2.30
CA ASP A 71 -6.84 -5.19 1.82
C ASP A 71 -7.82 -4.01 1.79
N ILE A 72 -7.60 -3.03 2.68
CA ILE A 72 -8.42 -1.83 2.73
C ILE A 72 -7.83 -0.71 1.86
N GLY A 73 -6.55 -0.40 2.05
CA GLY A 73 -5.91 0.67 1.29
C GLY A 73 -5.82 0.40 -0.21
N VAL A 74 -5.72 -0.86 -0.58
CA VAL A 74 -5.65 -1.24 -1.99
C VAL A 74 -7.06 -1.24 -2.63
N ALA A 75 -8.07 -1.32 -1.79
CA ALA A 75 -9.45 -1.28 -2.27
C ALA A 75 -9.74 0.07 -2.92
N GLY A 76 -9.97 0.05 -4.22
CA GLY A 76 -10.19 1.28 -4.96
C GLY A 76 -8.92 1.77 -5.65
N MET A 77 -7.93 0.90 -5.73
CA MET A 77 -6.70 1.21 -6.45
C MET A 77 -6.95 1.10 -7.95
N ALA A 78 -6.17 1.81 -8.75
CA ALA A 78 -6.35 1.82 -10.19
C ALA A 78 -5.05 1.54 -10.93
N VAL A 79 -5.12 0.67 -11.93
CA VAL A 79 -3.96 0.35 -12.75
C VAL A 79 -3.43 1.60 -13.45
N GLY A 80 -2.16 1.91 -13.23
CA GLY A 80 -1.55 3.08 -13.83
C GLY A 80 -1.27 4.15 -12.80
N GLY A 81 -1.83 3.99 -11.60
CA GLY A 81 -1.62 4.96 -10.56
C GLY A 81 -0.66 4.50 -9.50
N GLU A 82 0.03 5.44 -8.87
CA GLU A 82 0.94 5.15 -7.78
C GLU A 82 0.52 5.93 -6.55
N ARG A 83 0.60 5.31 -5.38
CA ARG A 83 0.31 6.02 -4.15
C ARG A 83 1.18 5.53 -3.02
N ARG A 84 1.68 6.45 -2.23
CA ARG A 84 2.43 6.10 -1.05
C ARG A 84 1.46 5.92 0.12
N ILE A 85 1.43 4.71 0.65
CA ILE A 85 0.48 4.37 1.70
C ILE A 85 1.17 4.33 3.06
N VAL A 86 0.62 5.08 4.00
CA VAL A 86 1.12 5.07 5.37
C VAL A 86 0.22 4.19 6.22
N ILE A 87 0.76 3.10 6.72
CA ILE A 87 -0.02 2.13 7.47
C ILE A 87 0.37 2.15 8.94
N PRO A 88 -0.53 2.67 9.80
CA PRO A 88 -0.33 2.66 11.24
C PRO A 88 -0.33 1.24 11.79
N ALA A 89 0.20 1.09 13.01
CA ALA A 89 0.40 -0.23 13.62
C ALA A 89 -0.87 -1.10 13.65
N PRO A 90 -2.04 -0.58 14.10
CA PRO A 90 -3.26 -1.38 14.24
C PRO A 90 -3.65 -2.16 12.98
N TYR A 91 -3.31 -1.62 11.82
CA TYR A 91 -3.71 -2.25 10.56
C TYR A 91 -2.59 -3.05 9.93
N ALA A 92 -1.51 -3.25 10.67
CA ALA A 92 -0.42 -4.09 10.20
C ALA A 92 -0.12 -5.19 11.22
N TYR A 93 1.04 -5.11 11.87
CA TYR A 93 1.40 -6.10 12.87
C TYR A 93 0.92 -5.70 14.26
N GLY A 94 0.68 -4.40 14.44
CA GLY A 94 0.13 -3.90 15.68
C GLY A 94 1.09 -3.96 16.84
N LYS A 95 0.98 -5.03 17.63
CA LYS A 95 1.71 -5.14 18.89
C LYS A 95 2.82 -6.18 18.80
N GLN A 96 3.07 -6.68 17.61
CA GLN A 96 4.10 -7.69 17.43
C GLN A 96 5.44 -7.02 17.13
N ALA A 97 6.42 -7.28 17.98
CA ALA A 97 7.76 -6.74 17.80
C ALA A 97 8.63 -7.73 17.03
N LEU A 98 8.67 -7.55 15.73
CA LEU A 98 9.50 -8.36 14.85
C LEU A 98 10.92 -7.81 14.88
N PRO A 99 11.92 -8.59 14.43
CA PRO A 99 13.28 -8.08 14.27
C PRO A 99 13.32 -6.93 13.27
N GLY A 100 13.65 -5.74 13.74
CA GLY A 100 13.68 -4.57 12.89
C GLY A 100 12.36 -3.83 12.87
N ILE A 101 11.26 -4.55 13.12
CA ILE A 101 9.92 -3.97 13.07
C ILE A 101 9.17 -4.25 14.38
N PRO A 102 9.41 -3.44 15.42
CA PRO A 102 8.79 -3.63 16.73
C PRO A 102 7.36 -3.10 16.80
N ALA A 103 6.66 -3.46 17.87
CA ALA A 103 5.29 -3.02 18.11
C ALA A 103 5.14 -1.50 17.95
N ASN A 104 3.96 -1.09 17.47
CA ASN A 104 3.68 0.32 17.17
C ASN A 104 4.50 0.79 15.98
N SER A 105 4.73 -0.13 15.04
CA SER A 105 5.50 0.18 13.85
C SER A 105 4.63 0.84 12.79
N GLU A 106 5.14 1.92 12.21
CA GLU A 106 4.44 2.62 11.16
C GLU A 106 5.09 2.30 9.82
N LEU A 107 4.41 1.50 9.02
CA LEU A 107 4.94 1.08 7.73
C LEU A 107 4.60 2.08 6.64
N THR A 108 5.56 2.33 5.76
CA THR A 108 5.34 3.19 4.62
C THR A 108 5.52 2.39 3.34
N PHE A 109 4.47 2.27 2.54
CA PHE A 109 4.52 1.45 1.35
C PHE A 109 4.40 2.28 0.08
N ASP A 110 5.45 2.24 -0.72
CA ASP A 110 5.42 2.85 -2.05
C ASP A 110 4.83 1.85 -3.01
N VAL A 111 3.58 2.04 -3.40
CA VAL A 111 2.89 1.05 -4.22
C VAL A 111 2.23 1.68 -5.44
N LYS A 112 2.30 0.95 -6.54
CA LYS A 112 1.63 1.35 -7.76
C LYS A 112 1.05 0.13 -8.44
N LEU A 113 -0.13 0.30 -9.01
CA LEU A 113 -0.83 -0.81 -9.64
C LEU A 113 -0.49 -0.83 -11.12
N VAL A 114 -0.04 -1.97 -11.62
CA VAL A 114 0.45 -2.03 -12.99
C VAL A 114 -0.26 -3.13 -13.77
N SER A 115 -1.17 -3.82 -13.11
CA SER A 115 -1.93 -4.89 -13.75
C SER A 115 -3.16 -5.28 -12.93
N MET A 116 -4.13 -5.87 -13.59
CA MET A 116 -5.34 -6.38 -12.95
C MET A 116 -6.02 -7.37 -13.89
N LYS A 117 -6.42 -8.52 -13.36
CA LYS A 117 -7.04 -9.57 -14.17
C LYS A 117 -8.27 -10.11 -13.44
N GLY A 1 1.59 32.37 3.97
CA GLY A 1 1.94 31.70 2.71
C GLY A 1 0.73 31.15 2.00
N ALA A 2 0.91 30.02 1.33
CA ALA A 2 -0.17 29.40 0.59
C ALA A 2 -0.30 27.92 0.96
N MET A 3 -1.40 27.32 0.56
CA MET A 3 -1.64 25.92 0.85
C MET A 3 -0.85 25.04 -0.12
N ALA A 4 0.35 24.66 0.30
CA ALA A 4 1.20 23.79 -0.52
C ALA A 4 1.65 22.58 0.29
N LYS A 5 0.80 21.57 0.33
CA LYS A 5 1.07 20.35 1.07
C LYS A 5 0.54 19.14 0.31
N PRO A 6 1.17 17.96 0.50
CA PRO A 6 0.75 16.73 -0.17
C PRO A 6 -0.70 16.37 0.13
N LYS A 7 -1.42 15.97 -0.91
CA LYS A 7 -2.84 15.66 -0.77
C LYS A 7 -3.03 14.28 -0.18
N THR A 8 -3.28 14.25 1.12
CA THR A 8 -3.45 13.00 1.84
C THR A 8 -4.93 12.71 2.09
N LYS A 9 -5.26 11.43 2.24
CA LYS A 9 -6.61 11.03 2.59
C LYS A 9 -6.57 10.09 3.79
N LEU A 10 -7.66 10.02 4.51
CA LEU A 10 -7.74 9.18 5.69
C LEU A 10 -8.69 8.02 5.46
N LEU A 11 -8.16 6.80 5.54
CA LEU A 11 -8.96 5.60 5.38
C LEU A 11 -9.33 5.02 6.73
N GLU A 12 -9.89 3.81 6.71
CA GLU A 12 -10.30 3.10 7.92
C GLU A 12 -9.18 3.07 8.96
N GLY A 13 -9.55 3.19 10.23
CA GLY A 13 -8.57 3.21 11.29
C GLY A 13 -7.79 4.50 11.34
N GLY A 14 -6.57 4.46 10.84
CA GLY A 14 -5.75 5.65 10.77
C GLY A 14 -4.86 5.62 9.56
N ILE A 15 -5.32 4.92 8.53
CA ILE A 15 -4.54 4.72 7.33
C ILE A 15 -4.50 5.99 6.50
N ILE A 16 -3.29 6.44 6.18
CA ILE A 16 -3.10 7.65 5.41
C ILE A 16 -2.56 7.30 4.03
N ILE A 17 -3.00 8.02 3.01
CA ILE A 17 -2.52 7.75 1.66
C ILE A 17 -2.13 9.03 0.94
N GLU A 18 -0.91 9.03 0.40
CA GLU A 18 -0.41 10.15 -0.39
C GLU A 18 -0.45 9.79 -1.87
N ASP A 19 -0.98 10.69 -2.68
CA ASP A 19 -0.97 10.48 -4.12
C ASP A 19 0.39 10.85 -4.69
N ARG A 20 1.00 9.93 -5.42
CA ARG A 20 2.26 10.21 -6.10
C ARG A 20 2.00 10.40 -7.59
N VAL A 21 1.46 9.37 -8.22
CA VAL A 21 1.06 9.44 -9.60
C VAL A 21 -0.34 8.89 -9.76
N THR A 22 -1.31 9.76 -9.95
CA THR A 22 -2.68 9.35 -10.15
C THR A 22 -2.82 8.64 -11.50
N GLY A 23 -3.57 7.57 -11.52
CA GLY A 23 -3.69 6.79 -12.73
C GLY A 23 -5.12 6.54 -13.10
N LYS A 24 -5.35 6.17 -14.35
CA LYS A 24 -6.69 5.89 -14.83
C LYS A 24 -6.72 4.52 -15.48
N GLY A 25 -7.41 3.59 -14.84
CA GLY A 25 -7.49 2.25 -15.35
C GLY A 25 -8.49 1.43 -14.57
N PRO A 26 -8.33 0.11 -14.55
CA PRO A 26 -9.19 -0.79 -13.78
C PRO A 26 -9.06 -0.56 -12.28
N HIS A 27 -10.20 -0.49 -11.59
CA HIS A 27 -10.20 -0.26 -10.16
C HIS A 27 -10.25 -1.58 -9.40
N ALA A 28 -9.49 -1.66 -8.32
CA ALA A 28 -9.41 -2.88 -7.52
C ALA A 28 -10.68 -3.08 -6.68
N LYS A 29 -10.98 -4.34 -6.39
CA LYS A 29 -12.18 -4.72 -5.64
C LYS A 29 -11.92 -6.04 -4.91
N LYS A 30 -12.81 -6.42 -4.00
CA LYS A 30 -12.71 -7.69 -3.32
C LYS A 30 -12.89 -8.84 -4.31
N GLY A 31 -11.98 -9.81 -4.27
CA GLY A 31 -12.03 -10.93 -5.19
C GLY A 31 -11.21 -10.68 -6.43
N THR A 32 -10.78 -9.43 -6.60
CA THR A 32 -9.98 -9.03 -7.74
C THR A 32 -8.50 -9.34 -7.48
N ARG A 33 -7.82 -9.81 -8.51
CA ARG A 33 -6.40 -10.14 -8.39
C ARG A 33 -5.58 -9.02 -8.98
N VAL A 34 -4.97 -8.22 -8.12
CA VAL A 34 -4.22 -7.08 -8.59
C VAL A 34 -2.72 -7.36 -8.56
N GLY A 35 -2.05 -6.89 -9.60
CA GLY A 35 -0.62 -7.07 -9.69
C GLY A 35 0.08 -5.74 -9.62
N MET A 36 1.02 -5.60 -8.72
CA MET A 36 1.64 -4.32 -8.49
C MET A 36 3.15 -4.43 -8.39
N ARG A 37 3.77 -3.28 -8.24
CA ARG A 37 5.18 -3.16 -7.97
C ARG A 37 5.35 -2.07 -6.93
N TYR A 38 6.26 -2.26 -5.98
CA TYR A 38 6.27 -1.38 -4.83
C TYR A 38 7.60 -1.35 -4.11
N VAL A 39 7.71 -0.41 -3.19
CA VAL A 39 8.82 -0.33 -2.27
C VAL A 39 8.29 -0.20 -0.84
N GLY A 40 8.44 -1.27 -0.07
CA GLY A 40 7.93 -1.29 1.29
C GLY A 40 8.94 -0.76 2.26
N LYS A 41 8.65 0.41 2.82
CA LYS A 41 9.57 1.07 3.73
C LYS A 41 8.97 1.19 5.11
N LEU A 42 9.82 1.48 6.08
CA LEU A 42 9.37 1.95 7.38
C LEU A 42 9.24 3.46 7.31
N LYS A 43 8.45 4.05 8.20
CA LYS A 43 8.29 5.51 8.21
C LYS A 43 9.62 6.21 8.51
N ASN A 44 10.62 5.43 8.89
CA ASN A 44 11.95 5.95 9.15
C ASN A 44 12.73 6.14 7.85
N GLY A 45 12.23 5.55 6.77
CA GLY A 45 12.88 5.68 5.48
C GLY A 45 13.54 4.40 5.01
N LYS A 46 13.78 3.48 5.94
CA LYS A 46 14.47 2.23 5.63
C LYS A 46 13.55 1.24 4.94
N VAL A 47 14.06 0.57 3.92
CA VAL A 47 13.27 -0.37 3.14
C VAL A 47 13.49 -1.81 3.62
N PHE A 48 12.41 -2.58 3.72
CA PHE A 48 12.52 -3.97 4.16
C PHE A 48 12.03 -4.92 3.08
N ASP A 49 11.17 -4.44 2.20
CA ASP A 49 10.68 -5.24 1.08
C ASP A 49 10.60 -4.38 -0.16
N LYS A 50 10.84 -4.97 -1.32
CA LYS A 50 10.87 -4.20 -2.56
C LYS A 50 10.75 -5.11 -3.78
N ASN A 51 9.96 -4.68 -4.74
CA ASN A 51 9.91 -5.33 -6.04
C ASN A 51 9.46 -4.35 -7.11
N THR A 52 10.23 -4.26 -8.18
CA THR A 52 9.93 -3.34 -9.26
C THR A 52 10.69 -3.72 -10.51
N LYS A 53 11.90 -4.27 -10.35
CA LYS A 53 12.69 -4.71 -11.49
C LYS A 53 12.37 -6.15 -11.83
N GLY A 54 11.46 -6.35 -12.78
CA GLY A 54 11.12 -7.70 -13.22
C GLY A 54 10.28 -8.47 -12.22
N LYS A 55 10.14 -7.93 -11.01
CA LYS A 55 9.39 -8.61 -9.95
C LYS A 55 8.01 -7.99 -9.77
N PRO A 56 6.96 -8.63 -10.30
CA PRO A 56 5.59 -8.25 -10.04
C PRO A 56 5.03 -8.97 -8.81
N PHE A 57 4.21 -8.29 -8.03
CA PHE A 57 3.53 -8.93 -6.91
C PHE A 57 2.03 -8.92 -7.14
N VAL A 58 1.43 -10.10 -7.27
CA VAL A 58 0.01 -10.20 -7.61
C VAL A 58 -0.75 -10.84 -6.44
N PHE A 59 -1.68 -10.09 -5.87
CA PHE A 59 -2.46 -10.58 -4.73
C PHE A 59 -3.93 -10.22 -4.91
N LYS A 60 -4.80 -10.90 -4.19
CA LYS A 60 -6.24 -10.65 -4.30
C LYS A 60 -6.76 -9.92 -3.07
N LEU A 61 -7.57 -8.90 -3.31
CA LEU A 61 -8.18 -8.15 -2.22
C LEU A 61 -9.21 -9.02 -1.50
N GLY A 62 -8.95 -9.28 -0.22
CA GLY A 62 -9.85 -10.11 0.56
C GLY A 62 -9.13 -11.22 1.28
N GLN A 63 -7.92 -11.53 0.82
CA GLN A 63 -7.11 -12.58 1.42
C GLN A 63 -6.55 -12.13 2.77
N GLY A 64 -6.58 -13.03 3.74
CA GLY A 64 -6.01 -12.74 5.04
C GLY A 64 -4.54 -13.04 5.09
N GLU A 65 -3.93 -13.10 3.91
CA GLU A 65 -2.50 -13.34 3.80
C GLU A 65 -1.76 -12.00 3.83
N VAL A 66 -2.53 -10.92 3.72
CA VAL A 66 -1.99 -9.57 3.79
C VAL A 66 -2.49 -8.88 5.05
N ILE A 67 -1.98 -7.69 5.33
CA ILE A 67 -2.42 -6.93 6.49
C ILE A 67 -3.56 -5.99 6.09
N LYS A 68 -4.33 -5.55 7.09
CA LYS A 68 -5.53 -4.73 6.82
C LYS A 68 -5.20 -3.47 6.02
N GLY A 69 -4.03 -2.90 6.27
CA GLY A 69 -3.60 -1.73 5.53
C GLY A 69 -3.58 -1.96 4.02
N TRP A 70 -3.35 -3.20 3.61
CA TRP A 70 -3.24 -3.55 2.20
C TRP A 70 -4.59 -3.65 1.51
N ASP A 71 -5.46 -4.55 1.97
CA ASP A 71 -6.74 -4.77 1.30
C ASP A 71 -7.62 -3.53 1.36
N ILE A 72 -7.35 -2.68 2.34
CA ILE A 72 -8.06 -1.42 2.47
C ILE A 72 -7.40 -0.32 1.63
N GLY A 73 -6.10 -0.11 1.82
CA GLY A 73 -5.38 0.92 1.10
C GLY A 73 -5.32 0.68 -0.40
N VAL A 74 -5.27 -0.58 -0.81
CA VAL A 74 -5.20 -0.94 -2.22
C VAL A 74 -6.59 -0.88 -2.89
N ALA A 75 -7.63 -0.83 -2.07
CA ALA A 75 -8.98 -0.73 -2.60
C ALA A 75 -9.18 0.58 -3.34
N GLY A 76 -9.74 0.49 -4.54
CA GLY A 76 -9.96 1.68 -5.34
C GLY A 76 -8.70 2.14 -6.06
N MET A 77 -7.71 1.26 -6.12
CA MET A 77 -6.51 1.52 -6.89
C MET A 77 -6.72 1.21 -8.35
N ALA A 78 -6.02 1.93 -9.21
CA ALA A 78 -6.14 1.74 -10.64
C ALA A 78 -4.77 1.42 -11.25
N VAL A 79 -4.76 0.46 -12.17
CA VAL A 79 -3.53 0.11 -12.89
C VAL A 79 -2.94 1.34 -13.58
N GLY A 80 -1.69 1.63 -13.25
CA GLY A 80 -1.03 2.79 -13.83
C GLY A 80 -0.78 3.88 -12.80
N GLY A 81 -1.47 3.78 -11.67
CA GLY A 81 -1.31 4.78 -10.62
C GLY A 81 -0.56 4.25 -9.42
N GLU A 82 -0.03 5.17 -8.61
CA GLU A 82 0.69 4.80 -7.41
C GLU A 82 0.34 5.73 -6.25
N ARG A 83 0.13 5.13 -5.09
CA ARG A 83 -0.17 5.89 -3.88
C ARG A 83 0.70 5.40 -2.73
N ARG A 84 1.18 6.33 -1.92
CA ARG A 84 1.96 5.99 -0.75
C ARG A 84 1.05 5.71 0.43
N ILE A 85 1.07 4.49 0.92
CA ILE A 85 0.21 4.07 2.00
C ILE A 85 0.97 4.10 3.33
N VAL A 86 0.52 4.93 4.24
CA VAL A 86 1.09 4.99 5.58
C VAL A 86 0.19 4.21 6.52
N ILE A 87 0.70 3.10 7.03
CA ILE A 87 -0.12 2.18 7.79
C ILE A 87 0.27 2.16 9.27
N PRO A 88 -0.60 2.71 10.13
CA PRO A 88 -0.45 2.63 11.59
C PRO A 88 -0.36 1.17 12.07
N ALA A 89 0.24 1.01 13.25
CA ALA A 89 0.49 -0.31 13.84
C ALA A 89 -0.72 -1.25 13.80
N PRO A 90 -1.90 -0.84 14.31
CA PRO A 90 -3.06 -1.75 14.46
C PRO A 90 -3.58 -2.33 13.14
N TYR A 91 -3.17 -1.73 12.02
CA TYR A 91 -3.63 -2.20 10.71
C TYR A 91 -2.52 -2.88 9.95
N ALA A 92 -1.37 -3.04 10.59
CA ALA A 92 -0.25 -3.75 9.98
C ALA A 92 0.12 -4.97 10.82
N TYR A 93 1.39 -5.07 11.21
CA TYR A 93 1.86 -6.19 12.02
C TYR A 93 1.26 -6.13 13.44
N GLY A 94 0.78 -4.96 13.84
CA GLY A 94 0.15 -4.81 15.13
C GLY A 94 1.14 -4.79 16.28
N LYS A 95 1.01 -5.77 17.15
CA LYS A 95 1.80 -5.82 18.37
C LYS A 95 2.82 -6.96 18.34
N GLN A 96 3.03 -7.54 17.17
CA GLN A 96 3.98 -8.64 17.04
C GLN A 96 5.27 -8.17 16.39
N ALA A 97 6.33 -8.09 17.19
CA ALA A 97 7.64 -7.68 16.72
C ALA A 97 8.33 -8.78 15.92
N LEU A 98 8.61 -8.50 14.67
CA LEU A 98 9.36 -9.40 13.82
C LEU A 98 10.84 -9.07 13.94
N PRO A 99 11.74 -10.00 13.59
CA PRO A 99 13.18 -9.70 13.55
C PRO A 99 13.46 -8.57 12.57
N GLY A 100 13.92 -7.44 13.10
CA GLY A 100 14.19 -6.28 12.27
C GLY A 100 13.05 -5.28 12.27
N ILE A 101 11.83 -5.77 12.45
CA ILE A 101 10.64 -4.91 12.44
C ILE A 101 9.81 -5.12 13.70
N PRO A 102 10.03 -4.29 14.72
CA PRO A 102 9.34 -4.45 16.01
C PRO A 102 7.89 -3.98 15.97
N ALA A 103 7.14 -4.33 17.00
CA ALA A 103 5.74 -3.94 17.12
C ALA A 103 5.58 -2.42 17.07
N ASN A 104 4.41 -1.98 16.59
CA ASN A 104 4.07 -0.55 16.50
C ASN A 104 4.85 0.14 15.37
N SER A 105 5.46 -0.64 14.49
CA SER A 105 6.16 -0.08 13.35
C SER A 105 5.17 0.51 12.35
N GLU A 106 5.20 1.82 12.22
CA GLU A 106 4.40 2.52 11.23
C GLU A 106 4.99 2.29 9.84
N LEU A 107 4.31 1.45 9.07
CA LEU A 107 4.80 1.06 7.75
C LEU A 107 4.45 2.09 6.69
N THR A 108 5.29 2.22 5.69
CA THR A 108 5.03 3.10 4.57
C THR A 108 5.24 2.35 3.25
N PHE A 109 4.21 2.25 2.43
CA PHE A 109 4.28 1.47 1.21
C PHE A 109 3.99 2.31 -0.01
N ASP A 110 5.01 2.54 -0.82
CA ASP A 110 4.80 3.13 -2.14
C ASP A 110 4.39 2.03 -3.10
N VAL A 111 3.11 1.98 -3.42
CA VAL A 111 2.60 0.90 -4.26
C VAL A 111 2.00 1.43 -5.56
N LYS A 112 2.45 0.86 -6.66
CA LYS A 112 1.92 1.21 -7.97
C LYS A 112 1.34 -0.03 -8.63
N LEU A 113 0.13 0.10 -9.13
CA LEU A 113 -0.59 -1.03 -9.70
C LEU A 113 -0.22 -1.19 -11.16
N VAL A 114 0.14 -2.40 -11.57
CA VAL A 114 0.67 -2.64 -12.90
C VAL A 114 -0.18 -3.64 -13.69
N SER A 115 -1.08 -4.34 -13.00
CA SER A 115 -1.91 -5.34 -13.64
C SER A 115 -3.12 -5.69 -12.77
N MET A 116 -4.06 -6.44 -13.33
CA MET A 116 -5.27 -6.82 -12.63
C MET A 116 -6.03 -7.88 -13.42
N LYS A 117 -6.56 -8.88 -12.71
CA LYS A 117 -7.34 -9.94 -13.32
C LYS A 117 -8.61 -10.18 -12.49
N GLY A 1 2.66 29.20 -4.66
CA GLY A 1 1.54 30.09 -4.29
C GLY A 1 0.83 29.64 -3.02
N ALA A 2 -0.48 29.41 -3.13
CA ALA A 2 -1.29 29.02 -1.98
C ALA A 2 -1.30 27.51 -1.79
N MET A 3 -1.40 26.77 -2.90
CA MET A 3 -1.46 25.31 -2.87
C MET A 3 -2.75 24.83 -2.23
N ALA A 4 -3.74 24.53 -3.07
CA ALA A 4 -5.03 24.05 -2.59
C ALA A 4 -5.33 22.67 -3.16
N LYS A 5 -4.28 21.96 -3.54
CA LYS A 5 -4.43 20.65 -4.15
C LYS A 5 -4.18 19.56 -3.13
N PRO A 6 -5.05 18.54 -3.10
CA PRO A 6 -4.97 17.46 -2.11
C PRO A 6 -3.85 16.47 -2.39
N LYS A 7 -3.37 15.82 -1.32
CA LYS A 7 -2.31 14.81 -1.40
C LYS A 7 -2.38 13.90 -0.20
N THR A 8 -3.55 13.85 0.38
CA THR A 8 -3.75 13.10 1.60
C THR A 8 -5.21 12.72 1.77
N LYS A 9 -5.48 11.44 1.97
CA LYS A 9 -6.80 10.99 2.34
C LYS A 9 -6.71 10.07 3.54
N LEU A 10 -7.60 10.29 4.50
CA LEU A 10 -7.60 9.51 5.72
C LEU A 10 -8.55 8.34 5.59
N LEU A 11 -8.01 7.14 5.74
CA LEU A 11 -8.79 5.93 5.68
C LEU A 11 -9.00 5.36 7.08
N GLU A 12 -9.56 4.16 7.13
CA GLU A 12 -9.86 3.50 8.39
C GLU A 12 -8.61 3.27 9.22
N GLY A 13 -8.74 3.37 10.53
CA GLY A 13 -7.64 3.08 11.43
C GLY A 13 -6.49 4.07 11.33
N GLY A 14 -6.74 5.24 10.75
CA GLY A 14 -5.71 6.25 10.65
C GLY A 14 -4.76 6.03 9.49
N ILE A 15 -5.17 5.21 8.53
CA ILE A 15 -4.37 4.98 7.33
C ILE A 15 -4.37 6.23 6.47
N ILE A 16 -3.18 6.71 6.11
CA ILE A 16 -3.07 7.91 5.29
C ILE A 16 -2.46 7.55 3.95
N ILE A 17 -3.03 8.06 2.88
CA ILE A 17 -2.56 7.74 1.54
C ILE A 17 -2.20 9.02 0.78
N GLU A 18 -1.01 9.02 0.21
CA GLU A 18 -0.53 10.13 -0.59
C GLU A 18 -0.52 9.73 -2.06
N ASP A 19 -1.25 10.46 -2.89
CA ASP A 19 -1.29 10.14 -4.31
C ASP A 19 -0.09 10.73 -5.02
N ARG A 20 0.70 9.88 -5.65
CA ARG A 20 1.92 10.33 -6.30
C ARG A 20 1.71 10.43 -7.81
N VAL A 21 1.20 9.36 -8.40
CA VAL A 21 0.85 9.35 -9.81
C VAL A 21 -0.65 9.09 -9.96
N THR A 22 -1.37 10.08 -10.47
CA THR A 22 -2.80 9.98 -10.64
C THR A 22 -3.18 9.20 -11.89
N GLY A 23 -3.93 8.12 -11.69
CA GLY A 23 -4.38 7.32 -12.80
C GLY A 23 -5.84 6.95 -12.68
N LYS A 24 -6.38 6.33 -13.71
CA LYS A 24 -7.75 5.82 -13.66
C LYS A 24 -7.88 4.60 -14.58
N GLY A 25 -8.41 3.53 -14.01
CA GLY A 25 -8.56 2.29 -14.74
C GLY A 25 -9.34 1.29 -13.93
N PRO A 26 -9.12 -0.01 -14.16
CA PRO A 26 -9.73 -1.06 -13.35
C PRO A 26 -9.37 -0.89 -11.87
N HIS A 27 -10.37 -1.00 -11.00
CA HIS A 27 -10.18 -0.78 -9.58
C HIS A 27 -10.06 -2.10 -8.83
N ALA A 28 -9.22 -2.11 -7.81
CA ALA A 28 -8.99 -3.31 -7.01
C ALA A 28 -10.13 -3.55 -6.04
N LYS A 29 -10.69 -4.75 -6.10
CA LYS A 29 -11.75 -5.16 -5.17
C LYS A 29 -11.45 -6.56 -4.64
N LYS A 30 -12.32 -7.07 -3.78
CA LYS A 30 -12.17 -8.42 -3.25
C LYS A 30 -12.37 -9.44 -4.36
N GLY A 31 -11.45 -10.38 -4.46
CA GLY A 31 -11.51 -11.38 -5.50
C GLY A 31 -10.67 -10.99 -6.69
N THR A 32 -10.47 -9.69 -6.86
CA THR A 32 -9.63 -9.16 -7.92
C THR A 32 -8.16 -9.44 -7.64
N ARG A 33 -7.45 -9.97 -8.63
CA ARG A 33 -6.04 -10.27 -8.45
C ARG A 33 -5.22 -9.19 -9.11
N VAL A 34 -4.65 -8.30 -8.33
CA VAL A 34 -4.01 -7.13 -8.87
C VAL A 34 -2.51 -7.30 -8.96
N GLY A 35 -1.95 -6.82 -10.05
CA GLY A 35 -0.53 -6.90 -10.27
C GLY A 35 0.13 -5.57 -10.02
N MET A 36 0.93 -5.49 -8.99
CA MET A 36 1.49 -4.22 -8.60
C MET A 36 2.98 -4.31 -8.32
N ARG A 37 3.54 -3.16 -8.03
CA ARG A 37 4.93 -3.01 -7.67
C ARG A 37 4.99 -2.08 -6.47
N TYR A 38 5.92 -2.30 -5.57
CA TYR A 38 5.90 -1.58 -4.30
C TYR A 38 7.24 -1.61 -3.59
N VAL A 39 7.43 -0.60 -2.75
CA VAL A 39 8.61 -0.51 -1.90
C VAL A 39 8.17 -0.43 -0.44
N GLY A 40 8.60 -1.38 0.37
CA GLY A 40 8.19 -1.42 1.75
C GLY A 40 9.26 -0.90 2.69
N LYS A 41 8.95 0.21 3.36
CA LYS A 41 9.87 0.86 4.28
C LYS A 41 9.36 0.76 5.71
N LEU A 42 10.30 0.74 6.65
CA LEU A 42 10.00 0.68 8.08
C LEU A 42 9.71 2.05 8.67
N LYS A 43 9.46 2.06 9.98
CA LYS A 43 9.24 3.30 10.73
C LYS A 43 10.43 4.24 10.59
N ASN A 44 11.62 3.66 10.48
CA ASN A 44 12.84 4.47 10.40
C ASN A 44 13.23 4.75 8.96
N GLY A 45 12.36 4.38 8.03
CA GLY A 45 12.61 4.65 6.62
C GLY A 45 13.40 3.55 5.94
N LYS A 46 13.88 2.60 6.74
CA LYS A 46 14.64 1.47 6.22
C LYS A 46 13.76 0.59 5.35
N VAL A 47 14.08 0.55 4.07
CA VAL A 47 13.39 -0.33 3.14
C VAL A 47 13.72 -1.78 3.46
N PHE A 48 12.70 -2.58 3.74
CA PHE A 48 12.91 -3.98 4.08
C PHE A 48 12.64 -4.87 2.89
N ASP A 49 11.72 -4.46 2.02
CA ASP A 49 11.41 -5.23 0.82
C ASP A 49 10.98 -4.31 -0.31
N LYS A 50 11.06 -4.82 -1.54
CA LYS A 50 10.72 -4.06 -2.72
C LYS A 50 10.59 -4.97 -3.93
N ASN A 51 9.47 -4.86 -4.62
CA ASN A 51 9.22 -5.64 -5.82
C ASN A 51 8.91 -4.70 -6.97
N THR A 52 9.73 -4.73 -8.00
CA THR A 52 9.58 -3.82 -9.12
C THR A 52 10.38 -4.28 -10.34
N LYS A 53 11.63 -4.69 -10.10
CA LYS A 53 12.48 -5.11 -11.20
C LYS A 53 12.32 -6.61 -11.47
N GLY A 54 11.54 -6.92 -12.50
CA GLY A 54 11.35 -8.31 -12.89
C GLY A 54 10.22 -8.99 -12.12
N LYS A 55 9.95 -8.50 -10.91
CA LYS A 55 8.95 -9.10 -10.06
C LYS A 55 7.67 -8.28 -10.03
N PRO A 56 6.64 -8.71 -10.79
CA PRO A 56 5.29 -8.20 -10.63
C PRO A 56 4.55 -9.02 -9.59
N PHE A 57 4.00 -8.35 -8.59
CA PHE A 57 3.31 -9.06 -7.52
C PHE A 57 1.80 -9.02 -7.75
N VAL A 58 1.22 -10.18 -7.97
CA VAL A 58 -0.21 -10.28 -8.25
C VAL A 58 -0.91 -10.98 -7.09
N PHE A 59 -1.75 -10.24 -6.39
CA PHE A 59 -2.46 -10.77 -5.23
C PHE A 59 -3.91 -10.35 -5.27
N LYS A 60 -4.78 -11.19 -4.73
CA LYS A 60 -6.20 -10.87 -4.65
C LYS A 60 -6.54 -10.21 -3.32
N LEU A 61 -7.39 -9.21 -3.37
CA LEU A 61 -7.93 -8.59 -2.17
C LEU A 61 -9.02 -9.48 -1.59
N GLY A 62 -9.22 -9.42 -0.28
CA GLY A 62 -10.20 -10.26 0.36
C GLY A 62 -9.62 -11.59 0.82
N GLN A 63 -8.41 -11.53 1.35
CA GLN A 63 -7.77 -12.71 1.92
C GLN A 63 -6.88 -12.31 3.07
N GLY A 64 -6.58 -13.24 3.96
CA GLY A 64 -5.81 -12.93 5.14
C GLY A 64 -4.33 -13.09 4.92
N GLU A 65 -3.91 -13.08 3.66
CA GLU A 65 -2.51 -13.21 3.31
C GLU A 65 -1.83 -11.84 3.36
N VAL A 66 -2.64 -10.79 3.39
CA VAL A 66 -2.15 -9.42 3.43
C VAL A 66 -2.72 -8.71 4.66
N ILE A 67 -2.04 -7.66 5.12
CA ILE A 67 -2.50 -6.91 6.28
C ILE A 67 -3.64 -5.99 5.88
N LYS A 68 -4.44 -5.55 6.86
CA LYS A 68 -5.64 -4.77 6.59
C LYS A 68 -5.32 -3.43 5.92
N GLY A 69 -4.20 -2.84 6.28
CA GLY A 69 -3.76 -1.63 5.62
C GLY A 69 -3.67 -1.80 4.11
N TRP A 70 -3.31 -3.00 3.69
CA TRP A 70 -3.23 -3.32 2.27
C TRP A 70 -4.61 -3.65 1.71
N ASP A 71 -5.25 -4.67 2.27
CA ASP A 71 -6.59 -5.09 1.87
C ASP A 71 -7.57 -3.91 1.78
N ILE A 72 -7.37 -2.91 2.63
CA ILE A 72 -8.20 -1.71 2.64
C ILE A 72 -7.62 -0.61 1.75
N GLY A 73 -6.34 -0.26 1.96
CA GLY A 73 -5.71 0.82 1.23
C GLY A 73 -5.60 0.56 -0.27
N VAL A 74 -5.43 -0.69 -0.64
CA VAL A 74 -5.32 -1.08 -2.04
C VAL A 74 -6.70 -1.09 -2.71
N ALA A 75 -7.75 -1.20 -1.91
CA ALA A 75 -9.10 -1.19 -2.43
C ALA A 75 -9.40 0.16 -3.09
N GLY A 76 -9.68 0.13 -4.38
CA GLY A 76 -9.93 1.35 -5.12
C GLY A 76 -8.73 1.82 -5.90
N MET A 77 -7.65 1.05 -5.84
CA MET A 77 -6.45 1.35 -6.63
C MET A 77 -6.71 1.12 -8.10
N ALA A 78 -6.19 2.01 -8.93
CA ALA A 78 -6.39 1.93 -10.37
C ALA A 78 -5.10 1.55 -11.07
N VAL A 79 -5.19 0.65 -12.03
CA VAL A 79 -4.05 0.30 -12.88
C VAL A 79 -3.50 1.55 -13.56
N GLY A 80 -2.26 1.88 -13.25
CA GLY A 80 -1.63 3.06 -13.81
C GLY A 80 -1.40 4.13 -12.76
N GLY A 81 -1.90 3.91 -11.55
CA GLY A 81 -1.73 4.88 -10.49
C GLY A 81 -0.71 4.47 -9.45
N GLU A 82 -0.14 5.46 -8.78
CA GLU A 82 0.88 5.25 -7.76
C GLU A 82 0.55 6.07 -6.51
N ARG A 83 0.63 5.45 -5.34
CA ARG A 83 0.38 6.17 -4.10
C ARG A 83 1.29 5.67 -2.98
N ARG A 84 1.73 6.59 -2.14
CA ARG A 84 2.51 6.25 -0.97
C ARG A 84 1.58 6.09 0.23
N ILE A 85 1.60 4.92 0.83
CA ILE A 85 0.70 4.59 1.93
C ILE A 85 1.44 4.61 3.25
N VAL A 86 0.92 5.34 4.21
CA VAL A 86 1.48 5.36 5.55
C VAL A 86 0.55 4.60 6.48
N ILE A 87 0.97 3.43 6.92
CA ILE A 87 0.12 2.56 7.71
C ILE A 87 0.55 2.54 9.17
N PRO A 88 -0.27 3.14 10.05
CA PRO A 88 -0.10 3.02 11.49
C PRO A 88 -0.13 1.57 11.94
N ALA A 89 0.55 1.28 13.05
CA ALA A 89 0.73 -0.09 13.53
C ALA A 89 -0.57 -0.91 13.56
N PRO A 90 -1.69 -0.41 14.14
CA PRO A 90 -2.91 -1.19 14.32
C PRO A 90 -3.40 -1.91 13.07
N TYR A 91 -3.22 -1.31 11.89
CA TYR A 91 -3.77 -1.88 10.67
C TYR A 91 -2.69 -2.61 9.85
N ALA A 92 -1.55 -2.84 10.47
CA ALA A 92 -0.53 -3.66 9.85
C ALA A 92 -0.29 -4.92 10.68
N TYR A 93 0.81 -4.97 11.41
CA TYR A 93 1.07 -6.08 12.32
C TYR A 93 0.63 -5.75 13.75
N GLY A 94 0.01 -4.59 13.90
CA GLY A 94 -0.56 -4.20 15.18
C GLY A 94 0.47 -4.09 16.29
N LYS A 95 0.31 -4.92 17.30
CA LYS A 95 1.16 -4.90 18.46
C LYS A 95 2.17 -6.04 18.42
N GLN A 96 2.31 -6.66 17.25
CA GLN A 96 3.20 -7.80 17.11
C GLN A 96 4.61 -7.33 16.77
N ALA A 97 5.50 -7.37 17.74
CA ALA A 97 6.90 -7.06 17.52
C ALA A 97 7.58 -8.22 16.79
N LEU A 98 7.81 -8.03 15.51
CA LEU A 98 8.53 -9.01 14.70
C LEU A 98 10.00 -8.65 14.64
N PRO A 99 10.87 -9.59 14.26
CA PRO A 99 12.26 -9.28 13.99
C PRO A 99 12.39 -8.32 12.82
N GLY A 100 12.89 -7.12 13.10
CA GLY A 100 12.99 -6.10 12.07
C GLY A 100 11.77 -5.18 12.07
N ILE A 101 10.62 -5.71 12.45
CA ILE A 101 9.38 -4.94 12.45
C ILE A 101 8.69 -5.04 13.82
N PRO A 102 9.15 -4.26 14.81
CA PRO A 102 8.57 -4.28 16.15
C PRO A 102 7.22 -3.56 16.21
N ALA A 103 6.51 -3.73 17.31
CA ALA A 103 5.22 -3.07 17.50
C ALA A 103 5.35 -1.55 17.37
N ASN A 104 4.30 -0.93 16.84
CA ASN A 104 4.26 0.52 16.63
C ASN A 104 5.10 0.97 15.43
N SER A 105 5.58 0.01 14.65
CA SER A 105 6.30 0.34 13.43
C SER A 105 5.34 0.86 12.37
N GLU A 106 5.41 2.16 12.15
CA GLU A 106 4.61 2.82 11.13
C GLU A 106 5.20 2.54 9.75
N LEU A 107 4.63 1.57 9.06
CA LEU A 107 5.18 1.13 7.78
C LEU A 107 4.76 2.04 6.65
N THR A 108 5.67 2.31 5.73
CA THR A 108 5.38 3.14 4.59
C THR A 108 5.53 2.34 3.30
N PHE A 109 4.46 2.23 2.53
CA PHE A 109 4.48 1.43 1.33
C PHE A 109 4.21 2.28 0.10
N ASP A 110 5.20 2.41 -0.76
CA ASP A 110 4.99 3.05 -2.06
C ASP A 110 4.43 2.01 -3.02
N VAL A 111 3.14 2.10 -3.31
CA VAL A 111 2.48 1.10 -4.13
C VAL A 111 2.00 1.68 -5.43
N LYS A 112 2.29 0.97 -6.51
CA LYS A 112 1.84 1.35 -7.83
C LYS A 112 1.18 0.16 -8.50
N LEU A 113 -0.03 0.36 -8.98
CA LEU A 113 -0.76 -0.71 -9.64
C LEU A 113 -0.47 -0.64 -11.13
N VAL A 114 -0.06 -1.75 -11.70
CA VAL A 114 0.42 -1.73 -13.08
C VAL A 114 -0.30 -2.78 -13.94
N SER A 115 -1.12 -3.59 -13.30
CA SER A 115 -1.88 -4.63 -14.00
C SER A 115 -2.95 -5.22 -13.08
N MET A 116 -3.83 -6.05 -13.65
CA MET A 116 -4.92 -6.64 -12.88
C MET A 116 -5.55 -7.81 -13.64
N LYS A 117 -5.94 -8.83 -12.90
CA LYS A 117 -6.69 -9.95 -13.42
C LYS A 117 -8.04 -10.05 -12.72
N GLY A 1 -16.37 18.87 -13.43
CA GLY A 1 -16.06 19.21 -12.02
C GLY A 1 -14.82 20.07 -11.90
N ALA A 2 -14.70 20.79 -10.79
CA ALA A 2 -13.58 21.69 -10.60
C ALA A 2 -12.76 21.31 -9.38
N MET A 3 -13.33 20.50 -8.49
CA MET A 3 -12.65 20.14 -7.26
C MET A 3 -12.31 18.65 -7.24
N ALA A 4 -11.02 18.36 -7.17
CA ALA A 4 -10.54 17.00 -7.02
C ALA A 4 -9.82 16.86 -5.68
N LYS A 5 -9.57 15.63 -5.25
CA LYS A 5 -8.91 15.42 -3.97
C LYS A 5 -7.61 14.64 -4.14
N PRO A 6 -6.52 15.33 -4.53
CA PRO A 6 -5.20 14.72 -4.70
C PRO A 6 -4.45 14.65 -3.36
N LYS A 7 -5.14 15.06 -2.32
CA LYS A 7 -4.61 15.06 -0.97
C LYS A 7 -4.57 13.66 -0.39
N THR A 8 -4.36 13.61 0.91
CA THR A 8 -4.29 12.36 1.64
C THR A 8 -5.67 11.98 2.16
N LYS A 9 -6.04 10.72 2.03
CA LYS A 9 -7.34 10.25 2.51
C LYS A 9 -7.20 9.53 3.83
N LEU A 10 -8.26 9.53 4.62
CA LEU A 10 -8.28 8.80 5.88
C LEU A 10 -9.20 7.60 5.78
N LEU A 11 -8.62 6.41 5.82
CA LEU A 11 -9.39 5.17 5.70
C LEU A 11 -9.63 4.54 7.07
N GLU A 12 -10.16 3.31 7.05
CA GLU A 12 -10.49 2.58 8.28
C GLU A 12 -9.32 2.56 9.26
N GLY A 13 -9.61 2.78 10.53
CA GLY A 13 -8.59 2.85 11.53
C GLY A 13 -7.84 4.17 11.48
N GLY A 14 -6.67 4.17 10.85
CA GLY A 14 -5.92 5.39 10.67
C GLY A 14 -5.07 5.31 9.41
N ILE A 15 -5.58 4.59 8.42
CA ILE A 15 -4.86 4.37 7.17
C ILE A 15 -4.88 5.63 6.33
N ILE A 16 -3.70 6.14 6.01
CA ILE A 16 -3.58 7.34 5.23
C ILE A 16 -2.93 7.03 3.90
N ILE A 17 -3.41 7.64 2.82
CA ILE A 17 -2.87 7.38 1.51
C ILE A 17 -2.70 8.67 0.73
N GLU A 18 -1.51 8.89 0.22
CA GLU A 18 -1.25 10.02 -0.66
C GLU A 18 -0.99 9.52 -2.07
N ASP A 19 -1.65 10.13 -3.03
CA ASP A 19 -1.60 9.65 -4.41
C ASP A 19 -0.44 10.32 -5.14
N ARG A 20 0.59 9.53 -5.41
CA ARG A 20 1.84 10.03 -5.99
C ARG A 20 1.70 10.28 -7.49
N VAL A 21 1.26 9.26 -8.21
CA VAL A 21 1.05 9.37 -9.64
C VAL A 21 -0.35 8.87 -9.98
N THR A 22 -1.23 9.80 -10.30
CA THR A 22 -2.63 9.46 -10.56
C THR A 22 -2.81 8.76 -11.89
N GLY A 23 -3.21 7.50 -11.82
CA GLY A 23 -3.46 6.72 -13.03
C GLY A 23 -4.92 6.38 -13.16
N LYS A 24 -5.30 5.83 -14.30
CA LYS A 24 -6.68 5.45 -14.52
C LYS A 24 -6.77 4.09 -15.21
N GLY A 25 -7.54 3.20 -14.61
CA GLY A 25 -7.79 1.90 -15.19
C GLY A 25 -8.87 1.20 -14.41
N PRO A 26 -8.89 -0.14 -14.43
CA PRO A 26 -9.77 -0.92 -13.56
C PRO A 26 -9.47 -0.63 -12.09
N HIS A 27 -10.49 -0.68 -11.24
CA HIS A 27 -10.32 -0.38 -9.82
C HIS A 27 -10.40 -1.66 -8.97
N ALA A 28 -9.51 -1.74 -7.98
CA ALA A 28 -9.39 -2.92 -7.15
C ALA A 28 -10.55 -3.07 -6.16
N LYS A 29 -10.97 -4.30 -5.96
CA LYS A 29 -12.06 -4.64 -5.07
C LYS A 29 -11.81 -6.04 -4.50
N LYS A 30 -12.53 -6.43 -3.45
CA LYS A 30 -12.42 -7.78 -2.93
C LYS A 30 -12.88 -8.78 -3.98
N GLY A 31 -12.10 -9.85 -4.16
CA GLY A 31 -12.37 -10.80 -5.21
C GLY A 31 -11.61 -10.47 -6.49
N THR A 32 -10.96 -9.32 -6.47
CA THR A 32 -10.17 -8.87 -7.61
C THR A 32 -8.68 -9.10 -7.34
N ARG A 33 -7.92 -9.41 -8.38
CA ARG A 33 -6.49 -9.65 -8.22
C ARG A 33 -5.72 -8.49 -8.85
N VAL A 34 -4.88 -7.86 -8.07
CA VAL A 34 -4.08 -6.75 -8.57
C VAL A 34 -2.61 -7.11 -8.67
N GLY A 35 -1.99 -6.67 -9.74
CA GLY A 35 -0.58 -6.88 -9.94
C GLY A 35 0.15 -5.57 -9.86
N MET A 36 1.01 -5.44 -8.87
CA MET A 36 1.62 -4.16 -8.56
C MET A 36 3.11 -4.27 -8.36
N ARG A 37 3.72 -3.12 -8.12
CA ARG A 37 5.13 -3.01 -7.81
C ARG A 37 5.24 -2.10 -6.59
N TYR A 38 6.20 -2.37 -5.70
CA TYR A 38 6.24 -1.63 -4.45
C TYR A 38 7.60 -1.67 -3.78
N VAL A 39 7.82 -0.70 -2.90
CA VAL A 39 8.99 -0.68 -2.04
C VAL A 39 8.53 -0.47 -0.59
N GLY A 40 8.73 -1.49 0.24
CA GLY A 40 8.26 -1.46 1.61
C GLY A 40 9.33 -0.95 2.56
N LYS A 41 9.06 0.19 3.19
CA LYS A 41 10.02 0.79 4.10
C LYS A 41 9.43 0.98 5.48
N LEU A 42 10.30 1.02 6.47
CA LEU A 42 9.92 1.34 7.84
C LEU A 42 9.80 2.85 7.99
N LYS A 43 9.17 3.30 9.05
CA LYS A 43 9.09 4.73 9.35
C LYS A 43 10.49 5.30 9.54
N ASN A 44 11.42 4.44 9.94
CA ASN A 44 12.80 4.85 10.18
C ASN A 44 13.55 5.07 8.86
N GLY A 45 12.87 4.86 7.74
CA GLY A 45 13.47 5.08 6.44
C GLY A 45 14.26 3.88 5.95
N LYS A 46 14.11 2.76 6.65
CA LYS A 46 14.82 1.55 6.30
C LYS A 46 13.93 0.65 5.43
N VAL A 47 14.43 0.27 4.26
CA VAL A 47 13.69 -0.59 3.36
C VAL A 47 13.86 -2.05 3.76
N PHE A 48 12.78 -2.69 4.18
CA PHE A 48 12.86 -4.09 4.60
C PHE A 48 12.59 -5.03 3.45
N ASP A 49 11.77 -4.61 2.50
CA ASP A 49 11.48 -5.42 1.31
C ASP A 49 11.16 -4.53 0.13
N LYS A 50 11.43 -5.01 -1.07
CA LYS A 50 11.22 -4.22 -2.27
C LYS A 50 11.19 -5.12 -3.51
N ASN A 51 10.21 -4.89 -4.36
CA ASN A 51 10.13 -5.58 -5.63
C ASN A 51 9.33 -4.76 -6.63
N THR A 52 9.97 -4.43 -7.74
CA THR A 52 9.36 -3.56 -8.73
C THR A 52 10.06 -3.67 -10.08
N LYS A 53 11.40 -3.71 -10.08
CA LYS A 53 12.13 -3.79 -11.32
C LYS A 53 12.13 -5.22 -11.87
N GLY A 54 11.19 -5.50 -12.76
CA GLY A 54 11.08 -6.81 -13.35
C GLY A 54 10.28 -7.78 -12.50
N LYS A 55 10.06 -7.41 -11.24
CA LYS A 55 9.31 -8.26 -10.31
C LYS A 55 7.90 -7.72 -10.09
N PRO A 56 6.90 -8.31 -10.76
CA PRO A 56 5.50 -7.99 -10.51
C PRO A 56 4.91 -8.86 -9.40
N PHE A 57 4.23 -8.24 -8.46
CA PHE A 57 3.58 -8.98 -7.39
C PHE A 57 2.07 -8.91 -7.56
N VAL A 58 1.44 -10.06 -7.69
CA VAL A 58 0.00 -10.13 -7.92
C VAL A 58 -0.70 -10.78 -6.74
N PHE A 59 -1.54 -10.02 -6.06
CA PHE A 59 -2.27 -10.55 -4.93
C PHE A 59 -3.76 -10.26 -5.07
N LYS A 60 -4.58 -11.05 -4.41
CA LYS A 60 -6.03 -10.88 -4.47
C LYS A 60 -6.53 -10.13 -3.25
N LEU A 61 -7.42 -9.17 -3.45
CA LEU A 61 -8.05 -8.49 -2.33
C LEU A 61 -9.13 -9.37 -1.75
N GLY A 62 -9.16 -9.47 -0.44
CA GLY A 62 -10.09 -10.37 0.21
C GLY A 62 -9.43 -11.66 0.65
N GLN A 63 -8.15 -11.79 0.36
CA GLN A 63 -7.40 -12.97 0.78
C GLN A 63 -6.83 -12.75 2.18
N GLY A 64 -6.90 -13.77 3.03
CA GLY A 64 -6.42 -13.64 4.38
C GLY A 64 -4.92 -13.81 4.48
N GLU A 65 -4.19 -13.16 3.59
CA GLU A 65 -2.73 -13.23 3.60
C GLU A 65 -2.12 -11.83 3.76
N VAL A 66 -2.90 -10.81 3.46
CA VAL A 66 -2.42 -9.44 3.51
C VAL A 66 -2.87 -8.76 4.79
N ILE A 67 -2.18 -7.68 5.14
CA ILE A 67 -2.56 -6.89 6.30
C ILE A 67 -3.67 -5.92 5.89
N LYS A 68 -4.41 -5.41 6.87
CA LYS A 68 -5.59 -4.59 6.58
C LYS A 68 -5.21 -3.34 5.81
N GLY A 69 -4.06 -2.75 6.14
CA GLY A 69 -3.57 -1.59 5.41
C GLY A 69 -3.50 -1.82 3.92
N TRP A 70 -3.17 -3.05 3.54
CA TRP A 70 -3.09 -3.42 2.13
C TRP A 70 -4.48 -3.57 1.51
N ASP A 71 -5.27 -4.50 2.03
CA ASP A 71 -6.61 -4.77 1.49
C ASP A 71 -7.45 -3.48 1.40
N ILE A 72 -7.27 -2.61 2.39
CA ILE A 72 -8.05 -1.37 2.46
C ILE A 72 -7.42 -0.27 1.61
N GLY A 73 -6.11 -0.08 1.75
CA GLY A 73 -5.42 0.95 0.98
C GLY A 73 -5.42 0.67 -0.51
N VAL A 74 -5.38 -0.59 -0.89
CA VAL A 74 -5.39 -0.99 -2.29
C VAL A 74 -6.82 -0.98 -2.84
N ALA A 75 -7.81 -0.92 -1.95
CA ALA A 75 -9.19 -0.80 -2.37
C ALA A 75 -9.39 0.53 -3.08
N GLY A 76 -9.73 0.48 -4.36
CA GLY A 76 -9.86 1.69 -5.15
C GLY A 76 -8.55 2.11 -5.77
N MET A 77 -7.63 1.16 -5.93
CA MET A 77 -6.39 1.41 -6.62
C MET A 77 -6.62 1.32 -8.12
N ALA A 78 -5.83 2.04 -8.90
CA ALA A 78 -6.02 2.08 -10.34
C ALA A 78 -4.78 1.62 -11.08
N VAL A 79 -4.97 0.71 -12.02
CA VAL A 79 -3.89 0.27 -12.89
C VAL A 79 -3.26 1.45 -13.63
N GLY A 80 -1.99 1.68 -13.40
CA GLY A 80 -1.30 2.81 -14.00
C GLY A 80 -1.00 3.89 -12.99
N GLY A 81 -1.57 3.75 -11.80
CA GLY A 81 -1.37 4.75 -10.77
C GLY A 81 -0.42 4.28 -9.69
N GLU A 82 0.13 5.24 -8.96
CA GLU A 82 1.05 4.97 -7.86
C GLU A 82 0.71 5.85 -6.67
N ARG A 83 0.67 5.25 -5.48
CA ARG A 83 0.36 6.00 -4.29
C ARG A 83 1.11 5.46 -3.08
N ARG A 84 1.44 6.36 -2.18
CA ARG A 84 2.12 6.00 -0.96
C ARG A 84 1.11 5.66 0.11
N ILE A 85 1.17 4.42 0.60
CA ILE A 85 0.27 3.97 1.63
C ILE A 85 0.94 4.06 2.99
N VAL A 86 0.34 4.84 3.86
CA VAL A 86 0.85 5.05 5.19
C VAL A 86 0.01 4.25 6.17
N ILE A 87 0.58 3.19 6.72
CA ILE A 87 -0.17 2.26 7.54
C ILE A 87 0.34 2.27 8.98
N PRO A 88 -0.44 2.86 9.90
CA PRO A 88 -0.16 2.77 11.34
C PRO A 88 -0.06 1.32 11.79
N ALA A 89 0.74 1.09 12.84
CA ALA A 89 1.04 -0.25 13.33
C ALA A 89 -0.20 -1.17 13.48
N PRO A 90 -1.31 -0.72 14.12
CA PRO A 90 -2.49 -1.57 14.37
C PRO A 90 -3.03 -2.28 13.12
N TYR A 91 -2.83 -1.66 11.96
CA TYR A 91 -3.39 -2.20 10.72
C TYR A 91 -2.32 -2.83 9.84
N ALA A 92 -1.10 -2.88 10.34
CA ALA A 92 0.00 -3.45 9.58
C ALA A 92 0.59 -4.69 10.25
N TYR A 93 0.53 -4.73 11.58
CA TYR A 93 1.12 -5.84 12.35
C TYR A 93 0.60 -5.82 13.78
N GLY A 94 0.32 -4.63 14.29
CA GLY A 94 -0.23 -4.50 15.62
C GLY A 94 0.82 -4.10 16.62
N LYS A 95 0.91 -4.85 17.71
CA LYS A 95 1.86 -4.56 18.77
C LYS A 95 2.96 -5.62 18.79
N GLN A 96 3.00 -6.43 17.74
CA GLN A 96 3.96 -7.53 17.65
C GLN A 96 5.28 -7.03 17.08
N ALA A 97 6.26 -6.83 17.95
CA ALA A 97 7.57 -6.36 17.53
C ALA A 97 8.38 -7.47 16.89
N LEU A 98 8.32 -7.54 15.56
CA LEU A 98 9.09 -8.50 14.79
C LEU A 98 10.55 -8.06 14.76
N PRO A 99 11.50 -9.00 14.56
CA PRO A 99 12.90 -8.65 14.38
C PRO A 99 13.08 -7.69 13.21
N GLY A 100 13.50 -6.47 13.51
CA GLY A 100 13.67 -5.45 12.49
C GLY A 100 12.48 -4.51 12.39
N ILE A 101 11.29 -5.02 12.73
CA ILE A 101 10.07 -4.23 12.67
C ILE A 101 9.37 -4.22 14.02
N PRO A 102 9.74 -3.30 14.91
CA PRO A 102 9.13 -3.19 16.23
C PRO A 102 7.75 -2.55 16.18
N ALA A 103 7.00 -2.67 17.28
CA ALA A 103 5.65 -2.14 17.36
C ALA A 103 5.64 -0.61 17.27
N ASN A 104 4.48 -0.05 16.92
CA ASN A 104 4.28 1.40 16.80
C ASN A 104 4.95 1.96 15.55
N SER A 105 5.73 1.14 14.87
CA SER A 105 6.40 1.55 13.65
C SER A 105 5.41 1.75 12.51
N GLU A 106 5.28 2.99 12.08
CA GLU A 106 4.40 3.33 10.96
C GLU A 106 5.02 2.86 9.65
N LEU A 107 4.47 1.80 9.08
CA LEU A 107 5.01 1.25 7.84
C LEU A 107 4.57 2.08 6.64
N THR A 108 5.46 2.25 5.69
CA THR A 108 5.16 3.04 4.51
C THR A 108 5.40 2.20 3.25
N PHE A 109 4.38 2.09 2.42
CA PHE A 109 4.47 1.29 1.20
C PHE A 109 4.25 2.15 -0.04
N ASP A 110 5.29 2.32 -0.83
CA ASP A 110 5.17 3.01 -2.11
C ASP A 110 4.75 2.01 -3.17
N VAL A 111 3.49 2.05 -3.58
CA VAL A 111 2.96 1.04 -4.49
C VAL A 111 2.42 1.67 -5.78
N LYS A 112 2.74 1.03 -6.90
CA LYS A 112 2.13 1.38 -8.18
C LYS A 112 1.49 0.14 -8.78
N LEU A 113 0.30 0.31 -9.32
CA LEU A 113 -0.45 -0.80 -9.88
C LEU A 113 -0.20 -0.87 -11.38
N VAL A 114 0.06 -2.08 -11.89
CA VAL A 114 0.44 -2.23 -13.30
C VAL A 114 -0.42 -3.26 -14.01
N SER A 115 -1.29 -3.94 -13.26
CA SER A 115 -2.14 -4.98 -13.83
C SER A 115 -3.27 -5.35 -12.87
N MET A 116 -4.31 -5.95 -13.42
CA MET A 116 -5.46 -6.39 -12.63
C MET A 116 -6.30 -7.37 -13.45
N LYS A 117 -7.05 -8.21 -12.75
CA LYS A 117 -8.00 -9.14 -13.35
C LYS A 117 -7.29 -10.24 -14.13
N GLY A 1 -1.55 22.00 -14.52
CA GLY A 1 -2.18 22.17 -13.18
C GLY A 1 -1.19 21.91 -12.07
N ALA A 2 -1.51 22.37 -10.87
CA ALA A 2 -0.64 22.18 -9.72
C ALA A 2 -1.24 21.19 -8.74
N MET A 3 -0.45 20.80 -7.74
CA MET A 3 -0.91 19.85 -6.74
C MET A 3 -1.37 20.60 -5.50
N ALA A 4 -0.61 21.64 -5.15
CA ALA A 4 -0.88 22.47 -3.98
C ALA A 4 -0.80 21.66 -2.68
N LYS A 5 0.43 21.40 -2.25
CA LYS A 5 0.73 20.68 -1.00
C LYS A 5 0.36 19.20 -1.12
N PRO A 6 0.91 18.36 -0.23
CA PRO A 6 0.55 16.93 -0.19
C PRO A 6 -0.93 16.72 0.13
N LYS A 7 -1.68 16.27 -0.85
CA LYS A 7 -3.11 16.07 -0.68
C LYS A 7 -3.39 14.64 -0.22
N THR A 8 -2.97 14.36 1.01
CA THR A 8 -3.13 13.02 1.58
C THR A 8 -4.48 12.88 2.29
N LYS A 9 -4.97 11.65 2.30
CA LYS A 9 -6.31 11.35 2.81
C LYS A 9 -6.24 10.41 3.99
N LEU A 10 -7.13 10.63 4.94
CA LEU A 10 -7.18 9.84 6.15
C LEU A 10 -8.30 8.82 6.09
N LEU A 11 -7.95 7.56 6.27
CA LEU A 11 -8.93 6.48 6.26
C LEU A 11 -9.01 5.85 7.64
N GLU A 12 -9.79 4.79 7.77
CA GLU A 12 -9.96 4.10 9.05
C GLU A 12 -8.61 3.63 9.61
N GLY A 13 -8.49 3.68 10.92
CA GLY A 13 -7.27 3.25 11.59
C GLY A 13 -6.09 4.19 11.40
N GLY A 14 -6.31 5.28 10.67
CA GLY A 14 -5.24 6.24 10.45
C GLY A 14 -4.50 6.02 9.15
N ILE A 15 -5.05 5.18 8.27
CA ILE A 15 -4.41 4.88 7.01
C ILE A 15 -4.38 6.11 6.11
N ILE A 16 -3.19 6.52 5.71
CA ILE A 16 -3.00 7.66 4.84
C ILE A 16 -2.66 7.18 3.42
N ILE A 17 -3.23 7.83 2.42
CA ILE A 17 -2.92 7.50 1.04
C ILE A 17 -2.52 8.76 0.27
N GLU A 18 -1.39 8.66 -0.41
CA GLU A 18 -0.87 9.74 -1.24
C GLU A 18 -0.78 9.29 -2.68
N ASP A 19 -1.51 9.93 -3.59
CA ASP A 19 -1.50 9.53 -4.98
C ASP A 19 -0.37 10.27 -5.69
N ARG A 20 0.77 9.61 -5.81
CA ARG A 20 2.00 10.23 -6.30
C ARG A 20 1.97 10.40 -7.82
N VAL A 21 1.59 9.36 -8.54
CA VAL A 21 1.38 9.48 -9.97
C VAL A 21 -0.06 9.16 -10.30
N THR A 22 -0.82 10.22 -10.55
CA THR A 22 -2.25 10.11 -10.76
C THR A 22 -2.60 9.26 -11.97
N GLY A 23 -3.22 8.12 -11.72
CA GLY A 23 -3.65 7.24 -12.78
C GLY A 23 -5.15 7.02 -12.77
N LYS A 24 -5.71 6.75 -13.93
CA LYS A 24 -7.14 6.52 -14.06
C LYS A 24 -7.40 5.21 -14.79
N GLY A 25 -7.98 4.27 -14.07
CA GLY A 25 -8.27 2.96 -14.65
C GLY A 25 -9.13 2.11 -13.75
N PRO A 26 -9.06 0.78 -13.88
CA PRO A 26 -9.82 -0.14 -13.04
C PRO A 26 -9.46 -0.02 -11.56
N HIS A 27 -10.46 -0.04 -10.70
CA HIS A 27 -10.23 0.03 -9.25
C HIS A 27 -10.36 -1.35 -8.63
N ALA A 28 -9.42 -1.69 -7.76
CA ALA A 28 -9.39 -2.99 -7.11
C ALA A 28 -10.53 -3.12 -6.08
N LYS A 29 -11.24 -4.25 -6.15
CA LYS A 29 -12.30 -4.56 -5.20
C LYS A 29 -11.91 -5.81 -4.43
N LYS A 30 -12.74 -6.22 -3.48
CA LYS A 30 -12.52 -7.48 -2.79
C LYS A 30 -12.77 -8.64 -3.76
N GLY A 31 -11.83 -9.58 -3.78
CA GLY A 31 -11.92 -10.69 -4.71
C GLY A 31 -11.35 -10.36 -6.08
N THR A 32 -10.71 -9.19 -6.19
CA THR A 32 -10.07 -8.79 -7.43
C THR A 32 -8.58 -9.14 -7.39
N ARG A 33 -8.01 -9.46 -8.55
CA ARG A 33 -6.60 -9.77 -8.64
C ARG A 33 -5.86 -8.58 -9.21
N VAL A 34 -4.78 -8.18 -8.57
CA VAL A 34 -4.04 -7.02 -9.01
C VAL A 34 -2.55 -7.31 -9.11
N GLY A 35 -1.95 -6.82 -10.19
CA GLY A 35 -0.52 -6.95 -10.38
C GLY A 35 0.15 -5.61 -10.17
N MET A 36 1.04 -5.55 -9.22
CA MET A 36 1.62 -4.28 -8.81
C MET A 36 3.10 -4.37 -8.53
N ARG A 37 3.68 -3.22 -8.21
CA ARG A 37 5.08 -3.11 -7.80
C ARG A 37 5.11 -2.22 -6.58
N TYR A 38 6.01 -2.48 -5.64
CA TYR A 38 5.98 -1.74 -4.38
C TYR A 38 7.30 -1.82 -3.61
N VAL A 39 7.47 -0.85 -2.73
CA VAL A 39 8.61 -0.82 -1.83
C VAL A 39 8.12 -0.69 -0.39
N GLY A 40 8.56 -1.58 0.48
CA GLY A 40 8.16 -1.55 1.88
C GLY A 40 9.17 -0.85 2.76
N LYS A 41 8.82 0.35 3.19
CA LYS A 41 9.74 1.19 3.96
C LYS A 41 9.25 1.40 5.39
N LEU A 42 10.18 1.66 6.28
CA LEU A 42 9.86 2.08 7.63
C LEU A 42 9.75 3.61 7.66
N LYS A 43 9.15 4.15 8.72
CA LYS A 43 9.02 5.61 8.84
C LYS A 43 10.39 6.27 9.01
N ASN A 44 11.36 5.49 9.45
CA ASN A 44 12.73 6.01 9.62
C ASN A 44 13.50 5.97 8.31
N GLY A 45 12.82 5.59 7.23
CA GLY A 45 13.42 5.62 5.90
C GLY A 45 14.09 4.33 5.52
N LYS A 46 14.23 3.41 6.48
CA LYS A 46 14.88 2.14 6.23
C LYS A 46 13.93 1.19 5.50
N VAL A 47 14.37 0.71 4.35
CA VAL A 47 13.56 -0.21 3.55
C VAL A 47 13.76 -1.65 4.02
N PHE A 48 12.66 -2.35 4.29
CA PHE A 48 12.76 -3.72 4.75
C PHE A 48 12.50 -4.72 3.64
N ASP A 49 11.60 -4.38 2.72
CA ASP A 49 11.32 -5.27 1.58
C ASP A 49 10.97 -4.43 0.35
N LYS A 50 10.91 -5.08 -0.82
CA LYS A 50 10.72 -4.36 -2.06
C LYS A 50 10.61 -5.31 -3.26
N ASN A 51 9.75 -4.95 -4.19
CA ASN A 51 9.75 -5.56 -5.51
C ASN A 51 9.25 -4.56 -6.53
N THR A 52 10.11 -4.23 -7.48
CA THR A 52 9.79 -3.20 -8.47
C THR A 52 10.49 -3.48 -9.79
N LYS A 53 11.82 -3.60 -9.73
CA LYS A 53 12.62 -3.80 -10.94
C LYS A 53 12.43 -5.20 -11.51
N GLY A 54 11.51 -5.32 -12.45
CA GLY A 54 11.29 -6.59 -13.13
C GLY A 54 10.44 -7.55 -12.32
N LYS A 55 10.20 -7.23 -11.06
CA LYS A 55 9.45 -8.11 -10.18
C LYS A 55 8.03 -7.58 -9.98
N PRO A 56 7.04 -8.15 -10.68
CA PRO A 56 5.65 -7.85 -10.46
C PRO A 56 5.02 -8.75 -9.39
N PHE A 57 4.24 -8.16 -8.50
CA PHE A 57 3.56 -8.94 -7.47
C PHE A 57 2.07 -8.93 -7.75
N VAL A 58 1.49 -10.11 -7.88
CA VAL A 58 0.08 -10.24 -8.21
C VAL A 58 -0.65 -10.97 -7.10
N PHE A 59 -1.57 -10.27 -6.44
CA PHE A 59 -2.31 -10.87 -5.33
C PHE A 59 -3.80 -10.57 -5.47
N LYS A 60 -4.61 -11.19 -4.61
CA LYS A 60 -6.04 -10.99 -4.65
C LYS A 60 -6.52 -10.36 -3.34
N LEU A 61 -7.45 -9.44 -3.44
CA LEU A 61 -8.01 -8.78 -2.24
C LEU A 61 -9.03 -9.68 -1.58
N GLY A 62 -9.18 -9.54 -0.26
CA GLY A 62 -10.06 -10.39 0.48
C GLY A 62 -9.34 -11.61 1.04
N GLN A 63 -8.02 -11.62 0.93
CA GLN A 63 -7.23 -12.73 1.42
C GLN A 63 -6.65 -12.42 2.80
N GLY A 64 -6.24 -13.47 3.51
CA GLY A 64 -5.69 -13.28 4.84
C GLY A 64 -4.17 -13.31 4.84
N GLU A 65 -3.58 -13.40 3.65
CA GLU A 65 -2.13 -13.41 3.52
C GLU A 65 -1.57 -12.02 3.75
N VAL A 66 -2.33 -11.00 3.36
CA VAL A 66 -1.88 -9.62 3.49
C VAL A 66 -2.53 -8.95 4.71
N ILE A 67 -1.89 -7.90 5.22
CA ILE A 67 -2.43 -7.16 6.36
C ILE A 67 -3.65 -6.35 5.92
N LYS A 68 -4.45 -5.92 6.89
CA LYS A 68 -5.68 -5.19 6.60
C LYS A 68 -5.40 -3.87 5.89
N GLY A 69 -4.33 -3.19 6.27
CA GLY A 69 -3.93 -1.98 5.60
C GLY A 69 -3.82 -2.15 4.09
N TRP A 70 -3.36 -3.33 3.67
CA TRP A 70 -3.27 -3.65 2.26
C TRP A 70 -4.65 -3.90 1.66
N ASP A 71 -5.34 -4.91 2.19
CA ASP A 71 -6.68 -5.28 1.73
C ASP A 71 -7.62 -4.06 1.64
N ILE A 72 -7.43 -3.10 2.55
CA ILE A 72 -8.24 -1.89 2.54
C ILE A 72 -7.65 -0.82 1.61
N GLY A 73 -6.38 -0.48 1.82
CA GLY A 73 -5.74 0.55 1.02
C GLY A 73 -5.69 0.26 -0.47
N VAL A 74 -5.49 -1.01 -0.81
CA VAL A 74 -5.42 -1.43 -2.21
C VAL A 74 -6.81 -1.38 -2.85
N ALA A 75 -7.85 -1.49 -2.02
CA ALA A 75 -9.21 -1.37 -2.51
C ALA A 75 -9.45 0.05 -3.01
N GLY A 76 -9.56 0.20 -4.32
CA GLY A 76 -9.70 1.52 -4.92
C GLY A 76 -8.44 1.94 -5.65
N MET A 77 -7.46 1.05 -5.71
CA MET A 77 -6.22 1.31 -6.45
C MET A 77 -6.52 1.24 -7.95
N ALA A 78 -5.91 2.13 -8.72
CA ALA A 78 -6.15 2.20 -10.17
C ALA A 78 -4.95 1.69 -10.94
N VAL A 79 -5.21 0.82 -11.92
CA VAL A 79 -4.16 0.33 -12.80
C VAL A 79 -3.47 1.50 -13.51
N GLY A 80 -2.19 1.67 -13.23
CA GLY A 80 -1.44 2.77 -13.79
C GLY A 80 -1.07 3.78 -12.73
N GLY A 81 -1.78 3.73 -11.61
CA GLY A 81 -1.57 4.70 -10.55
C GLY A 81 -0.42 4.33 -9.64
N GLU A 82 0.24 5.34 -9.11
CA GLU A 82 1.38 5.17 -8.20
C GLU A 82 1.13 5.98 -6.93
N ARG A 83 1.04 5.31 -5.79
CA ARG A 83 0.65 5.99 -4.56
C ARG A 83 1.36 5.43 -3.33
N ARG A 84 1.60 6.29 -2.36
CA ARG A 84 2.12 5.87 -1.07
C ARG A 84 0.97 5.53 -0.13
N ILE A 85 1.03 4.36 0.46
CA ILE A 85 0.06 3.97 1.46
C ILE A 85 0.74 3.91 2.82
N VAL A 86 0.30 4.73 3.75
CA VAL A 86 0.86 4.74 5.09
C VAL A 86 -0.02 3.90 6.01
N ILE A 87 0.56 2.84 6.55
CA ILE A 87 -0.20 1.90 7.34
C ILE A 87 0.27 1.90 8.79
N PRO A 88 -0.51 2.52 9.68
CA PRO A 88 -0.25 2.51 11.12
C PRO A 88 -0.25 1.09 11.68
N ALA A 89 0.38 0.95 12.85
CA ALA A 89 0.55 -0.35 13.50
C ALA A 89 -0.72 -1.20 13.57
N PRO A 90 -1.87 -0.65 14.06
CA PRO A 90 -3.08 -1.46 14.31
C PRO A 90 -3.59 -2.23 13.08
N TYR A 91 -3.30 -1.72 11.89
CA TYR A 91 -3.80 -2.35 10.68
C TYR A 91 -2.71 -3.16 9.99
N ALA A 92 -1.61 -3.37 10.70
CA ALA A 92 -0.55 -4.23 10.23
C ALA A 92 -0.20 -5.28 11.29
N TYR A 93 1.02 -5.23 11.81
CA TYR A 93 1.46 -6.22 12.80
C TYR A 93 1.06 -5.80 14.22
N GLY A 94 0.67 -4.55 14.38
CA GLY A 94 0.16 -4.07 15.65
C GLY A 94 1.18 -4.13 16.77
N LYS A 95 0.96 -5.05 17.70
CA LYS A 95 1.81 -5.16 18.89
C LYS A 95 2.78 -6.33 18.77
N GLN A 96 2.85 -6.94 17.60
CA GLN A 96 3.76 -8.06 17.40
C GLN A 96 5.12 -7.55 16.94
N ALA A 97 6.05 -7.47 17.88
CA ALA A 97 7.40 -7.04 17.57
C ALA A 97 8.18 -8.13 16.85
N LEU A 98 8.46 -7.88 15.58
CA LEU A 98 9.26 -8.80 14.76
C LEU A 98 10.67 -8.25 14.66
N PRO A 99 11.65 -9.09 14.30
CA PRO A 99 13.01 -8.63 14.06
C PRO A 99 13.05 -7.60 12.94
N GLY A 100 13.41 -6.37 13.27
CA GLY A 100 13.45 -5.32 12.29
C GLY A 100 12.14 -4.55 12.21
N ILE A 101 11.06 -5.16 12.69
CA ILE A 101 9.73 -4.55 12.67
C ILE A 101 9.05 -4.67 14.03
N PRO A 102 9.42 -3.81 14.99
CA PRO A 102 8.88 -3.85 16.34
C PRO A 102 7.43 -3.40 16.41
N ALA A 103 6.80 -3.66 17.55
CA ALA A 103 5.41 -3.25 17.79
C ALA A 103 5.26 -1.76 17.61
N ASN A 104 4.06 -1.33 17.22
CA ASN A 104 3.76 0.08 16.97
C ASN A 104 4.57 0.59 15.79
N SER A 105 4.83 -0.31 14.84
CA SER A 105 5.55 0.03 13.63
C SER A 105 4.66 0.78 12.64
N GLU A 106 5.03 2.02 12.36
CA GLU A 106 4.30 2.84 11.40
C GLU A 106 4.94 2.67 10.02
N LEU A 107 4.31 1.84 9.20
CA LEU A 107 4.89 1.42 7.93
C LEU A 107 4.43 2.30 6.77
N THR A 108 5.28 2.45 5.77
CA THR A 108 4.95 3.18 4.57
C THR A 108 5.23 2.34 3.33
N PHE A 109 4.25 2.21 2.46
CA PHE A 109 4.40 1.39 1.27
C PHE A 109 4.22 2.22 0.00
N ASP A 110 5.31 2.35 -0.75
CA ASP A 110 5.26 2.97 -2.06
C ASP A 110 4.74 1.95 -3.05
N VAL A 111 3.49 2.08 -3.48
CA VAL A 111 2.86 1.06 -4.29
C VAL A 111 2.28 1.61 -5.59
N LYS A 112 2.60 0.94 -6.69
CA LYS A 112 2.05 1.30 -7.99
C LYS A 112 1.40 0.09 -8.63
N LEU A 113 0.19 0.26 -9.14
CA LEU A 113 -0.54 -0.83 -9.74
C LEU A 113 -0.30 -0.81 -11.24
N VAL A 114 -0.09 -1.97 -11.85
CA VAL A 114 0.25 -2.03 -13.26
C VAL A 114 -0.68 -2.97 -14.03
N SER A 115 -1.54 -3.69 -13.33
CA SER A 115 -2.42 -4.65 -13.97
C SER A 115 -3.51 -5.13 -13.02
N MET A 116 -4.56 -5.74 -13.57
CA MET A 116 -5.68 -6.26 -12.79
C MET A 116 -6.42 -7.33 -13.58
N LYS A 117 -6.96 -8.31 -12.86
CA LYS A 117 -7.74 -9.37 -13.47
C LYS A 117 -8.97 -9.67 -12.62
N GLY A 1 1.52 28.89 -9.82
CA GLY A 1 2.72 28.42 -9.08
C GLY A 1 2.58 26.97 -8.66
N ALA A 2 3.54 26.49 -7.89
CA ALA A 2 3.50 25.13 -7.38
C ALA A 2 2.84 25.10 -6.00
N MET A 3 2.45 23.91 -5.55
CA MET A 3 1.81 23.78 -4.26
C MET A 3 2.80 23.21 -3.24
N ALA A 4 2.56 23.48 -1.97
CA ALA A 4 3.45 23.01 -0.93
C ALA A 4 2.66 22.32 0.18
N LYS A 5 1.83 21.36 -0.19
CA LYS A 5 1.06 20.59 0.78
C LYS A 5 0.66 19.23 0.19
N PRO A 6 1.06 18.15 0.87
CA PRO A 6 0.70 16.79 0.44
C PRO A 6 -0.79 16.55 0.54
N LYS A 7 -1.43 16.36 -0.61
CA LYS A 7 -2.87 16.15 -0.65
C LYS A 7 -3.19 14.67 -0.46
N THR A 8 -3.51 14.30 0.76
CA THR A 8 -3.72 12.90 1.11
C THR A 8 -5.20 12.59 1.34
N LYS A 9 -5.50 11.31 1.51
CA LYS A 9 -6.84 10.86 1.83
C LYS A 9 -6.79 9.85 2.98
N LEU A 10 -7.75 9.93 3.87
CA LEU A 10 -7.80 9.03 5.01
C LEU A 10 -8.70 7.84 4.74
N LEU A 11 -8.13 6.65 4.84
CA LEU A 11 -8.88 5.41 4.67
C LEU A 11 -9.32 4.85 6.02
N GLU A 12 -9.85 3.63 6.01
CA GLU A 12 -10.29 2.95 7.23
C GLU A 12 -9.19 2.92 8.29
N GLY A 13 -9.59 3.02 9.55
CA GLY A 13 -8.64 3.04 10.64
C GLY A 13 -7.90 4.35 10.70
N GLY A 14 -6.66 4.34 10.21
CA GLY A 14 -5.88 5.56 10.14
C GLY A 14 -4.95 5.50 8.95
N ILE A 15 -5.35 4.72 7.95
CA ILE A 15 -4.53 4.48 6.77
C ILE A 15 -4.50 5.72 5.89
N ILE A 16 -3.31 6.19 5.59
CA ILE A 16 -3.15 7.41 4.80
C ILE A 16 -2.67 7.06 3.41
N ILE A 17 -3.20 7.73 2.40
CA ILE A 17 -2.77 7.51 1.03
C ILE A 17 -2.41 8.82 0.35
N GLU A 18 -1.21 8.84 -0.21
CA GLU A 18 -0.70 9.99 -0.95
C GLU A 18 -0.52 9.60 -2.40
N ASP A 19 -1.23 10.27 -3.29
CA ASP A 19 -1.21 9.87 -4.70
C ASP A 19 0.04 10.42 -5.38
N ARG A 20 0.92 9.53 -5.79
CA ARG A 20 2.21 9.90 -6.35
C ARG A 20 2.09 10.16 -7.85
N VAL A 21 1.59 9.16 -8.57
CA VAL A 21 1.38 9.26 -10.01
C VAL A 21 -0.07 8.96 -10.35
N THR A 22 -0.71 9.89 -11.05
CA THR A 22 -2.11 9.77 -11.40
C THR A 22 -2.35 8.58 -12.35
N GLY A 23 -3.46 7.89 -12.13
CA GLY A 23 -3.85 6.81 -12.99
C GLY A 23 -5.35 6.66 -13.02
N LYS A 24 -5.89 6.34 -14.19
CA LYS A 24 -7.31 6.11 -14.31
C LYS A 24 -7.59 4.82 -15.07
N GLY A 25 -8.23 3.88 -14.39
CA GLY A 25 -8.50 2.59 -14.95
C GLY A 25 -9.41 1.79 -14.05
N PRO A 26 -9.37 0.44 -14.13
CA PRO A 26 -10.14 -0.42 -13.24
C PRO A 26 -9.73 -0.23 -11.79
N HIS A 27 -10.72 -0.10 -10.90
CA HIS A 27 -10.45 0.05 -9.48
C HIS A 27 -10.53 -1.29 -8.78
N ALA A 28 -9.51 -1.59 -8.00
CA ALA A 28 -9.43 -2.84 -7.27
C ALA A 28 -10.50 -2.91 -6.17
N LYS A 29 -11.18 -4.04 -6.12
CA LYS A 29 -12.13 -4.30 -5.04
C LYS A 29 -11.86 -5.69 -4.48
N LYS A 30 -12.62 -6.09 -3.47
CA LYS A 30 -12.43 -7.41 -2.89
C LYS A 30 -12.79 -8.50 -3.90
N GLY A 31 -11.94 -9.52 -3.98
CA GLY A 31 -12.13 -10.56 -4.98
C GLY A 31 -11.34 -10.27 -6.25
N THR A 32 -10.75 -9.09 -6.33
CA THR A 32 -10.01 -8.68 -7.52
C THR A 32 -8.55 -9.10 -7.41
N ARG A 33 -7.93 -9.37 -8.56
CA ARG A 33 -6.54 -9.81 -8.59
C ARG A 33 -5.70 -8.75 -9.30
N VAL A 34 -4.98 -7.98 -8.52
CA VAL A 34 -4.21 -6.88 -9.05
C VAL A 34 -2.73 -7.19 -9.16
N GLY A 35 -2.09 -6.60 -10.16
CA GLY A 35 -0.66 -6.75 -10.34
C GLY A 35 0.05 -5.43 -10.12
N MET A 36 0.92 -5.39 -9.13
CA MET A 36 1.54 -4.14 -8.71
C MET A 36 3.01 -4.30 -8.39
N ARG A 37 3.61 -3.18 -8.05
CA ARG A 37 5.00 -3.12 -7.63
C ARG A 37 5.08 -2.22 -6.41
N TYR A 38 6.06 -2.40 -5.53
CA TYR A 38 6.08 -1.64 -4.29
C TYR A 38 7.46 -1.59 -3.64
N VAL A 39 7.64 -0.57 -2.80
CA VAL A 39 8.81 -0.47 -1.94
C VAL A 39 8.36 -0.28 -0.50
N GLY A 40 8.44 -1.35 0.29
CA GLY A 40 8.02 -1.31 1.68
C GLY A 40 9.13 -0.84 2.60
N LYS A 41 8.96 0.36 3.14
CA LYS A 41 9.98 0.99 3.96
C LYS A 41 9.42 1.41 5.32
N LEU A 42 10.31 1.52 6.29
CA LEU A 42 9.94 1.98 7.62
C LEU A 42 9.85 3.51 7.67
N LYS A 43 9.38 4.02 8.81
CA LYS A 43 9.23 5.45 9.02
C LYS A 43 10.59 6.14 9.03
N ASN A 44 11.64 5.38 9.30
CA ASN A 44 13.00 5.91 9.35
C ASN A 44 13.69 5.80 7.99
N GLY A 45 12.98 5.23 7.02
CA GLY A 45 13.53 5.10 5.68
C GLY A 45 14.13 3.75 5.41
N LYS A 46 14.20 2.90 6.44
CA LYS A 46 14.78 1.58 6.28
C LYS A 46 13.83 0.68 5.49
N VAL A 47 14.23 0.32 4.29
CA VAL A 47 13.42 -0.55 3.45
C VAL A 47 13.63 -2.01 3.85
N PHE A 48 12.53 -2.70 4.17
CA PHE A 48 12.62 -4.08 4.62
C PHE A 48 12.24 -5.05 3.50
N ASP A 49 11.33 -4.64 2.63
CA ASP A 49 10.89 -5.50 1.53
C ASP A 49 10.52 -4.66 0.33
N LYS A 50 11.01 -5.05 -0.83
CA LYS A 50 10.81 -4.25 -2.04
C LYS A 50 10.87 -5.11 -3.29
N ASN A 51 9.93 -4.89 -4.19
CA ASN A 51 9.98 -5.49 -5.52
C ASN A 51 9.37 -4.55 -6.54
N THR A 52 10.20 -4.12 -7.46
CA THR A 52 9.78 -3.23 -8.53
C THR A 52 10.48 -3.59 -9.84
N LYS A 53 11.77 -3.92 -9.74
CA LYS A 53 12.56 -4.26 -10.91
C LYS A 53 12.32 -5.71 -11.34
N GLY A 54 11.52 -5.88 -12.38
CA GLY A 54 11.29 -7.18 -12.95
C GLY A 54 10.36 -8.06 -12.13
N LYS A 55 10.09 -7.66 -10.89
CA LYS A 55 9.24 -8.45 -10.01
C LYS A 55 7.85 -7.83 -9.88
N PRO A 56 6.86 -8.38 -10.60
CA PRO A 56 5.48 -7.99 -10.47
C PRO A 56 4.77 -8.80 -9.37
N PHE A 57 4.14 -8.10 -8.43
CA PHE A 57 3.43 -8.76 -7.36
C PHE A 57 1.94 -8.78 -7.66
N VAL A 58 1.37 -9.98 -7.76
CA VAL A 58 -0.04 -10.13 -8.07
C VAL A 58 -0.75 -10.85 -6.94
N PHE A 59 -1.66 -10.18 -6.27
CA PHE A 59 -2.38 -10.78 -5.16
C PHE A 59 -3.87 -10.53 -5.31
N LYS A 60 -4.66 -11.35 -4.65
CA LYS A 60 -6.11 -11.18 -4.66
C LYS A 60 -6.57 -10.48 -3.38
N LEU A 61 -7.35 -9.43 -3.53
CA LEU A 61 -7.94 -8.76 -2.38
C LEU A 61 -8.90 -9.71 -1.66
N GLY A 62 -8.59 -10.03 -0.43
CA GLY A 62 -9.33 -11.06 0.28
C GLY A 62 -8.41 -12.10 0.90
N GLN A 63 -7.12 -11.79 0.89
CA GLN A 63 -6.13 -12.65 1.52
C GLN A 63 -6.02 -12.33 3.00
N GLY A 64 -5.83 -13.36 3.80
CA GLY A 64 -5.61 -13.18 5.22
C GLY A 64 -4.13 -13.19 5.54
N GLU A 65 -3.33 -13.47 4.51
CA GLU A 65 -1.88 -13.51 4.64
C GLU A 65 -1.28 -12.10 4.51
N VAL A 66 -2.05 -11.20 3.91
CA VAL A 66 -1.65 -9.80 3.81
C VAL A 66 -2.25 -9.02 4.97
N ILE A 67 -1.62 -7.92 5.35
CA ILE A 67 -2.13 -7.10 6.44
C ILE A 67 -3.35 -6.31 5.97
N LYS A 68 -4.23 -5.95 6.91
CA LYS A 68 -5.50 -5.29 6.57
C LYS A 68 -5.27 -3.97 5.85
N GLY A 69 -4.16 -3.30 6.16
CA GLY A 69 -3.79 -2.09 5.45
C GLY A 69 -3.68 -2.30 3.95
N TRP A 70 -3.36 -3.51 3.54
CA TRP A 70 -3.25 -3.85 2.13
C TRP A 70 -4.61 -4.15 1.51
N ASP A 71 -5.28 -5.18 2.02
CA ASP A 71 -6.62 -5.56 1.57
C ASP A 71 -7.56 -4.35 1.49
N ILE A 72 -7.41 -3.43 2.43
CA ILE A 72 -8.22 -2.23 2.46
C ILE A 72 -7.60 -1.10 1.62
N GLY A 73 -6.33 -0.79 1.86
CA GLY A 73 -5.66 0.30 1.17
C GLY A 73 -5.61 0.13 -0.34
N VAL A 74 -5.42 -1.11 -0.79
CA VAL A 74 -5.34 -1.41 -2.21
C VAL A 74 -6.72 -1.32 -2.87
N ALA A 75 -7.76 -1.46 -2.06
CA ALA A 75 -9.13 -1.38 -2.57
C ALA A 75 -9.46 0.05 -2.96
N GLY A 76 -9.50 0.30 -4.26
CA GLY A 76 -9.74 1.64 -4.75
C GLY A 76 -8.61 2.15 -5.62
N MET A 77 -7.55 1.35 -5.76
CA MET A 77 -6.45 1.72 -6.64
C MET A 77 -6.77 1.36 -8.08
N ALA A 78 -6.31 2.20 -9.00
CA ALA A 78 -6.53 1.99 -10.42
C ALA A 78 -5.23 1.59 -11.11
N VAL A 79 -5.37 0.77 -12.16
CA VAL A 79 -4.22 0.37 -12.96
C VAL A 79 -3.51 1.58 -13.54
N GLY A 80 -2.25 1.76 -13.16
CA GLY A 80 -1.49 2.91 -13.59
C GLY A 80 -1.23 3.86 -12.44
N GLY A 81 -2.13 3.81 -11.46
CA GLY A 81 -2.03 4.71 -10.33
C GLY A 81 -0.92 4.32 -9.36
N GLU A 82 -0.22 5.32 -8.86
CA GLU A 82 0.86 5.11 -7.90
C GLU A 82 0.59 5.95 -6.67
N ARG A 83 0.73 5.38 -5.50
CA ARG A 83 0.47 6.12 -4.28
C ARG A 83 1.22 5.54 -3.08
N ARG A 84 1.65 6.45 -2.22
CA ARG A 84 2.35 6.09 -1.01
C ARG A 84 1.33 5.80 0.09
N ILE A 85 1.35 4.57 0.58
CA ILE A 85 0.41 4.14 1.61
C ILE A 85 1.09 4.16 2.97
N VAL A 86 0.52 4.93 3.89
CA VAL A 86 1.03 4.98 5.25
C VAL A 86 0.12 4.15 6.15
N ILE A 87 0.66 3.05 6.67
CA ILE A 87 -0.15 2.13 7.45
C ILE A 87 0.30 2.12 8.91
N PRO A 88 -0.45 2.81 9.78
CA PRO A 88 -0.25 2.75 11.22
C PRO A 88 -0.31 1.32 11.77
N ALA A 89 0.26 1.13 12.95
CA ALA A 89 0.41 -0.18 13.57
C ALA A 89 -0.86 -1.05 13.56
N PRO A 90 -2.03 -0.52 14.00
CA PRO A 90 -3.26 -1.34 14.16
C PRO A 90 -3.62 -2.18 12.93
N TYR A 91 -3.31 -1.66 11.74
CA TYR A 91 -3.71 -2.35 10.52
C TYR A 91 -2.55 -3.14 9.91
N ALA A 92 -1.48 -3.30 10.67
CA ALA A 92 -0.36 -4.13 10.25
C ALA A 92 -0.02 -5.18 11.32
N TYR A 93 1.12 -5.03 12.00
CA TYR A 93 1.52 -5.98 13.03
C TYR A 93 1.07 -5.54 14.42
N GLY A 94 0.70 -4.28 14.55
CA GLY A 94 0.17 -3.78 15.81
C GLY A 94 1.16 -3.80 16.95
N LYS A 95 0.88 -4.64 17.95
CA LYS A 95 1.69 -4.70 19.17
C LYS A 95 2.80 -5.74 19.06
N GLN A 96 2.91 -6.37 17.90
CA GLN A 96 3.89 -7.42 17.69
C GLN A 96 5.29 -6.85 17.42
N ALA A 97 6.11 -6.82 18.46
CA ALA A 97 7.52 -6.49 18.30
C ALA A 97 8.27 -7.68 17.76
N LEU A 98 8.40 -7.73 16.45
CA LEU A 98 9.10 -8.82 15.78
C LEU A 98 10.59 -8.53 15.77
N PRO A 99 11.44 -9.54 15.59
CA PRO A 99 12.87 -9.33 15.43
C PRO A 99 13.16 -8.44 14.21
N GLY A 100 13.65 -7.25 14.47
CA GLY A 100 13.93 -6.31 13.39
C GLY A 100 12.80 -5.31 13.19
N ILE A 101 11.57 -5.73 13.50
CA ILE A 101 10.40 -4.87 13.33
C ILE A 101 9.61 -4.77 14.63
N PRO A 102 9.95 -3.82 15.50
CA PRO A 102 9.29 -3.65 16.79
C PRO A 102 7.85 -3.16 16.67
N ALA A 103 7.13 -3.27 17.79
CA ALA A 103 5.71 -2.93 17.84
C ALA A 103 5.48 -1.46 17.51
N ASN A 104 4.26 -1.16 17.08
CA ASN A 104 3.84 0.21 16.76
C ASN A 104 4.61 0.75 15.55
N SER A 105 5.12 -0.16 14.73
CA SER A 105 5.86 0.20 13.54
C SER A 105 4.96 0.89 12.51
N GLU A 106 5.26 2.15 12.23
CA GLU A 106 4.56 2.87 11.19
C GLU A 106 5.13 2.49 9.83
N LEU A 107 4.47 1.57 9.16
CA LEU A 107 4.96 1.07 7.88
C LEU A 107 4.53 1.97 6.73
N THR A 108 5.45 2.25 5.82
CA THR A 108 5.16 3.06 4.66
C THR A 108 5.39 2.24 3.39
N PHE A 109 4.34 2.05 2.61
CA PHE A 109 4.43 1.24 1.41
C PHE A 109 4.23 2.12 0.19
N ASP A 110 5.29 2.32 -0.55
CA ASP A 110 5.21 3.09 -1.80
C ASP A 110 4.85 2.13 -2.91
N VAL A 111 3.60 2.18 -3.35
CA VAL A 111 3.07 1.18 -4.26
C VAL A 111 2.54 1.79 -5.55
N LYS A 112 2.66 1.03 -6.63
CA LYS A 112 2.12 1.43 -7.92
C LYS A 112 1.44 0.24 -8.59
N LEU A 113 0.21 0.45 -9.04
CA LEU A 113 -0.54 -0.61 -9.70
C LEU A 113 -0.25 -0.57 -11.19
N VAL A 114 0.01 -1.71 -11.79
CA VAL A 114 0.43 -1.74 -13.20
C VAL A 114 -0.40 -2.71 -14.02
N SER A 115 -1.31 -3.44 -13.38
CA SER A 115 -2.11 -4.44 -14.08
C SER A 115 -3.26 -4.93 -13.20
N MET A 116 -4.30 -5.43 -13.83
CA MET A 116 -5.43 -6.04 -13.13
C MET A 116 -6.14 -7.02 -14.08
N LYS A 117 -6.82 -8.00 -13.51
CA LYS A 117 -7.61 -8.93 -14.29
C LYS A 117 -8.80 -8.21 -14.94
N GLY A 1 -3.31 19.59 -17.18
CA GLY A 1 -3.04 18.68 -16.05
C GLY A 1 -3.60 19.20 -14.75
N ALA A 2 -3.35 18.46 -13.67
CA ALA A 2 -3.84 18.84 -12.36
C ALA A 2 -2.85 18.45 -11.27
N MET A 3 -2.15 19.43 -10.74
CA MET A 3 -1.21 19.20 -9.64
C MET A 3 -1.01 20.49 -8.86
N ALA A 4 -1.73 20.63 -7.75
CA ALA A 4 -1.63 21.80 -6.91
C ALA A 4 -1.71 21.43 -5.44
N LYS A 5 -0.55 21.38 -4.79
CA LYS A 5 -0.45 21.12 -3.34
C LYS A 5 -0.80 19.66 -3.00
N PRO A 6 -0.05 19.07 -2.05
CA PRO A 6 -0.25 17.68 -1.62
C PRO A 6 -1.65 17.42 -1.09
N LYS A 7 -2.19 16.26 -1.44
CA LYS A 7 -3.53 15.88 -1.00
C LYS A 7 -3.53 14.45 -0.45
N THR A 8 -3.69 14.34 0.86
CA THR A 8 -3.69 13.05 1.53
C THR A 8 -5.10 12.65 1.97
N LYS A 9 -5.26 11.38 2.32
CA LYS A 9 -6.55 10.88 2.76
C LYS A 9 -6.37 10.11 4.06
N LEU A 10 -7.27 10.34 5.01
CA LEU A 10 -7.18 9.66 6.30
C LEU A 10 -8.24 8.56 6.39
N LEU A 11 -7.78 7.35 6.65
CA LEU A 11 -8.65 6.19 6.76
C LEU A 11 -8.66 5.69 8.21
N GLU A 12 -9.34 4.58 8.45
CA GLU A 12 -9.47 4.03 9.79
C GLU A 12 -8.10 3.68 10.37
N GLY A 13 -7.97 3.83 11.69
CA GLY A 13 -6.72 3.53 12.36
C GLY A 13 -5.61 4.51 12.05
N GLY A 14 -5.89 5.48 11.19
CA GLY A 14 -4.88 6.44 10.82
C GLY A 14 -4.17 6.13 9.51
N ILE A 15 -4.74 5.22 8.72
CA ILE A 15 -4.17 4.89 7.41
C ILE A 15 -4.21 6.11 6.49
N ILE A 16 -3.06 6.52 5.99
CA ILE A 16 -3.00 7.63 5.06
C ILE A 16 -2.70 7.12 3.67
N ILE A 17 -3.37 7.67 2.67
CA ILE A 17 -3.07 7.35 1.30
C ILE A 17 -2.84 8.64 0.52
N GLU A 18 -1.74 8.66 -0.21
CA GLU A 18 -1.33 9.83 -0.98
C GLU A 18 -1.18 9.46 -2.44
N ASP A 19 -1.92 10.14 -3.32
CA ASP A 19 -1.90 9.82 -4.74
C ASP A 19 -0.65 10.40 -5.38
N ARG A 20 0.26 9.54 -5.77
CA ARG A 20 1.55 9.94 -6.31
C ARG A 20 1.46 10.16 -7.81
N VAL A 21 1.06 9.12 -8.55
CA VAL A 21 0.88 9.22 -9.99
C VAL A 21 -0.50 8.71 -10.39
N THR A 22 -1.13 9.37 -11.34
CA THR A 22 -2.47 9.01 -11.79
C THR A 22 -2.41 8.11 -13.03
N GLY A 23 -3.40 7.23 -13.17
CA GLY A 23 -3.43 6.29 -14.27
C GLY A 23 -4.83 5.87 -14.64
N LYS A 24 -4.96 4.78 -15.41
CA LYS A 24 -6.26 4.22 -15.71
C LYS A 24 -6.79 3.52 -14.46
N GLY A 25 -8.08 3.67 -14.19
CA GLY A 25 -8.58 3.20 -12.91
C GLY A 25 -9.59 2.08 -12.98
N PRO A 26 -9.15 0.82 -13.16
CA PRO A 26 -9.96 -0.35 -12.82
C PRO A 26 -9.99 -0.48 -11.30
N HIS A 27 -11.16 -0.65 -10.72
CA HIS A 27 -11.29 -0.55 -9.28
C HIS A 27 -10.98 -1.87 -8.60
N ALA A 28 -9.83 -1.93 -7.94
CA ALA A 28 -9.43 -3.10 -7.17
C ALA A 28 -10.34 -3.27 -5.98
N LYS A 29 -11.18 -4.30 -6.03
CA LYS A 29 -12.12 -4.57 -4.95
C LYS A 29 -11.99 -6.02 -4.50
N LYS A 30 -12.86 -6.43 -3.60
CA LYS A 30 -12.76 -7.76 -3.01
C LYS A 30 -12.99 -8.85 -4.06
N GLY A 31 -12.03 -9.75 -4.18
CA GLY A 31 -12.12 -10.82 -5.17
C GLY A 31 -11.36 -10.49 -6.44
N THR A 32 -10.92 -9.24 -6.57
CA THR A 32 -10.18 -8.80 -7.74
C THR A 32 -8.71 -9.16 -7.61
N ARG A 33 -8.07 -9.55 -8.72
CA ARG A 33 -6.66 -9.95 -8.68
C ARG A 33 -5.81 -8.87 -9.32
N VAL A 34 -4.96 -8.27 -8.51
CA VAL A 34 -4.12 -7.18 -8.98
C VAL A 34 -2.64 -7.57 -9.00
N GLY A 35 -1.93 -6.99 -9.94
CA GLY A 35 -0.50 -7.17 -10.02
C GLY A 35 0.21 -5.84 -9.82
N MET A 36 0.94 -5.72 -8.74
CA MET A 36 1.52 -4.44 -8.36
C MET A 36 2.98 -4.54 -8.02
N ARG A 37 3.54 -3.38 -7.73
CA ARG A 37 4.93 -3.25 -7.33
C ARG A 37 4.99 -2.25 -6.19
N TYR A 38 5.95 -2.40 -5.30
CA TYR A 38 5.95 -1.63 -4.07
C TYR A 38 7.36 -1.51 -3.49
N VAL A 39 7.56 -0.47 -2.71
CA VAL A 39 8.77 -0.34 -1.91
C VAL A 39 8.38 -0.24 -0.44
N GLY A 40 8.61 -1.32 0.30
CA GLY A 40 8.26 -1.37 1.70
C GLY A 40 9.33 -0.78 2.57
N LYS A 41 9.02 0.38 3.13
CA LYS A 41 9.94 1.12 3.98
C LYS A 41 9.33 1.38 5.35
N LEU A 42 10.17 1.68 6.32
CA LEU A 42 9.72 2.13 7.61
C LEU A 42 9.56 3.65 7.59
N LYS A 43 8.88 4.18 8.59
CA LYS A 43 8.65 5.63 8.69
C LYS A 43 9.98 6.39 8.80
N ASN A 44 11.05 5.69 9.19
CA ASN A 44 12.36 6.32 9.35
C ASN A 44 13.17 6.27 8.06
N GLY A 45 12.59 5.67 7.03
CA GLY A 45 13.26 5.61 5.75
C GLY A 45 14.05 4.34 5.55
N LYS A 46 13.93 3.40 6.47
CA LYS A 46 14.61 2.12 6.35
C LYS A 46 13.83 1.18 5.46
N VAL A 47 14.45 0.77 4.37
CA VAL A 47 13.81 -0.14 3.42
C VAL A 47 14.04 -1.58 3.87
N PHE A 48 12.97 -2.36 3.93
CA PHE A 48 13.10 -3.76 4.31
C PHE A 48 12.81 -4.69 3.15
N ASP A 49 11.75 -4.41 2.38
CA ASP A 49 11.37 -5.28 1.28
C ASP A 49 10.76 -4.49 0.14
N LYS A 50 11.27 -4.69 -1.06
CA LYS A 50 10.78 -3.98 -2.22
C LYS A 50 10.84 -4.85 -3.45
N ASN A 51 9.72 -4.94 -4.15
CA ASN A 51 9.67 -5.62 -5.43
C ASN A 51 9.11 -4.69 -6.47
N THR A 52 9.93 -4.37 -7.46
CA THR A 52 9.56 -3.43 -8.51
C THR A 52 10.39 -3.68 -9.75
N LYS A 53 11.67 -3.99 -9.55
CA LYS A 53 12.58 -4.26 -10.65
C LYS A 53 12.31 -5.64 -11.23
N GLY A 54 11.47 -5.69 -12.26
CA GLY A 54 11.18 -6.94 -12.93
C GLY A 54 10.25 -7.86 -12.14
N LYS A 55 10.12 -7.60 -10.84
CA LYS A 55 9.34 -8.48 -9.97
C LYS A 55 7.99 -7.86 -9.63
N PRO A 56 6.91 -8.35 -10.27
CA PRO A 56 5.55 -7.98 -9.91
C PRO A 56 4.98 -8.88 -8.83
N PHE A 57 4.14 -8.31 -7.97
CA PHE A 57 3.47 -9.09 -6.95
C PHE A 57 1.97 -9.13 -7.27
N VAL A 58 1.45 -10.33 -7.47
CA VAL A 58 0.05 -10.50 -7.84
C VAL A 58 -0.74 -11.15 -6.71
N PHE A 59 -1.83 -10.51 -6.30
CA PHE A 59 -2.67 -11.04 -5.25
C PHE A 59 -4.10 -10.53 -5.41
N LYS A 60 -5.04 -11.10 -4.67
CA LYS A 60 -6.41 -10.63 -4.71
C LYS A 60 -6.82 -9.99 -3.40
N LEU A 61 -7.68 -8.98 -3.48
CA LEU A 61 -8.19 -8.31 -2.30
C LEU A 61 -9.30 -9.14 -1.65
N GLY A 62 -9.44 -9.01 -0.35
CA GLY A 62 -10.42 -9.80 0.36
C GLY A 62 -9.86 -11.12 0.84
N GLN A 63 -8.56 -11.16 1.06
CA GLN A 63 -7.92 -12.35 1.59
C GLN A 63 -7.24 -12.03 2.92
N GLY A 64 -6.93 -13.07 3.69
CA GLY A 64 -6.29 -12.88 4.97
C GLY A 64 -4.78 -12.95 4.90
N GLU A 65 -4.27 -13.11 3.67
CA GLU A 65 -2.84 -13.23 3.44
C GLU A 65 -2.17 -11.85 3.55
N VAL A 66 -2.94 -10.80 3.30
CA VAL A 66 -2.41 -9.45 3.33
C VAL A 66 -2.93 -8.70 4.56
N ILE A 67 -2.16 -7.73 5.02
CA ILE A 67 -2.56 -6.93 6.17
C ILE A 67 -3.71 -6.00 5.76
N LYS A 68 -4.49 -5.58 6.74
CA LYS A 68 -5.68 -4.77 6.48
C LYS A 68 -5.31 -3.42 5.87
N GLY A 69 -4.16 -2.88 6.26
CA GLY A 69 -3.67 -1.66 5.62
C GLY A 69 -3.59 -1.79 4.11
N TRP A 70 -3.13 -2.95 3.64
CA TRP A 70 -3.09 -3.25 2.21
C TRP A 70 -4.50 -3.46 1.67
N ASP A 71 -5.20 -4.43 2.25
CA ASP A 71 -6.56 -4.78 1.85
C ASP A 71 -7.48 -3.56 1.77
N ILE A 72 -7.23 -2.56 2.62
CA ILE A 72 -8.03 -1.34 2.63
C ILE A 72 -7.45 -0.29 1.68
N GLY A 73 -6.16 0.02 1.82
CA GLY A 73 -5.54 1.05 1.00
C GLY A 73 -5.50 0.70 -0.48
N VAL A 74 -5.36 -0.58 -0.79
CA VAL A 74 -5.31 -1.04 -2.18
C VAL A 74 -6.72 -1.07 -2.80
N ALA A 75 -7.74 -1.04 -1.94
CA ALA A 75 -9.12 -1.04 -2.41
C ALA A 75 -9.41 0.23 -3.19
N GLY A 76 -9.51 0.10 -4.51
CA GLY A 76 -9.75 1.23 -5.36
C GLY A 76 -8.48 1.76 -6.00
N MET A 77 -7.47 0.91 -6.08
CA MET A 77 -6.25 1.25 -6.80
C MET A 77 -6.50 1.32 -8.30
N ALA A 78 -5.49 1.76 -9.05
CA ALA A 78 -5.62 1.93 -10.48
C ALA A 78 -4.40 1.37 -11.21
N VAL A 79 -4.63 0.65 -12.30
CA VAL A 79 -3.55 0.16 -13.14
C VAL A 79 -2.83 1.33 -13.80
N GLY A 80 -1.59 1.54 -13.38
CA GLY A 80 -0.85 2.70 -13.80
C GLY A 80 -0.78 3.71 -12.67
N GLY A 81 -1.74 3.62 -11.76
CA GLY A 81 -1.80 4.52 -10.63
C GLY A 81 -0.74 4.19 -9.60
N GLU A 82 -0.24 5.23 -8.96
CA GLU A 82 0.89 5.12 -8.04
C GLU A 82 0.56 5.96 -6.81
N ARG A 83 0.74 5.41 -5.61
CA ARG A 83 0.41 6.15 -4.40
C ARG A 83 1.20 5.68 -3.18
N ARG A 84 1.48 6.62 -2.29
CA ARG A 84 2.16 6.32 -1.04
C ARG A 84 1.14 5.95 0.04
N ILE A 85 1.18 4.72 0.49
CA ILE A 85 0.27 4.26 1.53
C ILE A 85 0.99 4.19 2.87
N VAL A 86 0.52 4.96 3.82
CA VAL A 86 1.11 5.00 5.14
C VAL A 86 0.26 4.16 6.09
N ILE A 87 0.81 3.03 6.53
CA ILE A 87 0.04 2.06 7.29
C ILE A 87 0.44 2.05 8.75
N PRO A 88 -0.47 2.49 9.63
CA PRO A 88 -0.26 2.44 11.08
C PRO A 88 -0.16 1.00 11.59
N ALA A 89 0.52 0.85 12.73
CA ALA A 89 0.80 -0.47 13.29
C ALA A 89 -0.44 -1.39 13.40
N PRO A 90 -1.57 -0.92 13.99
CA PRO A 90 -2.72 -1.80 14.27
C PRO A 90 -3.30 -2.47 13.01
N TYR A 91 -3.09 -1.87 11.85
CA TYR A 91 -3.65 -2.39 10.62
C TYR A 91 -2.62 -3.18 9.82
N ALA A 92 -1.48 -3.45 10.45
CA ALA A 92 -0.47 -4.30 9.87
C ALA A 92 -0.18 -5.50 10.78
N TYR A 93 0.97 -5.47 11.46
CA TYR A 93 1.33 -6.55 12.37
C TYR A 93 0.88 -6.23 13.80
N GLY A 94 0.56 -4.97 14.05
CA GLY A 94 0.09 -4.58 15.37
C GLY A 94 1.17 -4.66 16.42
N LYS A 95 1.03 -5.62 17.33
CA LYS A 95 1.96 -5.78 18.44
C LYS A 95 2.93 -6.93 18.17
N GLN A 96 2.92 -7.44 16.96
CA GLN A 96 3.83 -8.50 16.58
C GLN A 96 5.20 -7.95 16.20
N ALA A 97 6.14 -8.04 17.13
CA ALA A 97 7.50 -7.58 16.89
C ALA A 97 8.29 -8.58 16.06
N LEU A 98 8.53 -8.24 14.81
CA LEU A 98 9.37 -9.04 13.93
C LEU A 98 10.74 -8.40 13.82
N PRO A 99 11.75 -9.15 13.36
CA PRO A 99 13.07 -8.57 13.08
C PRO A 99 12.97 -7.57 11.93
N GLY A 100 13.23 -6.31 12.23
CA GLY A 100 13.10 -5.26 11.24
C GLY A 100 11.76 -4.56 11.31
N ILE A 101 10.75 -5.28 11.76
CA ILE A 101 9.40 -4.73 11.90
C ILE A 101 8.84 -5.03 13.29
N PRO A 102 9.27 -4.30 14.32
CA PRO A 102 8.79 -4.52 15.69
C PRO A 102 7.40 -3.93 15.94
N ALA A 103 6.80 -4.30 17.06
CA ALA A 103 5.48 -3.83 17.44
C ALA A 103 5.38 -2.31 17.40
N ASN A 104 4.21 -1.81 16.97
CA ASN A 104 3.92 -0.38 16.94
C ASN A 104 4.76 0.37 15.91
N SER A 105 5.31 -0.35 14.94
CA SER A 105 6.06 0.29 13.88
C SER A 105 5.15 0.72 12.74
N GLU A 106 5.34 1.97 12.32
CA GLU A 106 4.57 2.53 11.21
C GLU A 106 5.24 2.17 9.90
N LEU A 107 4.56 1.36 9.11
CA LEU A 107 5.08 0.94 7.81
C LEU A 107 4.64 1.91 6.73
N THR A 108 5.54 2.23 5.81
CA THR A 108 5.22 3.09 4.70
C THR A 108 5.42 2.32 3.39
N PHE A 109 4.36 2.16 2.64
CA PHE A 109 4.43 1.40 1.40
C PHE A 109 4.18 2.30 0.21
N ASP A 110 5.22 2.54 -0.56
CA ASP A 110 5.09 3.28 -1.80
C ASP A 110 4.75 2.29 -2.90
N VAL A 111 3.51 2.31 -3.35
CA VAL A 111 3.01 1.27 -4.23
C VAL A 111 2.50 1.82 -5.55
N LYS A 112 2.64 1.02 -6.58
CA LYS A 112 2.12 1.32 -7.90
C LYS A 112 1.52 0.07 -8.51
N LEU A 113 0.32 0.19 -9.06
CA LEU A 113 -0.35 -0.94 -9.66
C LEU A 113 -0.01 -0.99 -11.14
N VAL A 114 0.38 -2.15 -11.64
CA VAL A 114 0.85 -2.25 -13.01
C VAL A 114 0.01 -3.21 -13.85
N SER A 115 -0.96 -3.86 -13.20
CA SER A 115 -1.83 -4.80 -13.91
C SER A 115 -3.00 -5.23 -13.03
N MET A 116 -4.10 -5.58 -13.66
CA MET A 116 -5.27 -6.13 -12.98
C MET A 116 -6.11 -6.92 -13.97
N LYS A 117 -6.76 -7.97 -13.49
CA LYS A 117 -7.72 -8.75 -14.27
C LYS A 117 -7.01 -9.61 -15.32
N GLY A 1 -8.58 24.08 -8.59
CA GLY A 1 -7.12 24.27 -8.40
C GLY A 1 -6.51 23.16 -7.57
N ALA A 2 -5.26 22.82 -7.87
CA ALA A 2 -4.58 21.73 -7.17
C ALA A 2 -3.89 22.23 -5.91
N MET A 3 -3.84 23.56 -5.75
CA MET A 3 -3.23 24.21 -4.57
C MET A 3 -1.72 24.02 -4.54
N ALA A 4 -1.19 23.28 -5.52
CA ALA A 4 0.23 22.95 -5.60
C ALA A 4 0.66 22.09 -4.41
N LYS A 5 -0.31 21.47 -3.74
CA LYS A 5 -0.02 20.68 -2.55
C LYS A 5 -0.46 19.24 -2.75
N PRO A 6 0.30 18.28 -2.19
CA PRO A 6 0.02 16.84 -2.34
C PRO A 6 -1.32 16.42 -1.72
N LYS A 7 -1.87 15.32 -2.23
CA LYS A 7 -3.15 14.81 -1.76
C LYS A 7 -2.96 13.73 -0.71
N THR A 8 -3.24 14.05 0.55
CA THR A 8 -3.24 13.06 1.60
C THR A 8 -4.66 12.79 2.08
N LYS A 9 -5.06 11.52 2.09
CA LYS A 9 -6.40 11.15 2.52
C LYS A 9 -6.35 10.17 3.67
N LEU A 10 -7.33 10.27 4.55
CA LEU A 10 -7.42 9.40 5.70
C LEU A 10 -8.49 8.33 5.49
N LEU A 11 -8.08 7.08 5.54
CA LEU A 11 -8.99 5.97 5.39
C LEU A 11 -9.32 5.37 6.76
N GLU A 12 -9.97 4.22 6.73
CA GLU A 12 -10.36 3.53 7.95
C GLU A 12 -9.13 3.00 8.69
N GLY A 13 -9.18 3.00 10.01
CA GLY A 13 -8.07 2.49 10.80
C GLY A 13 -6.88 3.43 10.84
N GLY A 14 -7.07 4.66 10.36
CA GLY A 14 -5.99 5.63 10.38
C GLY A 14 -5.02 5.45 9.23
N ILE A 15 -5.45 4.71 8.22
CA ILE A 15 -4.63 4.50 7.03
C ILE A 15 -4.52 5.80 6.24
N ILE A 16 -3.30 6.22 5.96
CA ILE A 16 -3.10 7.44 5.20
C ILE A 16 -2.70 7.08 3.77
N ILE A 17 -3.29 7.74 2.80
CA ILE A 17 -2.94 7.50 1.42
C ILE A 17 -2.52 8.80 0.75
N GLU A 18 -1.35 8.77 0.13
CA GLU A 18 -0.81 9.94 -0.55
C GLU A 18 -0.65 9.62 -2.01
N ASP A 19 -1.39 10.30 -2.87
CA ASP A 19 -1.36 9.98 -4.28
C ASP A 19 -0.15 10.63 -4.92
N ARG A 20 0.56 9.88 -5.74
CA ARG A 20 1.81 10.36 -6.33
C ARG A 20 1.59 10.72 -7.79
N VAL A 21 1.19 9.73 -8.58
CA VAL A 21 0.84 9.95 -9.97
C VAL A 21 -0.59 9.51 -10.22
N THR A 22 -1.46 10.48 -10.43
CA THR A 22 -2.87 10.21 -10.63
C THR A 22 -3.11 9.35 -11.87
N GLY A 23 -3.51 8.11 -11.63
CA GLY A 23 -3.76 7.20 -12.73
C GLY A 23 -5.24 7.06 -13.01
N LYS A 24 -5.55 6.39 -14.11
CA LYS A 24 -6.94 6.17 -14.50
C LYS A 24 -7.07 4.80 -15.17
N GLY A 25 -7.73 3.89 -14.49
CA GLY A 25 -7.89 2.55 -15.02
C GLY A 25 -8.84 1.72 -14.18
N PRO A 26 -8.69 0.38 -14.20
CA PRO A 26 -9.51 -0.53 -13.38
C PRO A 26 -9.27 -0.34 -11.88
N HIS A 27 -10.37 -0.28 -11.12
CA HIS A 27 -10.28 -0.10 -9.68
C HIS A 27 -10.41 -1.45 -8.97
N ALA A 28 -9.52 -1.72 -8.03
CA ALA A 28 -9.47 -3.00 -7.35
C ALA A 28 -10.49 -3.10 -6.21
N LYS A 29 -11.07 -4.29 -6.05
CA LYS A 29 -11.98 -4.58 -4.96
C LYS A 29 -11.52 -5.83 -4.21
N LYS A 30 -12.28 -6.22 -3.21
CA LYS A 30 -12.00 -7.46 -2.49
C LYS A 30 -12.26 -8.67 -3.38
N GLY A 31 -11.34 -9.62 -3.36
CA GLY A 31 -11.44 -10.78 -4.22
C GLY A 31 -10.68 -10.60 -5.52
N THR A 32 -10.39 -9.35 -5.85
CA THR A 32 -9.68 -9.03 -7.08
C THR A 32 -8.21 -9.40 -6.96
N ARG A 33 -7.62 -9.89 -8.05
CA ARG A 33 -6.21 -10.25 -8.07
C ARG A 33 -5.45 -9.19 -8.84
N VAL A 34 -4.76 -8.34 -8.12
CA VAL A 34 -4.03 -7.25 -8.74
C VAL A 34 -2.53 -7.53 -8.78
N GLY A 35 -1.90 -7.06 -9.84
CA GLY A 35 -0.46 -7.19 -9.97
C GLY A 35 0.17 -5.83 -9.88
N MET A 36 1.05 -5.64 -8.91
CA MET A 36 1.55 -4.32 -8.62
C MET A 36 3.06 -4.31 -8.39
N ARG A 37 3.57 -3.11 -8.17
CA ARG A 37 4.96 -2.91 -7.78
C ARG A 37 4.96 -2.04 -6.54
N TYR A 38 5.96 -2.19 -5.69
CA TYR A 38 5.98 -1.44 -4.43
C TYR A 38 7.35 -1.51 -3.76
N VAL A 39 7.60 -0.54 -2.90
CA VAL A 39 8.80 -0.53 -2.09
C VAL A 39 8.41 -0.45 -0.61
N GLY A 40 8.68 -1.54 0.12
CA GLY A 40 8.31 -1.61 1.51
C GLY A 40 9.35 -0.97 2.41
N LYS A 41 9.02 0.22 2.92
CA LYS A 41 9.96 0.99 3.73
C LYS A 41 9.41 1.23 5.13
N LEU A 42 10.32 1.44 6.08
CA LEU A 42 9.95 1.77 7.45
C LEU A 42 9.88 3.29 7.61
N LYS A 43 9.18 3.73 8.66
CA LYS A 43 9.11 5.15 8.99
C LYS A 43 10.51 5.69 9.33
N ASN A 44 11.42 4.77 9.63
CA ASN A 44 12.80 5.12 9.97
C ASN A 44 13.61 5.40 8.70
N GLY A 45 12.97 5.24 7.55
CA GLY A 45 13.65 5.55 6.29
C GLY A 45 14.37 4.35 5.71
N LYS A 46 14.35 3.24 6.43
CA LYS A 46 15.02 2.02 6.00
C LYS A 46 14.06 1.11 5.24
N VAL A 47 14.47 0.70 4.05
CA VAL A 47 13.67 -0.22 3.26
C VAL A 47 13.96 -1.66 3.66
N PHE A 48 12.92 -2.47 3.78
CA PHE A 48 13.09 -3.86 4.18
C PHE A 48 12.83 -4.81 3.00
N ASP A 49 11.89 -4.47 2.14
CA ASP A 49 11.57 -5.31 0.99
C ASP A 49 11.13 -4.46 -0.20
N LYS A 50 11.16 -5.03 -1.40
CA LYS A 50 10.83 -4.28 -2.60
C LYS A 50 10.57 -5.23 -3.79
N ASN A 51 9.54 -4.92 -4.57
CA ASN A 51 9.26 -5.63 -5.80
C ASN A 51 8.82 -4.63 -6.85
N THR A 52 9.58 -4.52 -7.93
CA THR A 52 9.27 -3.54 -8.96
C THR A 52 9.97 -3.88 -10.28
N LYS A 53 11.27 -4.14 -10.23
CA LYS A 53 12.04 -4.44 -11.44
C LYS A 53 12.13 -5.94 -11.67
N GLY A 54 11.36 -6.43 -12.63
CA GLY A 54 11.39 -7.83 -13.00
C GLY A 54 10.44 -8.66 -12.17
N LYS A 55 10.18 -8.24 -10.94
CA LYS A 55 9.34 -8.99 -10.03
C LYS A 55 7.96 -8.38 -9.94
N PRO A 56 6.97 -9.04 -10.55
CA PRO A 56 5.56 -8.65 -10.42
C PRO A 56 4.92 -9.30 -9.21
N PHE A 57 4.33 -8.49 -8.34
CA PHE A 57 3.68 -9.02 -7.16
C PHE A 57 2.17 -9.01 -7.35
N VAL A 58 1.59 -10.20 -7.40
CA VAL A 58 0.16 -10.35 -7.60
C VAL A 58 -0.48 -10.98 -6.38
N PHE A 59 -1.45 -10.28 -5.80
CA PHE A 59 -2.14 -10.78 -4.61
C PHE A 59 -3.64 -10.52 -4.72
N LYS A 60 -4.41 -11.17 -3.87
CA LYS A 60 -5.85 -11.02 -3.86
C LYS A 60 -6.31 -10.26 -2.62
N LEU A 61 -7.12 -9.24 -2.83
CA LEU A 61 -7.62 -8.40 -1.74
C LEU A 61 -8.66 -9.13 -0.89
N GLY A 62 -8.67 -8.84 0.39
CA GLY A 62 -9.73 -9.30 1.26
C GLY A 62 -9.44 -10.66 1.86
N GLN A 63 -8.18 -11.00 1.95
CA GLN A 63 -7.79 -12.30 2.50
C GLN A 63 -6.85 -12.09 3.67
N GLY A 64 -6.89 -13.01 4.63
CA GLY A 64 -6.02 -12.91 5.79
C GLY A 64 -4.60 -13.38 5.50
N GLU A 65 -4.07 -12.95 4.35
CA GLU A 65 -2.69 -13.24 3.99
C GLU A 65 -1.94 -11.95 3.73
N VAL A 66 -2.66 -10.83 3.82
CA VAL A 66 -2.08 -9.50 3.72
C VAL A 66 -2.54 -8.67 4.91
N ILE A 67 -1.90 -7.54 5.13
CA ILE A 67 -2.33 -6.65 6.20
C ILE A 67 -3.48 -5.79 5.70
N LYS A 68 -4.32 -5.32 6.63
CA LYS A 68 -5.54 -4.62 6.26
C LYS A 68 -5.26 -3.29 5.57
N GLY A 69 -4.15 -2.66 5.95
CA GLY A 69 -3.72 -1.47 5.25
C GLY A 69 -3.59 -1.70 3.76
N TRP A 70 -3.22 -2.92 3.40
CA TRP A 70 -3.11 -3.31 2.00
C TRP A 70 -4.47 -3.52 1.36
N ASP A 71 -5.29 -4.40 1.93
CA ASP A 71 -6.57 -4.75 1.32
C ASP A 71 -7.52 -3.55 1.27
N ILE A 72 -7.31 -2.59 2.16
CA ILE A 72 -8.10 -1.37 2.17
C ILE A 72 -7.45 -0.30 1.28
N GLY A 73 -6.16 -0.07 1.47
CA GLY A 73 -5.45 0.92 0.68
C GLY A 73 -5.45 0.60 -0.81
N VAL A 74 -5.35 -0.68 -1.14
CA VAL A 74 -5.36 -1.13 -2.53
C VAL A 74 -6.80 -1.14 -3.08
N ALA A 75 -7.78 -1.06 -2.20
CA ALA A 75 -9.17 -0.99 -2.63
C ALA A 75 -9.44 0.36 -3.29
N GLY A 76 -9.85 0.32 -4.55
CA GLY A 76 -10.06 1.55 -5.29
C GLY A 76 -8.78 2.05 -5.94
N MET A 77 -7.76 1.18 -5.97
CA MET A 77 -6.50 1.50 -6.63
C MET A 77 -6.66 1.27 -8.12
N ALA A 78 -6.14 2.19 -8.93
CA ALA A 78 -6.32 2.14 -10.37
C ALA A 78 -5.02 1.78 -11.07
N VAL A 79 -5.09 0.81 -11.96
CA VAL A 79 -3.96 0.39 -12.78
C VAL A 79 -3.35 1.58 -13.52
N GLY A 80 -2.07 1.84 -13.26
CA GLY A 80 -1.38 2.93 -13.90
C GLY A 80 -1.12 4.07 -12.94
N GLY A 81 -1.70 3.99 -11.76
CA GLY A 81 -1.55 5.05 -10.78
C GLY A 81 -0.53 4.70 -9.72
N GLU A 82 0.05 5.74 -9.12
CA GLU A 82 1.05 5.59 -8.06
C GLU A 82 0.58 6.30 -6.80
N ARG A 83 0.63 5.63 -5.66
CA ARG A 83 0.27 6.27 -4.39
C ARG A 83 0.94 5.57 -3.22
N ARG A 84 1.36 6.37 -2.25
CA ARG A 84 2.03 5.85 -1.08
C ARG A 84 1.01 5.59 0.03
N ILE A 85 1.12 4.43 0.66
CA ILE A 85 0.21 4.06 1.73
C ILE A 85 0.94 4.05 3.07
N VAL A 86 0.48 4.87 3.99
CA VAL A 86 1.03 4.91 5.33
C VAL A 86 0.14 4.10 6.24
N ILE A 87 0.65 2.98 6.74
CA ILE A 87 -0.17 2.04 7.49
C ILE A 87 0.25 1.98 8.95
N PRO A 88 -0.57 2.53 9.85
CA PRO A 88 -0.40 2.38 11.29
C PRO A 88 -0.44 0.91 11.70
N ALA A 89 0.24 0.60 12.79
CA ALA A 89 0.38 -0.77 13.30
C ALA A 89 -0.96 -1.53 13.39
N PRO A 90 -2.05 -0.94 13.95
CA PRO A 90 -3.33 -1.63 14.13
C PRO A 90 -3.84 -2.34 12.87
N TYR A 91 -3.61 -1.76 11.71
CA TYR A 91 -4.11 -2.33 10.46
C TYR A 91 -3.01 -3.07 9.71
N ALA A 92 -1.86 -3.22 10.36
CA ALA A 92 -0.77 -3.98 9.79
C ALA A 92 -0.56 -5.27 10.59
N TYR A 93 0.62 -5.45 11.19
CA TYR A 93 0.88 -6.63 12.01
C TYR A 93 0.43 -6.43 13.46
N GLY A 94 -0.21 -5.29 13.70
CA GLY A 94 -0.74 -5.00 15.02
C GLY A 94 0.35 -4.80 16.04
N LYS A 95 0.47 -5.76 16.94
CA LYS A 95 1.47 -5.68 18.01
C LYS A 95 2.44 -6.85 17.94
N GLN A 96 2.44 -7.55 16.81
CA GLN A 96 3.36 -8.67 16.64
C GLN A 96 4.73 -8.17 16.20
N ALA A 97 5.68 -8.22 17.12
CA ALA A 97 7.03 -7.78 16.82
C ALA A 97 7.77 -8.81 15.96
N LEU A 98 7.87 -8.52 14.68
CA LEU A 98 8.58 -9.37 13.75
C LEU A 98 10.04 -8.96 13.71
N PRO A 99 10.94 -9.80 13.17
CA PRO A 99 12.33 -9.40 12.97
C PRO A 99 12.41 -8.23 11.99
N GLY A 100 12.86 -7.09 12.50
CA GLY A 100 12.95 -5.90 11.67
C GLY A 100 11.70 -5.02 11.77
N ILE A 101 10.56 -5.64 12.09
CA ILE A 101 9.30 -4.91 12.19
C ILE A 101 8.63 -5.17 13.55
N PRO A 102 9.05 -4.45 14.60
CA PRO A 102 8.46 -4.59 15.93
C PRO A 102 7.11 -3.88 16.04
N ALA A 103 6.39 -4.16 17.12
CA ALA A 103 5.09 -3.56 17.37
C ALA A 103 5.15 -2.04 17.33
N ASN A 104 4.07 -1.43 16.84
CA ASN A 104 3.92 0.03 16.79
C ASN A 104 4.80 0.66 15.70
N SER A 105 5.32 -0.16 14.80
CA SER A 105 6.09 0.36 13.67
C SER A 105 5.16 0.90 12.60
N GLU A 106 5.23 2.21 12.39
CA GLU A 106 4.46 2.87 11.36
C GLU A 106 5.06 2.55 9.99
N LEU A 107 4.44 1.62 9.28
CA LEU A 107 4.98 1.15 8.01
C LEU A 107 4.55 2.04 6.87
N THR A 108 5.45 2.27 5.93
CA THR A 108 5.14 3.08 4.77
C THR A 108 5.36 2.27 3.50
N PHE A 109 4.30 2.07 2.74
CA PHE A 109 4.37 1.25 1.55
C PHE A 109 4.16 2.12 0.31
N ASP A 110 5.22 2.30 -0.44
CA ASP A 110 5.16 3.09 -1.66
C ASP A 110 4.77 2.17 -2.82
N VAL A 111 3.52 2.27 -3.26
CA VAL A 111 2.97 1.28 -4.17
C VAL A 111 2.43 1.87 -5.47
N LYS A 112 2.46 1.06 -6.51
CA LYS A 112 1.90 1.41 -7.80
C LYS A 112 1.28 0.18 -8.44
N LEU A 113 0.10 0.33 -9.00
CA LEU A 113 -0.62 -0.78 -9.60
C LEU A 113 -0.36 -0.82 -11.10
N VAL A 114 -0.01 -1.98 -11.62
CA VAL A 114 0.39 -2.09 -13.02
C VAL A 114 -0.48 -3.08 -13.79
N SER A 115 -1.32 -3.84 -13.07
CA SER A 115 -2.13 -4.87 -13.72
C SER A 115 -3.23 -5.39 -12.80
N MET A 116 -4.22 -6.02 -13.41
CA MET A 116 -5.33 -6.63 -12.68
C MET A 116 -5.87 -7.81 -13.48
N LYS A 117 -6.26 -8.87 -12.77
CA LYS A 117 -6.84 -10.09 -13.36
C LYS A 117 -6.03 -10.59 -14.56
N GLY A 1 6.89 14.95 -12.92
CA GLY A 1 6.27 14.69 -11.61
C GLY A 1 6.13 15.95 -10.77
N ALA A 2 6.83 15.99 -9.64
CA ALA A 2 6.78 17.13 -8.71
C ALA A 2 5.35 17.42 -8.24
N MET A 3 4.93 16.75 -7.18
CA MET A 3 3.56 16.89 -6.69
C MET A 3 3.40 18.17 -5.89
N ALA A 4 2.36 18.92 -6.21
CA ALA A 4 2.05 20.13 -5.46
C ALA A 4 0.77 19.93 -4.64
N LYS A 5 0.90 20.04 -3.32
CA LYS A 5 -0.23 19.87 -2.40
C LYS A 5 -0.69 18.41 -2.36
N PRO A 6 -0.11 17.61 -1.44
CA PRO A 6 -0.42 16.18 -1.31
C PRO A 6 -1.87 15.95 -0.89
N LYS A 7 -2.52 14.99 -1.54
CA LYS A 7 -3.89 14.65 -1.22
C LYS A 7 -3.95 13.52 -0.22
N THR A 8 -3.76 13.86 1.04
CA THR A 8 -3.79 12.88 2.10
C THR A 8 -5.18 12.78 2.72
N LYS A 9 -5.66 11.56 2.88
CA LYS A 9 -6.94 11.32 3.53
C LYS A 9 -6.88 10.10 4.44
N LEU A 10 -7.62 10.16 5.53
CA LEU A 10 -7.61 9.11 6.54
C LEU A 10 -8.65 8.04 6.24
N LEU A 11 -8.22 6.79 6.27
CA LEU A 11 -9.12 5.66 6.08
C LEU A 11 -9.35 4.95 7.42
N GLU A 12 -9.93 3.76 7.34
CA GLU A 12 -10.23 2.95 8.53
C GLU A 12 -9.01 2.80 9.44
N GLY A 13 -9.25 2.84 10.74
CA GLY A 13 -8.17 2.82 11.71
C GLY A 13 -7.43 4.14 11.73
N GLY A 14 -6.30 4.19 11.06
CA GLY A 14 -5.57 5.43 10.90
C GLY A 14 -4.74 5.39 9.65
N ILE A 15 -5.25 4.70 8.63
CA ILE A 15 -4.52 4.52 7.39
C ILE A 15 -4.53 5.79 6.57
N ILE A 16 -3.35 6.27 6.21
CA ILE A 16 -3.22 7.49 5.44
C ILE A 16 -2.88 7.15 3.99
N ILE A 17 -3.52 7.81 3.05
CA ILE A 17 -3.24 7.55 1.64
C ILE A 17 -3.06 8.84 0.86
N GLU A 18 -2.06 8.84 0.00
CA GLU A 18 -1.77 9.99 -0.85
C GLU A 18 -1.38 9.51 -2.25
N ASP A 19 -1.78 10.24 -3.27
CA ASP A 19 -1.46 9.88 -4.64
C ASP A 19 -0.20 10.58 -5.11
N ARG A 20 0.63 9.85 -5.85
CA ARG A 20 1.93 10.34 -6.27
C ARG A 20 2.00 10.49 -7.80
N VAL A 21 1.56 9.45 -8.51
CA VAL A 21 1.57 9.48 -9.96
C VAL A 21 0.15 9.31 -10.51
N THR A 22 -0.21 10.16 -11.46
CA THR A 22 -1.54 10.17 -12.04
C THR A 22 -1.85 8.87 -12.77
N GLY A 23 -3.07 8.38 -12.58
CA GLY A 23 -3.50 7.16 -13.23
C GLY A 23 -4.99 6.98 -13.15
N LYS A 24 -5.60 6.64 -14.28
CA LYS A 24 -7.03 6.38 -14.33
C LYS A 24 -7.29 5.10 -15.12
N GLY A 25 -7.83 4.11 -14.44
CA GLY A 25 -8.07 2.83 -15.07
C GLY A 25 -8.87 1.93 -14.16
N PRO A 26 -8.74 0.61 -14.32
CA PRO A 26 -9.44 -0.37 -13.48
C PRO A 26 -9.04 -0.23 -12.01
N HIS A 27 -10.03 -0.21 -11.13
CA HIS A 27 -9.78 -0.03 -9.70
C HIS A 27 -9.86 -1.35 -8.95
N ALA A 28 -8.87 -1.59 -8.10
CA ALA A 28 -8.79 -2.81 -7.31
C ALA A 28 -9.95 -2.90 -6.32
N LYS A 29 -10.66 -4.02 -6.38
CA LYS A 29 -11.84 -4.24 -5.55
C LYS A 29 -11.79 -5.66 -4.99
N LYS A 30 -12.68 -5.95 -4.04
CA LYS A 30 -12.77 -7.29 -3.48
C LYS A 30 -13.17 -8.29 -4.55
N GLY A 31 -12.40 -9.36 -4.67
CA GLY A 31 -12.64 -10.36 -5.70
C GLY A 31 -11.74 -10.14 -6.91
N THR A 32 -10.97 -9.06 -6.87
CA THR A 32 -10.07 -8.72 -7.96
C THR A 32 -8.67 -9.27 -7.70
N ARG A 33 -7.98 -9.66 -8.76
CA ARG A 33 -6.62 -10.16 -8.67
C ARG A 33 -5.66 -9.14 -9.28
N VAL A 34 -4.96 -8.41 -8.46
CA VAL A 34 -4.14 -7.32 -8.95
C VAL A 34 -2.66 -7.70 -8.98
N GLY A 35 -1.98 -7.15 -9.96
CA GLY A 35 -0.54 -7.34 -10.09
C GLY A 35 0.15 -6.01 -9.96
N MET A 36 0.98 -5.85 -8.94
CA MET A 36 1.51 -4.54 -8.63
C MET A 36 3.00 -4.56 -8.33
N ARG A 37 3.53 -3.38 -8.09
CA ARG A 37 4.93 -3.19 -7.71
C ARG A 37 4.95 -2.21 -6.55
N TYR A 38 5.90 -2.36 -5.64
CA TYR A 38 5.88 -1.55 -4.42
C TYR A 38 7.21 -1.56 -3.69
N VAL A 39 7.40 -0.53 -2.88
CA VAL A 39 8.56 -0.42 -2.00
C VAL A 39 8.08 -0.21 -0.57
N GLY A 40 8.37 -1.16 0.31
CA GLY A 40 7.93 -1.08 1.69
C GLY A 40 9.02 -0.61 2.62
N LYS A 41 8.81 0.55 3.24
CA LYS A 41 9.79 1.13 4.14
C LYS A 41 9.23 1.29 5.55
N LEU A 42 10.14 1.46 6.50
CA LEU A 42 9.78 1.77 7.87
C LEU A 42 9.65 3.27 8.03
N LYS A 43 9.07 3.70 9.15
CA LYS A 43 8.99 5.13 9.46
C LYS A 43 10.39 5.70 9.70
N ASN A 44 11.38 4.82 9.78
CA ASN A 44 12.76 5.20 10.01
C ASN A 44 13.44 5.55 8.67
N GLY A 45 12.73 5.30 7.58
CA GLY A 45 13.25 5.60 6.26
C GLY A 45 13.89 4.40 5.59
N LYS A 46 14.12 3.36 6.37
CA LYS A 46 14.77 2.16 5.86
C LYS A 46 13.76 1.25 5.16
N VAL A 47 14.12 0.80 3.98
CA VAL A 47 13.28 -0.12 3.23
C VAL A 47 13.55 -1.56 3.68
N PHE A 48 12.48 -2.32 3.92
CA PHE A 48 12.63 -3.70 4.34
C PHE A 48 12.32 -4.67 3.22
N ASP A 49 11.40 -4.29 2.33
CA ASP A 49 11.07 -5.14 1.19
C ASP A 49 10.67 -4.28 0.01
N LYS A 50 10.89 -4.80 -1.19
CA LYS A 50 10.60 -4.06 -2.41
C LYS A 50 10.47 -5.03 -3.59
N ASN A 51 9.46 -4.82 -4.40
CA ASN A 51 9.22 -5.65 -5.58
C ASN A 51 8.80 -4.77 -6.74
N THR A 52 9.60 -4.79 -7.80
CA THR A 52 9.32 -3.96 -8.97
C THR A 52 10.10 -4.46 -10.18
N LYS A 53 11.37 -4.79 -10.00
CA LYS A 53 12.18 -5.32 -11.08
C LYS A 53 12.26 -6.84 -10.96
N GLY A 54 11.80 -7.54 -11.99
CA GLY A 54 11.87 -8.99 -12.01
C GLY A 54 10.77 -9.64 -11.18
N LYS A 55 10.44 -9.03 -10.05
CA LYS A 55 9.42 -9.56 -9.16
C LYS A 55 8.10 -8.81 -9.28
N PRO A 56 7.13 -9.36 -10.02
CA PRO A 56 5.77 -8.86 -10.00
C PRO A 56 4.96 -9.52 -8.88
N PHE A 57 4.32 -8.72 -8.05
CA PHE A 57 3.55 -9.26 -6.93
C PHE A 57 2.07 -9.24 -7.27
N VAL A 58 1.47 -10.42 -7.32
CA VAL A 58 0.06 -10.55 -7.60
C VAL A 58 -0.68 -11.11 -6.39
N PHE A 59 -1.65 -10.37 -5.89
CA PHE A 59 -2.49 -10.86 -4.80
C PHE A 59 -3.94 -10.50 -5.07
N LYS A 60 -4.85 -11.25 -4.49
CA LYS A 60 -6.27 -11.02 -4.65
C LYS A 60 -6.89 -10.46 -3.39
N LEU A 61 -7.72 -9.43 -3.55
CA LEU A 61 -8.39 -8.80 -2.42
C LEU A 61 -9.56 -9.66 -1.98
N GLY A 62 -9.44 -10.26 -0.82
CA GLY A 62 -10.48 -11.13 -0.32
C GLY A 62 -10.11 -11.74 1.01
N GLN A 63 -9.04 -12.52 1.01
CA GLN A 63 -8.58 -13.16 2.23
C GLN A 63 -7.47 -12.35 2.87
N GLY A 64 -7.34 -12.48 4.19
CA GLY A 64 -6.40 -11.68 4.94
C GLY A 64 -5.03 -12.32 5.02
N GLU A 65 -4.43 -12.57 3.86
CA GLU A 65 -3.06 -13.07 3.80
C GLU A 65 -2.09 -11.90 3.82
N VAL A 66 -2.60 -10.74 3.45
CA VAL A 66 -1.85 -9.50 3.52
C VAL A 66 -2.18 -8.78 4.83
N ILE A 67 -1.43 -7.77 5.18
CA ILE A 67 -1.76 -6.97 6.34
C ILE A 67 -2.98 -6.11 6.02
N LYS A 68 -3.81 -5.86 7.04
CA LYS A 68 -5.12 -5.20 6.87
C LYS A 68 -5.03 -3.92 6.04
N GLY A 69 -3.99 -3.14 6.28
CA GLY A 69 -3.79 -1.90 5.53
C GLY A 69 -3.76 -2.09 4.03
N TRP A 70 -3.39 -3.28 3.58
CA TRP A 70 -3.31 -3.57 2.15
C TRP A 70 -4.69 -3.74 1.53
N ASP A 71 -5.48 -4.70 2.01
CA ASP A 71 -6.85 -4.90 1.52
C ASP A 71 -7.64 -3.59 1.48
N ILE A 72 -7.40 -2.76 2.49
CA ILE A 72 -8.10 -1.49 2.61
C ILE A 72 -7.48 -0.41 1.70
N GLY A 73 -6.17 -0.22 1.80
CA GLY A 73 -5.50 0.81 1.02
C GLY A 73 -5.48 0.53 -0.48
N VAL A 74 -5.35 -0.73 -0.84
CA VAL A 74 -5.29 -1.11 -2.25
C VAL A 74 -6.68 -1.05 -2.89
N ALA A 75 -7.72 -1.17 -2.07
CA ALA A 75 -9.09 -1.08 -2.56
C ALA A 75 -9.38 0.33 -3.08
N GLY A 76 -9.25 0.50 -4.39
CA GLY A 76 -9.40 1.81 -4.99
C GLY A 76 -8.17 2.26 -5.77
N MET A 77 -7.20 1.36 -5.88
CA MET A 77 -6.00 1.63 -6.67
C MET A 77 -6.24 1.30 -8.15
N ALA A 78 -5.73 2.17 -9.02
CA ALA A 78 -5.92 2.02 -10.46
C ALA A 78 -4.63 1.56 -11.14
N VAL A 79 -4.77 0.67 -12.12
CA VAL A 79 -3.65 0.26 -12.95
C VAL A 79 -3.00 1.47 -13.63
N GLY A 80 -1.72 1.68 -13.36
CA GLY A 80 -1.01 2.80 -13.94
C GLY A 80 -0.79 3.92 -12.95
N GLY A 81 -1.48 3.84 -11.82
CA GLY A 81 -1.41 4.89 -10.82
C GLY A 81 -0.52 4.51 -9.66
N GLU A 82 0.21 5.49 -9.14
CA GLU A 82 1.11 5.28 -8.01
C GLU A 82 0.66 6.09 -6.81
N ARG A 83 0.62 5.47 -5.64
CA ARG A 83 0.18 6.16 -4.43
C ARG A 83 0.96 5.67 -3.22
N ARG A 84 1.23 6.59 -2.32
CA ARG A 84 1.89 6.27 -1.08
C ARG A 84 0.85 5.90 -0.01
N ILE A 85 0.96 4.68 0.49
CA ILE A 85 0.06 4.21 1.55
C ILE A 85 0.81 4.18 2.89
N VAL A 86 0.32 4.92 3.86
CA VAL A 86 0.89 4.92 5.19
C VAL A 86 0.04 4.05 6.11
N ILE A 87 0.63 2.98 6.62
CA ILE A 87 -0.12 2.00 7.40
C ILE A 87 0.32 2.00 8.86
N PRO A 88 -0.54 2.50 9.76
CA PRO A 88 -0.31 2.42 11.21
C PRO A 88 -0.04 1.00 11.68
N ALA A 89 0.71 0.89 12.78
CA ALA A 89 1.13 -0.41 13.31
C ALA A 89 -0.04 -1.40 13.50
N PRO A 90 -1.16 -1.00 14.15
CA PRO A 90 -2.29 -1.92 14.43
C PRO A 90 -2.82 -2.63 13.19
N TYR A 91 -2.76 -1.97 12.04
CA TYR A 91 -3.34 -2.52 10.83
C TYR A 91 -2.28 -3.26 10.02
N ALA A 92 -1.12 -3.45 10.63
CA ALA A 92 -0.08 -4.28 10.06
C ALA A 92 0.24 -5.43 11.02
N TYR A 93 1.42 -5.38 11.65
CA TYR A 93 1.84 -6.41 12.60
C TYR A 93 1.24 -6.18 13.98
N GLY A 94 0.68 -4.98 14.18
CA GLY A 94 0.00 -4.69 15.42
C GLY A 94 0.93 -4.17 16.49
N LYS A 95 1.09 -4.96 17.56
CA LYS A 95 1.89 -4.54 18.71
C LYS A 95 3.11 -5.43 18.86
N GLN A 96 3.41 -6.19 17.82
CA GLN A 96 4.51 -7.13 17.85
C GLN A 96 5.81 -6.47 17.45
N ALA A 97 6.76 -6.42 18.37
CA ALA A 97 8.07 -5.86 18.09
C ALA A 97 9.00 -6.91 17.52
N LEU A 98 9.14 -6.90 16.20
CA LEU A 98 10.01 -7.83 15.51
C LEU A 98 11.41 -7.23 15.38
N PRO A 99 12.44 -8.08 15.21
CA PRO A 99 13.79 -7.59 14.91
C PRO A 99 13.80 -6.84 13.59
N GLY A 100 14.07 -5.55 13.66
CA GLY A 100 14.02 -4.70 12.49
C GLY A 100 12.70 -3.97 12.35
N ILE A 101 11.62 -4.59 12.84
CA ILE A 101 10.30 -3.98 12.75
C ILE A 101 9.63 -4.00 14.13
N PRO A 102 10.00 -3.07 15.01
CA PRO A 102 9.44 -2.99 16.36
C PRO A 102 8.04 -2.37 16.36
N ALA A 103 7.34 -2.52 17.48
CA ALA A 103 6.02 -1.92 17.63
C ALA A 103 6.10 -0.40 17.47
N ASN A 104 5.00 0.20 17.02
CA ASN A 104 4.90 1.65 16.80
C ASN A 104 5.63 2.07 15.53
N SER A 105 6.15 1.11 14.78
CA SER A 105 6.78 1.41 13.52
C SER A 105 5.75 1.53 12.41
N GLU A 106 5.32 2.76 12.17
CA GLU A 106 4.34 3.06 11.14
C GLU A 106 4.94 2.77 9.76
N LEU A 107 4.41 1.76 9.09
CA LEU A 107 4.97 1.31 7.83
C LEU A 107 4.56 2.22 6.69
N THR A 108 5.48 2.47 5.77
CA THR A 108 5.22 3.34 4.66
C THR A 108 5.40 2.56 3.36
N PHE A 109 4.35 2.46 2.57
CA PHE A 109 4.39 1.67 1.36
C PHE A 109 4.21 2.54 0.12
N ASP A 110 5.25 2.61 -0.68
CA ASP A 110 5.19 3.31 -1.95
C ASP A 110 4.78 2.32 -3.03
N VAL A 111 3.54 2.38 -3.46
CA VAL A 111 2.97 1.31 -4.27
C VAL A 111 2.30 1.83 -5.54
N LYS A 112 2.36 1.03 -6.60
CA LYS A 112 1.61 1.31 -7.80
C LYS A 112 1.12 0.03 -8.45
N LEU A 113 -0.02 0.13 -9.12
CA LEU A 113 -0.65 -1.02 -9.75
C LEU A 113 -0.31 -1.04 -11.23
N VAL A 114 -0.02 -2.22 -11.76
CA VAL A 114 0.43 -2.31 -13.15
C VAL A 114 -0.38 -3.34 -13.96
N SER A 115 -1.22 -4.12 -13.29
CA SER A 115 -2.02 -5.14 -13.95
C SER A 115 -3.20 -5.56 -13.08
N MET A 116 -4.24 -6.11 -13.70
CA MET A 116 -5.43 -6.54 -12.99
C MET A 116 -6.17 -7.64 -13.76
N LYS A 117 -6.53 -8.70 -13.06
CA LYS A 117 -7.29 -9.80 -13.63
C LYS A 117 -8.25 -10.36 -12.58
N GLY A 1 4.13 19.89 -15.06
CA GLY A 1 3.52 20.55 -13.89
C GLY A 1 4.33 20.31 -12.63
N ALA A 2 3.73 20.60 -11.48
CA ALA A 2 4.41 20.44 -10.21
C ALA A 2 3.45 19.94 -9.14
N MET A 3 3.99 19.30 -8.12
CA MET A 3 3.18 18.78 -7.03
C MET A 3 3.18 19.76 -5.86
N ALA A 4 2.07 20.47 -5.70
CA ALA A 4 1.95 21.46 -4.63
C ALA A 4 1.37 20.82 -3.38
N LYS A 5 2.27 20.44 -2.47
CA LYS A 5 1.91 19.75 -1.22
C LYS A 5 1.45 18.32 -1.49
N PRO A 6 1.96 17.36 -0.71
CA PRO A 6 1.57 15.95 -0.82
C PRO A 6 0.09 15.77 -0.51
N LYS A 7 -0.63 15.13 -1.44
CA LYS A 7 -2.06 14.96 -1.27
C LYS A 7 -2.35 13.66 -0.55
N THR A 8 -2.71 13.78 0.72
CA THR A 8 -2.93 12.64 1.56
C THR A 8 -4.40 12.48 1.95
N LYS A 9 -4.89 11.25 1.90
CA LYS A 9 -6.24 10.94 2.34
C LYS A 9 -6.15 10.12 3.63
N LEU A 10 -7.01 10.44 4.58
CA LEU A 10 -7.01 9.73 5.86
C LEU A 10 -8.11 8.68 5.89
N LEU A 11 -7.70 7.44 6.11
CA LEU A 11 -8.64 6.32 6.15
C LEU A 11 -8.80 5.80 7.57
N GLU A 12 -9.35 4.61 7.71
CA GLU A 12 -9.59 4.00 8.99
C GLU A 12 -8.30 3.71 9.73
N GLY A 13 -8.34 3.83 11.06
CA GLY A 13 -7.19 3.54 11.90
C GLY A 13 -6.02 4.47 11.68
N GLY A 14 -6.24 5.53 10.92
CA GLY A 14 -5.20 6.47 10.65
C GLY A 14 -4.39 6.15 9.41
N ILE A 15 -4.88 5.22 8.59
CA ILE A 15 -4.20 4.88 7.35
C ILE A 15 -4.12 6.10 6.44
N ILE A 16 -2.92 6.40 5.98
CA ILE A 16 -2.71 7.56 5.13
C ILE A 16 -2.30 7.12 3.73
N ILE A 17 -2.83 7.78 2.71
CA ILE A 17 -2.42 7.51 1.35
C ILE A 17 -2.03 8.80 0.65
N GLU A 18 -0.83 8.80 0.07
CA GLU A 18 -0.30 9.96 -0.61
C GLU A 18 -0.38 9.72 -2.13
N ASP A 19 -1.29 10.42 -2.79
CA ASP A 19 -1.60 10.14 -4.19
C ASP A 19 -0.53 10.73 -5.10
N ARG A 20 0.36 9.86 -5.57
CA ARG A 20 1.57 10.27 -6.28
C ARG A 20 1.32 10.41 -7.77
N VAL A 21 0.89 9.33 -8.41
CA VAL A 21 0.67 9.34 -9.86
C VAL A 21 -0.79 9.00 -10.17
N THR A 22 -1.38 9.79 -11.04
CA THR A 22 -2.76 9.57 -11.46
C THR A 22 -2.82 8.71 -12.72
N GLY A 23 -3.49 7.56 -12.61
CA GLY A 23 -3.53 6.62 -13.71
C GLY A 23 -4.94 6.23 -14.10
N LYS A 24 -5.06 5.16 -14.88
CA LYS A 24 -6.35 4.63 -15.28
C LYS A 24 -7.01 3.93 -14.10
N GLY A 25 -8.33 3.91 -14.06
CA GLY A 25 -8.99 3.47 -12.85
C GLY A 25 -9.88 2.25 -13.00
N PRO A 26 -9.29 1.05 -13.01
CA PRO A 26 -10.01 -0.19 -12.72
C PRO A 26 -10.02 -0.42 -11.21
N HIS A 27 -11.18 -0.75 -10.66
CA HIS A 27 -11.32 -0.80 -9.22
C HIS A 27 -11.04 -2.20 -8.66
N ALA A 28 -9.99 -2.29 -7.85
CA ALA A 28 -9.67 -3.51 -7.13
C ALA A 28 -10.75 -3.80 -6.10
N LYS A 29 -11.38 -4.97 -6.21
CA LYS A 29 -12.49 -5.34 -5.35
C LYS A 29 -12.18 -6.65 -4.63
N LYS A 30 -13.11 -7.09 -3.79
CA LYS A 30 -12.96 -8.33 -3.05
C LYS A 30 -12.90 -9.53 -4.00
N GLY A 31 -11.75 -10.18 -4.05
CA GLY A 31 -11.58 -11.31 -4.95
C GLY A 31 -10.88 -10.93 -6.24
N THR A 32 -10.65 -9.64 -6.44
CA THR A 32 -10.00 -9.16 -7.66
C THR A 32 -8.48 -9.39 -7.57
N ARG A 33 -7.86 -9.68 -8.72
CA ARG A 33 -6.42 -9.96 -8.75
C ARG A 33 -5.68 -8.77 -9.34
N VAL A 34 -4.89 -8.13 -8.53
CA VAL A 34 -4.10 -6.99 -8.99
C VAL A 34 -2.62 -7.36 -9.11
N GLY A 35 -2.02 -6.88 -10.19
CA GLY A 35 -0.60 -7.05 -10.40
C GLY A 35 0.12 -5.73 -10.23
N MET A 36 0.97 -5.63 -9.23
CA MET A 36 1.54 -4.36 -8.84
C MET A 36 3.03 -4.46 -8.54
N ARG A 37 3.62 -3.33 -8.24
CA ARG A 37 5.01 -3.25 -7.84
C ARG A 37 5.10 -2.28 -6.66
N TYR A 38 6.02 -2.53 -5.73
CA TYR A 38 6.00 -1.77 -4.48
C TYR A 38 7.32 -1.83 -3.74
N VAL A 39 7.51 -0.88 -2.85
CA VAL A 39 8.67 -0.83 -1.97
C VAL A 39 8.21 -0.71 -0.52
N GLY A 40 8.60 -1.68 0.29
CA GLY A 40 8.19 -1.71 1.68
C GLY A 40 9.22 -1.08 2.58
N LYS A 41 8.91 0.12 3.06
CA LYS A 41 9.82 0.90 3.89
C LYS A 41 9.26 1.06 5.30
N LEU A 42 10.15 1.29 6.26
CA LEU A 42 9.74 1.64 7.62
C LEU A 42 9.60 3.15 7.73
N LYS A 43 8.92 3.62 8.78
CA LYS A 43 8.73 5.05 9.01
C LYS A 43 10.07 5.72 9.33
N ASN A 44 11.09 4.93 9.57
CA ASN A 44 12.42 5.44 9.87
C ASN A 44 13.20 5.65 8.57
N GLY A 45 12.62 5.20 7.46
CA GLY A 45 13.28 5.32 6.17
C GLY A 45 13.94 4.03 5.74
N LYS A 46 14.11 3.11 6.67
CA LYS A 46 14.73 1.84 6.40
C LYS A 46 13.82 0.95 5.56
N VAL A 47 14.27 0.60 4.37
CA VAL A 47 13.52 -0.29 3.50
C VAL A 47 13.85 -1.74 3.83
N PHE A 48 12.82 -2.56 3.98
CA PHE A 48 13.03 -3.97 4.31
C PHE A 48 12.76 -4.86 3.09
N ASP A 49 11.61 -4.66 2.45
CA ASP A 49 11.26 -5.47 1.28
C ASP A 49 10.98 -4.57 0.10
N LYS A 50 11.17 -5.09 -1.09
CA LYS A 50 11.05 -4.28 -2.30
C LYS A 50 11.00 -5.14 -3.54
N ASN A 51 10.03 -4.87 -4.40
CA ASN A 51 9.99 -5.47 -5.73
C ASN A 51 9.39 -4.49 -6.72
N THR A 52 10.22 -4.09 -7.67
CA THR A 52 9.86 -3.04 -8.61
C THR A 52 10.53 -3.27 -9.96
N LYS A 53 11.83 -3.57 -9.91
CA LYS A 53 12.61 -3.77 -11.12
C LYS A 53 12.28 -5.11 -11.78
N GLY A 54 11.35 -5.07 -12.72
CA GLY A 54 11.01 -6.24 -13.51
C GLY A 54 10.16 -7.25 -12.74
N LYS A 55 10.05 -7.09 -11.42
CA LYS A 55 9.30 -8.02 -10.59
C LYS A 55 7.93 -7.47 -10.21
N PRO A 56 6.88 -7.91 -10.90
CA PRO A 56 5.51 -7.62 -10.50
C PRO A 56 4.97 -8.65 -9.51
N PHE A 57 4.23 -8.19 -8.52
CA PHE A 57 3.60 -9.09 -7.57
C PHE A 57 2.10 -9.08 -7.80
N VAL A 58 1.52 -10.26 -7.94
CA VAL A 58 0.10 -10.37 -8.23
C VAL A 58 -0.61 -11.06 -7.06
N PHE A 59 -1.55 -10.36 -6.46
CA PHE A 59 -2.29 -10.91 -5.34
C PHE A 59 -3.76 -10.55 -5.46
N LYS A 60 -4.59 -11.20 -4.68
CA LYS A 60 -6.03 -10.94 -4.70
C LYS A 60 -6.46 -10.28 -3.40
N LEU A 61 -7.36 -9.32 -3.50
CA LEU A 61 -7.92 -8.69 -2.31
C LEU A 61 -8.85 -9.66 -1.60
N GLY A 62 -8.78 -9.68 -0.29
CA GLY A 62 -9.53 -10.64 0.48
C GLY A 62 -8.73 -11.89 0.82
N GLN A 63 -7.45 -11.89 0.49
CA GLN A 63 -6.59 -13.02 0.87
C GLN A 63 -6.07 -12.82 2.28
N GLY A 64 -5.85 -13.92 2.99
CA GLY A 64 -5.64 -13.85 4.42
C GLY A 64 -4.18 -13.69 4.82
N GLU A 65 -3.32 -13.33 3.88
CA GLU A 65 -1.92 -13.13 4.23
C GLU A 65 -1.54 -11.64 4.15
N VAL A 66 -2.43 -10.81 3.64
CA VAL A 66 -2.17 -9.38 3.57
C VAL A 66 -2.76 -8.67 4.77
N ILE A 67 -2.10 -7.62 5.23
CA ILE A 67 -2.60 -6.84 6.35
C ILE A 67 -3.80 -6.00 5.91
N LYS A 68 -4.63 -5.61 6.86
CA LYS A 68 -5.85 -4.87 6.55
C LYS A 68 -5.54 -3.52 5.91
N GLY A 69 -4.47 -2.89 6.34
CA GLY A 69 -4.02 -1.66 5.70
C GLY A 69 -3.88 -1.80 4.20
N TRP A 70 -3.32 -2.93 3.78
CA TRP A 70 -3.18 -3.24 2.36
C TRP A 70 -4.54 -3.52 1.73
N ASP A 71 -5.22 -4.53 2.25
CA ASP A 71 -6.52 -4.97 1.74
C ASP A 71 -7.52 -3.82 1.62
N ILE A 72 -7.42 -2.86 2.53
CA ILE A 72 -8.31 -1.70 2.52
C ILE A 72 -7.78 -0.60 1.60
N GLY A 73 -6.52 -0.22 1.79
CA GLY A 73 -5.92 0.83 0.97
C GLY A 73 -5.87 0.49 -0.52
N VAL A 74 -5.66 -0.78 -0.84
CA VAL A 74 -5.59 -1.22 -2.22
C VAL A 74 -6.97 -1.32 -2.86
N ALA A 75 -8.01 -1.38 -2.03
CA ALA A 75 -9.38 -1.43 -2.53
C ALA A 75 -9.73 -0.15 -3.28
N GLY A 76 -9.68 -0.22 -4.61
CA GLY A 76 -9.92 0.94 -5.42
C GLY A 76 -8.64 1.51 -6.02
N MET A 77 -7.56 0.74 -5.92
CA MET A 77 -6.28 1.14 -6.50
C MET A 77 -6.37 1.17 -8.02
N ALA A 78 -5.70 2.12 -8.64
CA ALA A 78 -5.81 2.37 -10.06
C ALA A 78 -4.61 1.82 -10.83
N VAL A 79 -4.87 1.01 -11.85
CA VAL A 79 -3.82 0.51 -12.73
C VAL A 79 -3.19 1.66 -13.52
N GLY A 80 -1.94 1.93 -13.23
CA GLY A 80 -1.26 3.04 -13.86
C GLY A 80 -1.00 4.16 -12.87
N GLY A 81 -1.61 4.04 -11.70
CA GLY A 81 -1.44 5.04 -10.68
C GLY A 81 -0.47 4.60 -9.60
N GLU A 82 0.06 5.57 -8.87
CA GLU A 82 1.02 5.30 -7.81
C GLU A 82 0.65 6.13 -6.58
N ARG A 83 0.80 5.55 -5.40
CA ARG A 83 0.53 6.27 -4.17
C ARG A 83 1.29 5.66 -3.02
N ARG A 84 1.74 6.49 -2.10
CA ARG A 84 2.45 6.02 -0.94
C ARG A 84 1.50 5.76 0.21
N ILE A 85 1.48 4.53 0.67
CA ILE A 85 0.55 4.13 1.71
C ILE A 85 1.27 4.05 3.05
N VAL A 86 0.80 4.86 3.99
CA VAL A 86 1.34 4.85 5.35
C VAL A 86 0.37 4.12 6.26
N ILE A 87 0.79 2.97 6.75
CA ILE A 87 -0.08 2.12 7.55
C ILE A 87 0.36 2.11 9.01
N PRO A 88 -0.35 2.86 9.86
CA PRO A 88 -0.16 2.80 11.30
C PRO A 88 -0.30 1.38 11.84
N ALA A 89 0.34 1.15 12.98
CA ALA A 89 0.44 -0.18 13.60
C ALA A 89 -0.90 -0.95 13.64
N PRO A 90 -2.01 -0.34 14.14
CA PRO A 90 -3.27 -1.06 14.36
C PRO A 90 -3.77 -1.85 13.15
N TYR A 91 -3.49 -1.37 11.95
CA TYR A 91 -4.01 -2.04 10.75
C TYR A 91 -2.93 -2.89 10.06
N ALA A 92 -1.84 -3.11 10.78
CA ALA A 92 -0.80 -4.02 10.29
C ALA A 92 -0.49 -5.09 11.35
N TYR A 93 0.68 -4.98 11.98
CA TYR A 93 1.08 -5.96 12.99
C TYR A 93 0.49 -5.61 14.36
N GLY A 94 0.12 -4.34 14.54
CA GLY A 94 -0.41 -3.89 15.81
C GLY A 94 0.65 -3.86 16.89
N LYS A 95 0.46 -4.66 17.94
CA LYS A 95 1.41 -4.73 19.02
C LYS A 95 2.28 -5.99 18.91
N GLN A 96 2.28 -6.58 17.71
CA GLN A 96 3.11 -7.74 17.43
C GLN A 96 4.52 -7.30 17.02
N ALA A 97 5.47 -7.41 17.95
CA ALA A 97 6.85 -7.06 17.67
C ALA A 97 7.57 -8.20 16.95
N LEU A 98 7.84 -8.01 15.67
CA LEU A 98 8.61 -8.96 14.90
C LEU A 98 10.09 -8.61 14.99
N PRO A 99 10.99 -9.57 14.72
CA PRO A 99 12.42 -9.26 14.64
C PRO A 99 12.69 -8.28 13.51
N GLY A 100 13.14 -7.09 13.88
CA GLY A 100 13.40 -6.06 12.88
C GLY A 100 12.24 -5.10 12.74
N ILE A 101 11.02 -5.59 12.98
CA ILE A 101 9.81 -4.78 12.88
C ILE A 101 8.98 -4.90 14.16
N PRO A 102 9.28 -4.06 15.16
CA PRO A 102 8.62 -4.13 16.46
C PRO A 102 7.24 -3.46 16.46
N ALA A 103 6.49 -3.69 17.54
CA ALA A 103 5.17 -3.11 17.70
C ALA A 103 5.19 -1.60 17.54
N ASN A 104 4.07 -1.05 17.07
CA ASN A 104 3.91 0.39 16.85
C ASN A 104 4.74 0.87 15.66
N SER A 105 5.19 -0.08 14.85
CA SER A 105 5.91 0.26 13.63
C SER A 105 4.92 0.71 12.58
N GLU A 106 5.17 1.89 12.04
CA GLU A 106 4.30 2.47 11.02
C GLU A 106 4.95 2.27 9.66
N LEU A 107 4.34 1.46 8.84
CA LEU A 107 4.94 1.07 7.57
C LEU A 107 4.61 2.08 6.49
N THR A 108 5.53 2.28 5.55
CA THR A 108 5.29 3.11 4.39
C THR A 108 5.54 2.29 3.13
N PHE A 109 4.55 2.21 2.27
CA PHE A 109 4.65 1.41 1.07
C PHE A 109 4.46 2.26 -0.17
N ASP A 110 5.52 2.43 -0.93
CA ASP A 110 5.40 3.00 -2.26
C ASP A 110 4.76 1.97 -3.16
N VAL A 111 3.48 2.14 -3.47
CA VAL A 111 2.77 1.16 -4.26
C VAL A 111 2.27 1.76 -5.56
N LYS A 112 2.46 1.01 -6.64
CA LYS A 112 2.01 1.43 -7.95
C LYS A 112 1.47 0.21 -8.70
N LEU A 113 0.26 0.36 -9.24
CA LEU A 113 -0.45 -0.76 -9.84
C LEU A 113 -0.20 -0.76 -11.34
N VAL A 114 0.06 -1.93 -11.91
CA VAL A 114 0.42 -2.02 -13.33
C VAL A 114 -0.48 -2.98 -14.11
N SER A 115 -1.37 -3.67 -13.41
CA SER A 115 -2.23 -4.66 -14.06
C SER A 115 -3.34 -5.13 -13.13
N MET A 116 -4.42 -5.64 -13.72
CA MET A 116 -5.53 -6.18 -12.95
C MET A 116 -6.38 -7.10 -13.83
N LYS A 117 -6.83 -8.22 -13.26
CA LYS A 117 -7.73 -9.17 -13.91
C LYS A 117 -7.06 -9.84 -15.12
N GLY A 1 11.64 15.66 -5.00
CA GLY A 1 10.58 15.38 -4.00
C GLY A 1 9.85 16.64 -3.60
N ALA A 2 9.20 17.28 -4.56
CA ALA A 2 8.52 18.54 -4.31
C ALA A 2 7.08 18.32 -3.87
N MET A 3 6.33 17.59 -4.69
CA MET A 3 4.89 17.40 -4.50
C MET A 3 4.18 18.74 -4.59
N ALA A 4 3.56 19.01 -5.73
CA ALA A 4 2.96 20.31 -6.00
C ALA A 4 1.86 20.64 -5.01
N LYS A 5 1.24 19.62 -4.49
CA LYS A 5 0.19 19.77 -3.50
C LYS A 5 -0.12 18.43 -2.85
N PRO A 6 0.26 18.28 -1.58
CA PRO A 6 0.02 17.05 -0.83
C PRO A 6 -1.47 16.75 -0.70
N LYS A 7 -1.87 15.57 -1.12
CA LYS A 7 -3.27 15.18 -1.12
C LYS A 7 -3.44 13.89 -0.34
N THR A 8 -3.65 14.02 0.95
CA THR A 8 -3.73 12.87 1.83
C THR A 8 -5.16 12.60 2.25
N LYS A 9 -5.48 11.33 2.41
CA LYS A 9 -6.79 10.93 2.90
C LYS A 9 -6.62 9.99 4.08
N LEU A 10 -7.46 10.16 5.09
CA LEU A 10 -7.42 9.31 6.27
C LEU A 10 -8.44 8.18 6.15
N LEU A 11 -7.94 6.96 6.22
CA LEU A 11 -8.79 5.78 6.11
C LEU A 11 -8.96 5.12 7.47
N GLU A 12 -9.57 3.94 7.47
CA GLU A 12 -9.87 3.24 8.71
C GLU A 12 -8.59 2.83 9.43
N GLY A 13 -8.63 2.86 10.76
CA GLY A 13 -7.47 2.51 11.56
C GLY A 13 -6.37 3.56 11.50
N GLY A 14 -6.67 4.69 10.87
CA GLY A 14 -5.70 5.75 10.75
C GLY A 14 -4.77 5.58 9.57
N ILE A 15 -5.17 4.77 8.60
CA ILE A 15 -4.38 4.57 7.39
C ILE A 15 -4.32 5.86 6.58
N ILE A 16 -3.12 6.29 6.26
CA ILE A 16 -2.95 7.54 5.52
C ILE A 16 -2.45 7.23 4.12
N ILE A 17 -3.00 7.89 3.12
CA ILE A 17 -2.58 7.67 1.75
C ILE A 17 -2.20 8.97 1.07
N GLU A 18 -1.01 8.98 0.48
CA GLU A 18 -0.53 10.10 -0.31
C GLU A 18 -0.62 9.71 -1.78
N ASP A 19 -1.59 10.25 -2.49
CA ASP A 19 -1.84 9.79 -3.85
C ASP A 19 -0.82 10.40 -4.79
N ARG A 20 0.07 9.56 -5.31
CA ARG A 20 1.21 10.03 -6.08
C ARG A 20 0.79 10.40 -7.50
N VAL A 21 0.26 9.43 -8.24
CA VAL A 21 -0.21 9.70 -9.59
C VAL A 21 -1.57 9.03 -9.83
N THR A 22 -2.58 9.84 -10.13
CA THR A 22 -3.90 9.33 -10.47
C THR A 22 -3.86 8.60 -11.80
N GLY A 23 -3.97 7.29 -11.75
CA GLY A 23 -3.98 6.50 -12.96
C GLY A 23 -5.39 6.21 -13.42
N LYS A 24 -5.53 5.92 -14.70
CA LYS A 24 -6.83 5.58 -15.26
C LYS A 24 -6.82 4.15 -15.76
N GLY A 25 -7.56 3.28 -15.09
CA GLY A 25 -7.62 1.91 -15.49
C GLY A 25 -8.67 1.16 -14.71
N PRO A 26 -8.62 -0.17 -14.69
CA PRO A 26 -9.53 -0.99 -13.89
C PRO A 26 -9.31 -0.77 -12.40
N HIS A 27 -10.41 -0.58 -11.67
CA HIS A 27 -10.35 -0.36 -10.23
C HIS A 27 -10.39 -1.68 -9.49
N ALA A 28 -9.51 -1.83 -8.51
CA ALA A 28 -9.41 -3.05 -7.75
C ALA A 28 -10.36 -3.05 -6.56
N LYS A 29 -11.14 -4.11 -6.43
CA LYS A 29 -12.02 -4.28 -5.27
C LYS A 29 -11.71 -5.61 -4.60
N LYS A 30 -12.48 -5.95 -3.57
CA LYS A 30 -12.25 -7.18 -2.84
C LYS A 30 -12.56 -8.39 -3.73
N GLY A 31 -11.66 -9.36 -3.72
CA GLY A 31 -11.81 -10.53 -4.57
C GLY A 31 -11.11 -10.37 -5.91
N THR A 32 -10.64 -9.16 -6.19
CA THR A 32 -9.97 -8.86 -7.45
C THR A 32 -8.49 -9.30 -7.41
N ARG A 33 -7.98 -9.76 -8.54
CA ARG A 33 -6.61 -10.25 -8.62
C ARG A 33 -5.77 -9.25 -9.41
N VAL A 34 -4.98 -8.49 -8.68
CA VAL A 34 -4.17 -7.44 -9.28
C VAL A 34 -2.68 -7.73 -9.22
N GLY A 35 -1.94 -7.07 -10.08
CA GLY A 35 -0.49 -7.19 -10.10
C GLY A 35 0.14 -5.83 -9.94
N MET A 36 0.99 -5.68 -8.93
CA MET A 36 1.55 -4.39 -8.61
C MET A 36 3.05 -4.46 -8.35
N ARG A 37 3.62 -3.31 -8.08
CA ARG A 37 5.02 -3.16 -7.73
C ARG A 37 5.10 -2.16 -6.59
N TYR A 38 6.00 -2.38 -5.64
CA TYR A 38 5.95 -1.64 -4.39
C TYR A 38 7.27 -1.69 -3.62
N VAL A 39 7.51 -0.66 -2.84
CA VAL A 39 8.64 -0.62 -1.93
C VAL A 39 8.14 -0.53 -0.50
N GLY A 40 8.48 -1.53 0.31
CA GLY A 40 8.04 -1.58 1.68
C GLY A 40 9.08 -1.07 2.65
N LYS A 41 8.82 0.10 3.22
CA LYS A 41 9.75 0.75 4.12
C LYS A 41 9.13 0.96 5.49
N LEU A 42 9.98 1.21 6.48
CA LEU A 42 9.54 1.70 7.77
C LEU A 42 9.45 3.22 7.68
N LYS A 43 8.77 3.85 8.64
CA LYS A 43 8.76 5.32 8.72
C LYS A 43 10.17 5.84 9.00
N ASN A 44 11.08 4.92 9.30
CA ASN A 44 12.48 5.22 9.53
C ASN A 44 13.21 5.40 8.19
N GLY A 45 12.54 5.00 7.11
CA GLY A 45 13.15 5.06 5.79
C GLY A 45 13.75 3.72 5.41
N LYS A 46 14.09 2.94 6.43
CA LYS A 46 14.65 1.60 6.25
C LYS A 46 13.66 0.71 5.50
N VAL A 47 14.10 0.20 4.36
CA VAL A 47 13.27 -0.68 3.55
C VAL A 47 13.48 -2.13 3.97
N PHE A 48 12.38 -2.83 4.26
CA PHE A 48 12.48 -4.23 4.70
C PHE A 48 12.21 -5.18 3.54
N ASP A 49 11.44 -4.74 2.56
CA ASP A 49 11.20 -5.55 1.37
C ASP A 49 10.83 -4.65 0.21
N LYS A 50 11.24 -5.03 -1.00
CA LYS A 50 10.96 -4.23 -2.19
C LYS A 50 10.83 -5.10 -3.42
N ASN A 51 9.74 -4.92 -4.14
CA ASN A 51 9.53 -5.58 -5.41
C ASN A 51 9.25 -4.51 -6.43
N THR A 52 10.13 -4.36 -7.40
CA THR A 52 10.08 -3.20 -8.28
C THR A 52 10.74 -3.48 -9.62
N LYS A 53 12.02 -3.82 -9.58
CA LYS A 53 12.82 -3.98 -10.78
C LYS A 53 12.36 -5.17 -11.63
N GLY A 54 11.45 -4.89 -12.56
CA GLY A 54 10.90 -5.94 -13.42
C GLY A 54 10.10 -6.97 -12.65
N LYS A 55 9.98 -6.76 -11.34
CA LYS A 55 9.37 -7.74 -10.46
C LYS A 55 7.98 -7.33 -10.02
N PRO A 56 6.94 -7.92 -10.63
CA PRO A 56 5.56 -7.71 -10.23
C PRO A 56 5.10 -8.68 -9.13
N PHE A 57 4.02 -8.33 -8.45
CA PHE A 57 3.41 -9.22 -7.47
C PHE A 57 1.90 -9.24 -7.67
N VAL A 58 1.35 -10.44 -7.81
CA VAL A 58 -0.08 -10.60 -8.07
C VAL A 58 -0.78 -11.18 -6.84
N PHE A 59 -1.76 -10.45 -6.32
CA PHE A 59 -2.47 -10.89 -5.13
C PHE A 59 -3.95 -10.52 -5.19
N LYS A 60 -4.73 -11.22 -4.40
CA LYS A 60 -6.16 -10.96 -4.28
C LYS A 60 -6.42 -9.92 -3.19
N LEU A 61 -7.16 -8.88 -3.53
CA LEU A 61 -7.59 -7.90 -2.53
C LEU A 61 -8.60 -8.52 -1.58
N GLY A 62 -8.43 -8.22 -0.30
CA GLY A 62 -9.36 -8.73 0.70
C GLY A 62 -9.09 -10.18 1.07
N GLN A 63 -7.88 -10.45 1.53
CA GLN A 63 -7.52 -11.79 1.97
C GLN A 63 -6.60 -11.70 3.19
N GLY A 64 -6.51 -12.79 3.92
CA GLY A 64 -5.78 -12.79 5.17
C GLY A 64 -4.28 -12.95 4.98
N GLU A 65 -3.87 -13.04 3.72
CA GLU A 65 -2.45 -13.16 3.41
C GLU A 65 -1.76 -11.81 3.56
N VAL A 66 -2.53 -10.75 3.49
CA VAL A 66 -2.01 -9.40 3.57
C VAL A 66 -2.50 -8.72 4.84
N ILE A 67 -1.89 -7.59 5.18
CA ILE A 67 -2.34 -6.81 6.33
C ILE A 67 -3.47 -5.88 5.90
N LYS A 68 -4.32 -5.49 6.84
CA LYS A 68 -5.53 -4.73 6.51
C LYS A 68 -5.22 -3.39 5.84
N GLY A 69 -4.05 -2.83 6.15
CA GLY A 69 -3.61 -1.63 5.45
C GLY A 69 -3.56 -1.80 3.94
N TRP A 70 -3.28 -3.03 3.50
CA TRP A 70 -3.18 -3.32 2.08
C TRP A 70 -4.54 -3.39 1.41
N ASP A 71 -5.40 -4.30 1.86
CA ASP A 71 -6.68 -4.53 1.18
C ASP A 71 -7.57 -3.30 1.26
N ILE A 72 -7.36 -2.47 2.26
CA ILE A 72 -8.11 -1.25 2.42
C ILE A 72 -7.49 -0.12 1.59
N GLY A 73 -6.20 0.10 1.75
CA GLY A 73 -5.50 1.14 1.00
C GLY A 73 -5.50 0.90 -0.51
N VAL A 74 -5.38 -0.36 -0.91
CA VAL A 74 -5.34 -0.73 -2.32
C VAL A 74 -6.75 -0.78 -2.92
N ALA A 75 -7.77 -0.78 -2.07
CA ALA A 75 -9.16 -0.78 -2.53
C ALA A 75 -9.46 0.50 -3.31
N GLY A 76 -9.70 0.35 -4.60
CA GLY A 76 -9.94 1.50 -5.45
C GLY A 76 -8.69 1.95 -6.17
N MET A 77 -7.72 1.05 -6.26
CA MET A 77 -6.50 1.30 -7.03
C MET A 77 -6.79 1.16 -8.51
N ALA A 78 -5.99 1.81 -9.34
CA ALA A 78 -6.17 1.75 -10.77
C ALA A 78 -4.85 1.43 -11.48
N VAL A 79 -4.91 0.50 -12.43
CA VAL A 79 -3.76 0.16 -13.25
C VAL A 79 -3.20 1.39 -13.95
N GLY A 80 -1.98 1.76 -13.58
CA GLY A 80 -1.35 2.93 -14.15
C GLY A 80 -1.14 4.01 -13.13
N GLY A 81 -1.69 3.83 -11.94
CA GLY A 81 -1.56 4.81 -10.89
C GLY A 81 -0.66 4.35 -9.76
N GLU A 82 -0.20 5.30 -8.96
CA GLU A 82 0.68 5.00 -7.84
C GLU A 82 0.31 5.87 -6.65
N ARG A 83 0.46 5.32 -5.45
CA ARG A 83 0.17 6.07 -4.23
C ARG A 83 0.96 5.54 -3.04
N ARG A 84 1.34 6.46 -2.16
CA ARG A 84 2.10 6.14 -0.97
C ARG A 84 1.15 5.77 0.16
N ILE A 85 1.22 4.52 0.60
CA ILE A 85 0.34 4.03 1.65
C ILE A 85 1.08 3.98 2.99
N VAL A 86 0.61 4.76 3.95
CA VAL A 86 1.20 4.78 5.28
C VAL A 86 0.30 4.01 6.24
N ILE A 87 0.78 2.88 6.71
CA ILE A 87 -0.02 2.00 7.54
C ILE A 87 0.47 2.01 8.97
N PRO A 88 -0.29 2.65 9.87
CA PRO A 88 -0.01 2.62 11.30
C PRO A 88 0.00 1.19 11.85
N ALA A 89 0.64 1.01 13.00
CA ALA A 89 0.84 -0.30 13.61
C ALA A 89 -0.44 -1.15 13.69
N PRO A 90 -1.57 -0.61 14.24
CA PRO A 90 -2.79 -1.41 14.44
C PRO A 90 -3.26 -2.19 13.21
N TYR A 91 -3.00 -1.65 12.02
CA TYR A 91 -3.45 -2.30 10.79
C TYR A 91 -2.32 -3.03 10.09
N ALA A 92 -1.22 -3.25 10.80
CA ALA A 92 -0.14 -4.06 10.29
C ALA A 92 0.27 -5.11 11.34
N TYR A 93 1.42 -4.93 11.97
CA TYR A 93 1.91 -5.89 12.97
C TYR A 93 1.39 -5.57 14.37
N GLY A 94 0.85 -4.37 14.54
CA GLY A 94 0.30 -3.98 15.82
C GLY A 94 1.38 -3.77 16.87
N LYS A 95 1.25 -4.50 17.98
CA LYS A 95 2.18 -4.38 19.09
C LYS A 95 3.26 -5.46 19.03
N GLN A 96 3.24 -6.26 17.98
CA GLN A 96 4.20 -7.33 17.83
C GLN A 96 5.57 -6.77 17.42
N ALA A 97 6.45 -6.63 18.40
CA ALA A 97 7.81 -6.21 18.15
C ALA A 97 8.59 -7.33 17.49
N LEU A 98 8.58 -7.32 16.16
CA LEU A 98 9.31 -8.31 15.38
C LEU A 98 10.79 -7.98 15.42
N PRO A 99 11.66 -8.96 15.14
CA PRO A 99 13.09 -8.70 15.03
C PRO A 99 13.37 -7.66 13.94
N GLY A 100 13.87 -6.51 14.35
CA GLY A 100 14.13 -5.43 13.41
C GLY A 100 12.97 -4.46 13.30
N ILE A 101 11.75 -4.94 13.55
CA ILE A 101 10.56 -4.11 13.42
C ILE A 101 9.76 -4.12 14.72
N PRO A 102 10.05 -3.20 15.64
CA PRO A 102 9.38 -3.12 16.95
C PRO A 102 7.95 -2.61 16.85
N ALA A 103 7.22 -2.74 17.96
CA ALA A 103 5.83 -2.27 18.05
C ALA A 103 5.73 -0.80 17.65
N ASN A 104 4.54 -0.40 17.21
CA ASN A 104 4.31 0.93 16.62
C ASN A 104 4.95 1.00 15.26
N SER A 105 4.98 -0.14 14.58
CA SER A 105 5.55 -0.25 13.26
C SER A 105 4.69 0.46 12.23
N GLU A 106 4.95 1.75 12.05
CA GLU A 106 4.29 2.52 11.01
C GLU A 106 4.98 2.26 9.69
N LEU A 107 4.40 1.37 8.90
CA LEU A 107 4.99 0.97 7.63
C LEU A 107 4.60 1.94 6.54
N THR A 108 5.49 2.15 5.58
CA THR A 108 5.18 2.97 4.43
C THR A 108 5.41 2.19 3.16
N PHE A 109 4.38 2.07 2.34
CA PHE A 109 4.46 1.32 1.11
C PHE A 109 4.24 2.22 -0.08
N ASP A 110 5.28 2.46 -0.86
CA ASP A 110 5.13 3.17 -2.11
C ASP A 110 4.72 2.17 -3.17
N VAL A 111 3.43 2.20 -3.54
CA VAL A 111 2.88 1.16 -4.39
C VAL A 111 2.28 1.74 -5.67
N LYS A 112 2.32 0.95 -6.73
CA LYS A 112 1.64 1.29 -7.97
C LYS A 112 1.04 0.05 -8.59
N LEU A 113 -0.16 0.20 -9.13
CA LEU A 113 -0.85 -0.90 -9.77
C LEU A 113 -0.51 -0.89 -11.25
N VAL A 114 -0.05 -2.02 -11.75
CA VAL A 114 0.46 -2.07 -13.12
C VAL A 114 -0.25 -3.14 -13.96
N SER A 115 -1.03 -4.00 -13.30
CA SER A 115 -1.75 -5.06 -13.99
C SER A 115 -2.94 -5.55 -13.17
N MET A 116 -3.89 -6.20 -13.84
CA MET A 116 -5.04 -6.81 -13.20
C MET A 116 -5.64 -7.86 -14.13
N LYS A 117 -6.26 -8.89 -13.54
CA LYS A 117 -6.97 -9.96 -14.26
C LYS A 117 -6.15 -10.51 -15.44
N GLY A 1 -8.19 28.61 -8.50
CA GLY A 1 -9.28 28.24 -9.43
C GLY A 1 -10.03 27.03 -8.94
N ALA A 2 -9.55 25.86 -9.29
CA ALA A 2 -10.11 24.61 -8.80
C ALA A 2 -9.30 24.10 -7.62
N MET A 3 -9.62 22.92 -7.12
CA MET A 3 -8.83 22.32 -6.04
C MET A 3 -7.50 21.85 -6.59
N ALA A 4 -7.56 20.86 -7.49
CA ALA A 4 -6.39 20.32 -8.19
C ALA A 4 -5.42 19.61 -7.25
N LYS A 5 -4.68 18.66 -7.82
CA LYS A 5 -3.64 17.92 -7.08
C LYS A 5 -4.22 17.03 -5.99
N PRO A 6 -3.85 15.74 -6.01
CA PRO A 6 -4.27 14.80 -4.97
C PRO A 6 -3.65 15.14 -3.62
N LYS A 7 -4.43 14.95 -2.56
CA LYS A 7 -3.95 15.23 -1.22
C LYS A 7 -3.84 13.93 -0.43
N THR A 8 -3.50 14.05 0.83
CA THR A 8 -3.39 12.88 1.68
C THR A 8 -4.72 12.59 2.35
N LYS A 9 -5.17 11.36 2.20
CA LYS A 9 -6.45 10.95 2.74
C LYS A 9 -6.23 10.02 3.92
N LEU A 10 -6.90 10.32 5.02
CA LEU A 10 -6.79 9.52 6.22
C LEU A 10 -7.92 8.50 6.27
N LEU A 11 -7.54 7.24 6.41
CA LEU A 11 -8.50 6.16 6.49
C LEU A 11 -8.64 5.72 7.93
N GLU A 12 -9.47 4.70 8.16
CA GLU A 12 -9.68 4.20 9.51
C GLU A 12 -8.38 3.57 10.03
N GLY A 13 -8.21 3.58 11.34
CA GLY A 13 -6.97 3.12 11.93
C GLY A 13 -5.81 4.09 11.72
N GLY A 14 -6.06 5.15 10.96
CA GLY A 14 -5.03 6.13 10.71
C GLY A 14 -4.21 5.83 9.47
N ILE A 15 -4.74 5.04 8.55
CA ILE A 15 -4.04 4.74 7.30
C ILE A 15 -3.99 5.98 6.41
N ILE A 16 -2.83 6.26 5.86
CA ILE A 16 -2.67 7.45 5.02
C ILE A 16 -2.39 7.04 3.56
N ILE A 17 -2.99 7.75 2.62
CA ILE A 17 -2.74 7.48 1.21
C ILE A 17 -2.46 8.78 0.45
N GLU A 18 -1.36 8.78 -0.30
CA GLU A 18 -0.95 9.91 -1.11
C GLU A 18 -0.77 9.48 -2.56
N ASP A 19 -1.54 10.07 -3.46
CA ASP A 19 -1.52 9.67 -4.86
C ASP A 19 -0.33 10.31 -5.57
N ARG A 20 0.76 9.56 -5.66
CA ARG A 20 2.01 10.05 -6.22
C ARG A 20 1.86 10.29 -7.73
N VAL A 21 1.26 9.32 -8.39
CA VAL A 21 0.88 9.44 -9.78
C VAL A 21 -0.61 9.19 -9.91
N THR A 22 -1.32 10.15 -10.48
CA THR A 22 -2.78 10.07 -10.54
C THR A 22 -3.23 8.85 -11.32
N GLY A 23 -3.80 7.89 -10.60
CA GLY A 23 -4.23 6.65 -11.22
C GLY A 23 -5.71 6.63 -11.51
N LYS A 24 -6.05 6.66 -12.79
CA LYS A 24 -7.44 6.52 -13.22
C LYS A 24 -7.52 5.38 -14.23
N GLY A 25 -8.14 4.28 -13.82
CA GLY A 25 -8.18 3.08 -14.63
C GLY A 25 -9.08 2.04 -14.01
N PRO A 26 -8.83 0.74 -14.27
CA PRO A 26 -9.56 -0.35 -13.62
C PRO A 26 -9.41 -0.29 -12.10
N HIS A 27 -10.52 -0.42 -11.39
CA HIS A 27 -10.54 -0.25 -9.95
C HIS A 27 -10.43 -1.59 -9.23
N ALA A 28 -9.49 -1.68 -8.30
CA ALA A 28 -9.29 -2.90 -7.53
C ALA A 28 -10.39 -3.09 -6.49
N LYS A 29 -11.15 -4.16 -6.63
CA LYS A 29 -12.24 -4.45 -5.72
C LYS A 29 -12.01 -5.78 -5.00
N LYS A 30 -12.94 -6.17 -4.14
CA LYS A 30 -12.83 -7.42 -3.42
C LYS A 30 -13.08 -8.59 -4.36
N GLY A 31 -12.14 -9.53 -4.38
CA GLY A 31 -12.25 -10.66 -5.29
C GLY A 31 -11.47 -10.43 -6.58
N THR A 32 -10.86 -9.27 -6.68
CA THR A 32 -10.04 -8.92 -7.84
C THR A 32 -8.59 -9.33 -7.61
N ARG A 33 -7.90 -9.76 -8.67
CA ARG A 33 -6.50 -10.14 -8.55
C ARG A 33 -5.63 -9.10 -9.22
N VAL A 34 -4.95 -8.30 -8.41
CA VAL A 34 -4.18 -7.19 -8.94
C VAL A 34 -2.68 -7.48 -8.91
N GLY A 35 -1.95 -6.82 -9.80
CA GLY A 35 -0.52 -6.96 -9.84
C GLY A 35 0.16 -5.62 -9.70
N MET A 36 1.09 -5.51 -8.76
CA MET A 36 1.70 -4.24 -8.45
C MET A 36 3.22 -4.32 -8.32
N ARG A 37 3.81 -3.15 -8.09
CA ARG A 37 5.22 -3.02 -7.79
C ARG A 37 5.34 -2.03 -6.65
N TYR A 38 6.31 -2.22 -5.76
CA TYR A 38 6.31 -1.46 -4.51
C TYR A 38 7.69 -1.39 -3.86
N VAL A 39 7.87 -0.35 -3.05
CA VAL A 39 9.03 -0.23 -2.18
C VAL A 39 8.56 -0.08 -0.72
N GLY A 40 8.85 -1.08 0.10
CA GLY A 40 8.38 -1.08 1.47
C GLY A 40 9.42 -0.58 2.43
N LYS A 41 9.14 0.55 3.08
CA LYS A 41 10.07 1.15 4.03
C LYS A 41 9.45 1.22 5.41
N LEU A 42 10.30 1.41 6.40
CA LEU A 42 9.86 1.62 7.77
C LEU A 42 9.67 3.11 8.02
N LYS A 43 9.00 3.45 9.11
CA LYS A 43 8.81 4.85 9.49
C LYS A 43 10.16 5.52 9.72
N ASN A 44 11.17 4.70 9.99
CA ASN A 44 12.53 5.19 10.23
C ASN A 44 13.15 5.72 8.94
N GLY A 45 12.56 5.37 7.81
CA GLY A 45 13.09 5.83 6.53
C GLY A 45 13.92 4.76 5.86
N LYS A 46 14.13 3.66 6.55
CA LYS A 46 14.91 2.56 6.02
C LYS A 46 14.00 1.56 5.32
N VAL A 47 14.37 1.14 4.12
CA VAL A 47 13.60 0.17 3.36
C VAL A 47 13.83 -1.24 3.91
N PHE A 48 12.78 -2.05 3.98
CA PHE A 48 12.93 -3.42 4.45
C PHE A 48 12.89 -4.40 3.28
N ASP A 49 12.10 -4.09 2.25
CA ASP A 49 12.08 -4.91 1.04
C ASP A 49 11.47 -4.13 -0.11
N LYS A 50 11.69 -4.59 -1.34
CA LYS A 50 11.18 -3.92 -2.52
C LYS A 50 11.13 -4.88 -3.69
N ASN A 51 9.98 -4.92 -4.36
CA ASN A 51 9.84 -5.68 -5.59
C ASN A 51 9.42 -4.72 -6.69
N THR A 52 10.28 -4.58 -7.69
CA THR A 52 10.05 -3.60 -8.74
C THR A 52 10.65 -4.05 -10.07
N LYS A 53 11.97 -4.08 -10.15
CA LYS A 53 12.64 -4.38 -11.41
C LYS A 53 12.44 -5.83 -11.84
N GLY A 54 11.48 -6.02 -12.72
CA GLY A 54 11.24 -7.33 -13.30
C GLY A 54 10.31 -8.19 -12.48
N LYS A 55 10.11 -7.83 -11.21
CA LYS A 55 9.30 -8.66 -10.30
C LYS A 55 7.92 -8.04 -10.08
N PRO A 56 6.90 -8.54 -10.78
CA PRO A 56 5.51 -8.16 -10.53
C PRO A 56 4.85 -9.01 -9.45
N PHE A 57 4.27 -8.37 -8.45
CA PHE A 57 3.60 -9.10 -7.38
C PHE A 57 2.10 -9.07 -7.58
N VAL A 58 1.50 -10.25 -7.70
CA VAL A 58 0.07 -10.37 -7.94
C VAL A 58 -0.62 -10.98 -6.73
N PHE A 59 -1.58 -10.26 -6.18
CA PHE A 59 -2.32 -10.74 -5.02
C PHE A 59 -3.80 -10.37 -5.17
N LYS A 60 -4.66 -11.07 -4.45
CA LYS A 60 -6.09 -10.80 -4.51
C LYS A 60 -6.54 -9.98 -3.31
N LEU A 61 -7.43 -9.04 -3.55
CA LEU A 61 -8.05 -8.28 -2.49
C LEU A 61 -9.10 -9.12 -1.79
N GLY A 62 -8.96 -9.29 -0.48
CA GLY A 62 -9.88 -10.11 0.26
C GLY A 62 -9.22 -11.37 0.78
N GLN A 63 -7.89 -11.41 0.70
CA GLN A 63 -7.15 -12.55 1.23
C GLN A 63 -6.62 -12.23 2.62
N GLY A 64 -6.46 -13.25 3.45
CA GLY A 64 -5.98 -13.05 4.81
C GLY A 64 -4.47 -13.10 4.89
N GLU A 65 -3.83 -13.00 3.73
CA GLU A 65 -2.37 -13.01 3.65
C GLU A 65 -1.84 -11.59 3.81
N VAL A 66 -2.72 -10.61 3.68
CA VAL A 66 -2.34 -9.21 3.76
C VAL A 66 -2.82 -8.61 5.07
N ILE A 67 -2.27 -7.45 5.41
CA ILE A 67 -2.70 -6.73 6.60
C ILE A 67 -3.85 -5.80 6.25
N LYS A 68 -4.56 -5.31 7.27
CA LYS A 68 -5.76 -4.50 7.07
C LYS A 68 -5.48 -3.29 6.18
N GLY A 69 -4.31 -2.70 6.35
CA GLY A 69 -3.92 -1.56 5.53
C GLY A 69 -3.98 -1.86 4.04
N TRP A 70 -3.72 -3.12 3.67
CA TRP A 70 -3.69 -3.50 2.26
C TRP A 70 -5.08 -3.65 1.66
N ASP A 71 -5.89 -4.58 2.18
CA ASP A 71 -7.20 -4.85 1.60
C ASP A 71 -8.12 -3.64 1.70
N ILE A 72 -7.80 -2.73 2.62
CA ILE A 72 -8.54 -1.48 2.73
C ILE A 72 -7.94 -0.39 1.85
N GLY A 73 -6.65 -0.11 2.03
CA GLY A 73 -5.99 0.95 1.28
C GLY A 73 -5.90 0.68 -0.22
N VAL A 74 -5.64 -0.56 -0.59
CA VAL A 74 -5.50 -0.92 -2.01
C VAL A 74 -6.86 -0.97 -2.70
N ALA A 75 -7.92 -1.12 -1.91
CA ALA A 75 -9.28 -1.19 -2.45
C ALA A 75 -9.67 0.12 -3.10
N GLY A 76 -9.68 0.13 -4.43
CA GLY A 76 -10.04 1.33 -5.16
C GLY A 76 -8.88 1.91 -5.94
N MET A 77 -7.71 1.27 -5.88
CA MET A 77 -6.58 1.70 -6.68
C MET A 77 -6.76 1.27 -8.13
N ALA A 78 -6.09 1.96 -9.04
CA ALA A 78 -6.28 1.71 -10.46
C ALA A 78 -4.96 1.35 -11.14
N VAL A 79 -5.05 0.46 -12.12
CA VAL A 79 -3.88 0.08 -12.93
C VAL A 79 -3.28 1.31 -13.61
N GLY A 80 -2.01 1.54 -13.35
CA GLY A 80 -1.34 2.71 -13.89
C GLY A 80 -1.16 3.77 -12.83
N GLY A 81 -1.89 3.64 -11.73
CA GLY A 81 -1.78 4.59 -10.65
C GLY A 81 -0.69 4.24 -9.67
N GLU A 82 -0.17 5.25 -9.00
CA GLU A 82 0.92 5.09 -8.05
C GLU A 82 0.64 5.92 -6.82
N ARG A 83 0.58 5.28 -5.67
CA ARG A 83 0.12 5.95 -4.46
C ARG A 83 0.82 5.38 -3.23
N ARG A 84 1.29 6.27 -2.37
CA ARG A 84 1.99 5.88 -1.16
C ARG A 84 1.00 5.61 -0.03
N ILE A 85 1.07 4.40 0.52
CA ILE A 85 0.18 3.99 1.60
C ILE A 85 0.95 3.87 2.91
N VAL A 86 0.54 4.63 3.91
CA VAL A 86 1.17 4.58 5.22
C VAL A 86 0.26 3.80 6.18
N ILE A 87 0.77 2.71 6.71
CA ILE A 87 -0.03 1.82 7.53
C ILE A 87 0.51 1.74 8.96
N PRO A 88 -0.12 2.46 9.90
CA PRO A 88 0.18 2.35 11.33
C PRO A 88 0.01 0.92 11.85
N ALA A 89 0.68 0.65 12.98
CA ALA A 89 0.75 -0.70 13.56
C ALA A 89 -0.61 -1.40 13.72
N PRO A 90 -1.66 -0.73 14.28
CA PRO A 90 -2.97 -1.38 14.51
C PRO A 90 -3.51 -2.13 13.29
N TYR A 91 -3.28 -1.60 12.11
CA TYR A 91 -3.81 -2.21 10.89
C TYR A 91 -2.74 -3.00 10.14
N ALA A 92 -1.62 -3.24 10.82
CA ALA A 92 -0.56 -4.06 10.26
C ALA A 92 -0.31 -5.28 11.15
N TYR A 93 0.86 -5.33 11.79
CA TYR A 93 1.20 -6.45 12.68
C TYR A 93 0.81 -6.17 14.13
N GLY A 94 0.26 -4.99 14.38
CA GLY A 94 -0.23 -4.66 15.70
C GLY A 94 0.85 -4.57 16.75
N LYS A 95 0.82 -5.47 17.73
CA LYS A 95 1.73 -5.41 18.85
C LYS A 95 2.70 -6.59 18.85
N GLN A 96 2.87 -7.20 17.69
CA GLN A 96 3.83 -8.29 17.54
C GLN A 96 5.18 -7.74 17.13
N ALA A 97 6.16 -7.87 18.02
CA ALA A 97 7.51 -7.40 17.73
C ALA A 97 8.30 -8.45 16.95
N LEU A 98 8.31 -8.26 15.64
CA LEU A 98 9.04 -9.15 14.75
C LEU A 98 10.51 -8.78 14.75
N PRO A 99 11.39 -9.64 14.21
CA PRO A 99 12.79 -9.28 14.03
C PRO A 99 12.94 -8.13 13.03
N GLY A 100 13.38 -6.99 13.52
CA GLY A 100 13.54 -5.82 12.67
C GLY A 100 12.30 -4.96 12.62
N ILE A 101 11.14 -5.56 12.91
CA ILE A 101 9.87 -4.84 12.88
C ILE A 101 9.14 -4.99 14.21
N PRO A 102 9.50 -4.18 15.20
CA PRO A 102 8.91 -4.24 16.55
C PRO A 102 7.48 -3.73 16.60
N ALA A 103 6.80 -4.02 17.71
CA ALA A 103 5.43 -3.57 17.94
C ALA A 103 5.30 -2.06 17.79
N ASN A 104 4.13 -1.62 17.31
CA ASN A 104 3.85 -0.20 17.11
C ASN A 104 4.74 0.38 16.02
N SER A 105 5.12 -0.46 15.04
CA SER A 105 5.89 0.00 13.91
C SER A 105 4.95 0.54 12.83
N GLU A 106 5.30 1.68 12.28
CA GLU A 106 4.51 2.30 11.24
C GLU A 106 5.14 2.00 9.88
N LEU A 107 4.52 1.09 9.14
CA LEU A 107 5.05 0.67 7.84
C LEU A 107 4.60 1.63 6.74
N THR A 108 5.49 1.90 5.79
CA THR A 108 5.16 2.75 4.67
C THR A 108 5.37 2.00 3.36
N PHE A 109 4.33 1.90 2.55
CA PHE A 109 4.40 1.17 1.30
C PHE A 109 4.16 2.11 0.14
N ASP A 110 5.20 2.37 -0.62
CA ASP A 110 5.07 3.16 -1.84
C ASP A 110 4.77 2.20 -2.99
N VAL A 111 3.51 2.18 -3.43
CA VAL A 111 3.05 1.14 -4.35
C VAL A 111 2.43 1.73 -5.62
N LYS A 112 2.53 0.99 -6.71
CA LYS A 112 1.85 1.35 -7.94
C LYS A 112 1.27 0.10 -8.60
N LEU A 113 0.09 0.23 -9.18
CA LEU A 113 -0.59 -0.90 -9.77
C LEU A 113 -0.25 -1.00 -11.25
N VAL A 114 0.04 -2.21 -11.72
CA VAL A 114 0.46 -2.40 -13.12
C VAL A 114 -0.37 -3.46 -13.83
N SER A 115 -1.23 -4.14 -13.10
CA SER A 115 -2.04 -5.21 -13.67
C SER A 115 -3.25 -5.51 -12.81
N MET A 116 -4.26 -6.15 -13.40
CA MET A 116 -5.48 -6.51 -12.70
C MET A 116 -6.27 -7.53 -13.52
N LYS A 117 -6.75 -8.57 -12.86
CA LYS A 117 -7.59 -9.57 -13.49
C LYS A 117 -8.84 -9.80 -12.63
#